data_8X5I
#
_entry.id   8X5I
#
_cell.length_a   1.00
_cell.length_b   1.00
_cell.length_c   1.00
_cell.angle_alpha   90.00
_cell.angle_beta   90.00
_cell.angle_gamma   90.00
#
_symmetry.space_group_name_H-M   'P 1'
#
loop_
_entity.id
_entity.type
_entity.pdbx_description
1 polymer 'Endonuclease GajA'
2 non-polymer "ADENOSINE-5'-TRIPHOSPHATE"
3 non-polymer 'MAGNESIUM ION'
#
_entity_poly.entity_id   1
_entity_poly.type   'polypeptide(L)'
_entity_poly.pdbx_seq_one_letter_code
;MKFSNITIKNFRNFEKVNINLDNKNVIFGMNDIGKTNFLYALRFLLDKEIRKFGFNKSDYHKHDTSKKIEIILTLDLSNY
EKDEDTKKLISVVKGARTSANADVFYIALESKYDDKELYGNIILKWGSELDNLIDIPGRGNINALDNVFKVIYINPLVDL
DKLFAQNKKYIFEESQGNESDEGILNNIKSLTDQVNQQIGEMTIIKGFQQEITSEYRSLKKEEVSIELKSEMAIKGFFSD
IIPYIKKDGDSNYYPTSGDGRRKMLSYSIYNYLAKKKYEDKIVIYLIEEPEISLHRSMQIALSKQLFEQSTYKYFFLSTH
SPELLYEMDNTRLIRVHSTEKVVCSSHMYNVEEAYGSVKKKLNKALSSALFAERVLLIEGPSEKILFEKVLDEVEPEYEL
NGGFLLEVGGTYFNHYVCTLNDLGITHIIKTDNDLKSKKGKKGVYELLGLNRCLNLLGRENLDEITIDIPEDIKGKKKKE
RLNERKKEIFKQYKNEVGEFLGERIYLSEIDLENDLYSAIGESMKRIFENEDPVHYLQKSKLFNMVELVNNLSTKDCFDV
FEHEKFACLKELVGSDRG
;
_entity_poly.pdbx_strand_id   A,B,C,D
#
loop_
_chem_comp.id
_chem_comp.type
_chem_comp.name
_chem_comp.formula
ATP non-polymer ADENOSINE-5'-TRIPHOSPHATE 'C10 H16 N5 O13 P3'
MG non-polymer 'MAGNESIUM ION' 'Mg 2'
#
# COMPACT_ATOMS: atom_id res chain seq x y z
N MET A 1 21.19 -11.63 -34.25
CA MET A 1 21.59 -12.91 -33.66
C MET A 1 22.32 -12.71 -32.35
N LYS A 2 23.30 -11.81 -32.36
CA LYS A 2 24.23 -11.66 -31.25
C LYS A 2 24.29 -10.19 -30.83
N PHE A 3 24.39 -9.95 -29.53
CA PHE A 3 24.65 -8.60 -29.05
C PHE A 3 26.14 -8.31 -29.12
N SER A 4 26.48 -7.03 -29.23
CA SER A 4 27.91 -6.72 -29.35
C SER A 4 28.39 -5.70 -28.32
N ASN A 5 27.60 -4.67 -28.02
CA ASN A 5 28.08 -3.54 -27.26
C ASN A 5 26.87 -2.81 -26.69
N ILE A 6 27.03 -2.19 -25.52
CA ILE A 6 26.09 -1.20 -25.03
C ILE A 6 26.88 0.04 -24.63
N THR A 7 26.47 1.19 -25.14
CA THR A 7 27.12 2.47 -24.87
C THR A 7 26.15 3.32 -24.08
N ILE A 8 26.23 3.21 -22.75
CA ILE A 8 25.46 4.09 -21.88
C ILE A 8 26.22 5.41 -21.80
N LYS A 9 25.78 6.40 -22.57
CA LYS A 9 26.44 7.70 -22.56
C LYS A 9 26.09 8.47 -21.30
N ASN A 10 24.83 8.46 -20.89
CA ASN A 10 24.44 9.08 -19.64
C ASN A 10 23.22 8.38 -19.06
N PHE A 11 23.26 8.12 -17.76
CA PHE A 11 22.21 7.55 -16.94
C PHE A 11 22.55 7.99 -15.52
N ARG A 12 22.04 7.29 -14.52
CA ARG A 12 22.13 7.65 -13.10
C ARG A 12 23.56 7.67 -12.55
N ASN A 13 24.19 6.51 -12.40
CA ASN A 13 25.54 6.46 -11.86
C ASN A 13 26.58 6.11 -12.91
N PHE A 14 26.27 6.38 -14.17
CA PHE A 14 27.17 6.10 -15.28
C PHE A 14 27.43 7.41 -16.03
N GLU A 15 28.70 7.81 -16.10
CA GLU A 15 29.08 9.08 -16.72
C GLU A 15 29.49 8.93 -18.17
N LYS A 16 30.23 7.87 -18.50
CA LYS A 16 30.51 7.43 -19.87
C LYS A 16 30.88 5.96 -19.78
N VAL A 17 30.00 5.07 -20.23
CA VAL A 17 30.18 3.63 -20.06
C VAL A 17 30.03 2.94 -21.41
N ASN A 18 31.03 2.13 -21.79
CA ASN A 18 30.99 1.34 -23.01
C ASN A 18 31.37 -0.09 -22.66
N ILE A 19 30.43 -1.03 -22.83
CA ILE A 19 30.61 -2.42 -22.41
C ILE A 19 30.41 -3.32 -23.62
N ASN A 20 31.43 -4.13 -23.95
CA ASN A 20 31.24 -5.20 -24.91
C ASN A 20 30.40 -6.31 -24.30
N LEU A 21 29.41 -6.78 -25.05
CA LEU A 21 28.49 -7.81 -24.57
C LEU A 21 28.57 -9.04 -25.45
N ASP A 22 27.67 -9.97 -25.17
CA ASP A 22 27.47 -11.20 -25.92
C ASP A 22 26.03 -11.63 -25.65
N ASN A 23 25.68 -12.83 -26.11
CA ASN A 23 24.59 -13.55 -25.49
C ASN A 23 25.13 -14.16 -24.20
N LYS A 24 24.22 -14.40 -23.23
CA LYS A 24 24.48 -14.92 -21.87
C LYS A 24 25.36 -14.12 -20.92
N ASN A 25 25.03 -12.82 -20.80
CA ASN A 25 25.77 -11.90 -19.94
C ASN A 25 25.50 -12.00 -18.44
N VAL A 26 26.58 -11.96 -17.64
CA VAL A 26 26.51 -12.04 -16.18
C VAL A 26 27.24 -10.82 -15.60
N ILE A 27 26.54 -9.99 -14.82
CA ILE A 27 27.10 -8.79 -14.22
C ILE A 27 27.17 -8.94 -12.70
N PHE A 28 28.34 -8.68 -12.12
CA PHE A 28 28.55 -8.73 -10.69
C PHE A 28 29.34 -7.51 -10.24
N GLY A 29 29.45 -7.36 -8.92
CA GLY A 29 30.11 -6.22 -8.33
C GLY A 29 29.76 -6.10 -6.87
N MET A 30 30.07 -4.94 -6.30
CA MET A 30 29.88 -4.68 -4.87
C MET A 30 28.47 -4.18 -4.60
N ASN A 31 28.24 -3.65 -3.39
CA ASN A 31 26.96 -3.07 -3.00
C ASN A 31 26.97 -1.57 -3.27
N ASP A 32 25.89 -1.08 -3.90
CA ASP A 32 25.70 0.26 -4.46
C ASP A 32 26.67 0.79 -5.52
N ILE A 33 26.92 -0.08 -6.51
CA ILE A 33 27.83 0.27 -7.63
C ILE A 33 27.01 0.19 -8.93
N GLY A 34 25.70 0.38 -8.84
CA GLY A 34 24.79 0.35 -10.02
C GLY A 34 24.66 -0.94 -10.80
N LYS A 35 24.75 -2.10 -10.17
CA LYS A 35 24.48 -3.34 -10.96
C LYS A 35 23.01 -3.30 -11.43
N THR A 36 22.08 -2.91 -10.57
CA THR A 36 20.65 -2.77 -10.96
C THR A 36 20.48 -1.68 -11.99
N ASN A 37 21.18 -0.56 -11.83
CA ASN A 37 20.99 0.58 -12.76
C ASN A 37 21.35 0.14 -14.18
N PHE A 38 22.22 -0.86 -14.32
CA PHE A 38 22.52 -1.38 -15.65
C PHE A 38 21.34 -2.15 -16.21
N LEU A 39 20.62 -2.90 -15.36
CA LEU A 39 19.47 -3.66 -15.83
C LEU A 39 18.25 -2.77 -16.06
N TYR A 40 18.18 -1.60 -15.42
CA TYR A 40 17.15 -0.64 -15.77
C TYR A 40 17.46 0.11 -17.05
N ALA A 41 18.72 0.13 -17.49
CA ALA A 41 19.04 0.73 -18.78
C ALA A 41 18.62 -0.17 -19.93
N LEU A 42 18.52 -1.48 -19.69
CA LEU A 42 17.94 -2.37 -20.68
C LEU A 42 16.42 -2.36 -20.62
N ARG A 43 15.85 -2.08 -19.45
CA ARG A 43 14.40 -1.99 -19.32
C ARG A 43 13.86 -0.69 -19.90
N PHE A 44 14.62 0.39 -19.80
CA PHE A 44 14.18 1.66 -20.38
C PHE A 44 14.35 1.65 -21.89
N LEU A 45 15.25 0.84 -22.42
CA LEU A 45 15.45 0.77 -23.86
C LEU A 45 14.47 -0.18 -24.52
N LEU A 46 14.30 -1.37 -23.96
CA LEU A 46 13.58 -2.44 -24.64
C LEU A 46 12.18 -2.68 -24.11
N ASP A 47 11.96 -2.64 -22.79
CA ASP A 47 10.64 -2.88 -22.23
C ASP A 47 9.79 -1.63 -22.33
N LYS A 48 8.50 -1.81 -22.65
CA LYS A 48 7.60 -0.70 -22.87
C LYS A 48 6.90 -0.23 -21.61
N GLU A 49 6.73 -1.10 -20.62
CA GLU A 49 6.06 -0.75 -19.38
C GLU A 49 6.91 0.11 -18.46
N ILE A 50 8.22 0.10 -18.63
CA ILE A 50 9.11 1.03 -17.96
C ILE A 50 9.24 2.32 -18.76
N ARG A 51 9.24 2.19 -20.09
CA ARG A 51 9.41 3.33 -21.00
C ARG A 51 8.18 4.23 -21.08
N LYS A 52 7.01 3.75 -20.67
CA LYS A 52 5.80 4.56 -20.75
C LYS A 52 5.70 5.65 -19.69
N PHE A 53 6.58 5.67 -18.68
CA PHE A 53 6.53 6.65 -17.61
C PHE A 53 7.54 7.78 -17.75
N GLY A 54 8.51 7.67 -18.65
CA GLY A 54 9.46 8.75 -18.86
C GLY A 54 10.57 8.77 -17.81
N PHE A 55 11.34 9.85 -17.86
CA PHE A 55 12.49 10.03 -16.98
C PHE A 55 12.25 11.17 -16.00
N ASN A 56 12.67 10.96 -14.75
CA ASN A 56 12.51 11.95 -13.70
C ASN A 56 13.75 12.82 -13.61
N LYS A 57 13.85 13.61 -12.54
CA LYS A 57 15.08 14.35 -12.25
C LYS A 57 16.18 13.41 -11.77
N SER A 58 15.81 12.37 -11.02
CA SER A 58 16.75 11.48 -10.36
C SER A 58 17.43 10.49 -11.30
N ASP A 59 16.98 10.37 -12.54
CA ASP A 59 17.58 9.47 -13.51
C ASP A 59 18.76 10.09 -14.24
N TYR A 60 19.11 11.33 -13.95
CA TYR A 60 20.25 12.01 -14.54
C TYR A 60 21.45 11.90 -13.62
N HIS A 61 22.64 12.09 -14.19
CA HIS A 61 23.88 11.94 -13.44
C HIS A 61 24.10 13.17 -12.58
N LYS A 62 24.17 12.96 -11.25
CA LYS A 62 24.38 13.96 -10.19
C LYS A 62 23.32 15.06 -10.19
N HIS A 63 22.08 14.68 -10.55
CA HIS A 63 20.87 15.53 -10.63
C HIS A 63 21.07 16.75 -11.52
N ASP A 64 21.71 16.54 -12.68
CA ASP A 64 22.15 17.67 -13.49
C ASP A 64 21.02 18.24 -14.33
N THR A 65 20.36 17.38 -15.14
CA THR A 65 19.23 17.68 -16.05
C THR A 65 19.53 18.76 -17.07
N SER A 66 20.79 18.84 -17.51
CA SER A 66 21.19 19.68 -18.62
C SER A 66 21.94 18.90 -19.69
N LYS A 67 22.31 17.66 -19.39
CA LYS A 67 22.90 16.75 -20.36
C LYS A 67 21.82 15.81 -20.90
N LYS A 68 22.19 15.07 -21.93
CA LYS A 68 21.26 14.21 -22.64
C LYS A 68 21.52 12.76 -22.25
N ILE A 69 20.47 12.06 -21.83
CA ILE A 69 20.56 10.62 -21.60
C ILE A 69 20.57 9.93 -22.96
N GLU A 70 21.58 9.10 -23.20
CA GLU A 70 21.68 8.39 -24.48
C GLU A 70 22.17 6.97 -24.21
N ILE A 71 21.39 5.99 -24.68
CA ILE A 71 21.73 4.56 -24.54
C ILE A 71 21.67 3.93 -25.91
N ILE A 72 22.81 3.41 -26.39
CA ILE A 72 22.94 2.83 -27.72
C ILE A 72 23.34 1.36 -27.60
N LEU A 73 22.57 0.48 -28.24
CA LEU A 73 22.82 -0.96 -28.25
C LEU A 73 23.15 -1.43 -29.66
N THR A 74 24.18 -2.27 -29.79
CA THR A 74 24.69 -2.75 -31.06
C THR A 74 24.39 -4.24 -31.23
N LEU A 75 23.84 -4.60 -32.38
CA LEU A 75 23.53 -5.98 -32.74
C LEU A 75 24.41 -6.43 -33.90
N ASP A 76 24.75 -7.72 -33.89
CA ASP A 76 25.79 -8.24 -34.78
C ASP A 76 25.26 -8.52 -36.18
N LEU A 77 24.31 -9.46 -36.31
CA LEU A 77 23.53 -9.79 -37.54
C LEU A 77 24.39 -10.24 -38.71
N SER A 78 25.47 -10.97 -38.44
CA SER A 78 26.47 -11.28 -39.46
C SER A 78 26.03 -12.38 -40.40
N ASN A 79 25.17 -13.29 -39.97
CA ASN A 79 24.79 -14.43 -40.78
C ASN A 79 23.36 -14.29 -41.30
N TYR A 80 23.06 -15.10 -42.32
CA TYR A 80 21.71 -15.18 -42.86
C TYR A 80 21.46 -16.62 -43.30
N GLU A 81 20.17 -16.96 -43.40
CA GLU A 81 19.59 -18.24 -43.83
C GLU A 81 19.98 -19.42 -42.93
N LYS A 82 20.34 -19.15 -41.67
CA LYS A 82 20.55 -20.19 -40.66
C LYS A 82 19.81 -19.76 -39.41
N ASP A 83 19.78 -18.45 -39.16
CA ASP A 83 19.26 -17.88 -37.92
C ASP A 83 17.87 -17.31 -38.16
N GLU A 84 16.93 -17.64 -37.28
CA GLU A 84 15.54 -17.21 -37.46
C GLU A 84 15.27 -15.85 -36.81
N ASP A 85 16.06 -15.48 -35.80
CA ASP A 85 15.86 -14.21 -35.12
C ASP A 85 16.34 -13.02 -35.94
N THR A 86 17.30 -13.27 -36.84
CA THR A 86 17.76 -12.25 -37.78
C THR A 86 16.68 -11.87 -38.77
N LYS A 87 15.91 -12.86 -39.26
CA LYS A 87 14.75 -12.60 -40.11
C LYS A 87 13.63 -11.92 -39.35
N LYS A 88 13.50 -12.20 -38.04
CA LYS A 88 12.56 -11.50 -37.18
C LYS A 88 12.93 -10.04 -36.98
N LEU A 89 14.21 -9.69 -37.07
CA LEU A 89 14.56 -8.25 -36.99
C LEU A 89 14.42 -7.62 -38.38
N ILE A 90 15.00 -8.24 -39.41
CA ILE A 90 14.99 -7.65 -40.78
C ILE A 90 13.55 -7.34 -41.22
N SER A 91 12.59 -8.20 -40.87
CA SER A 91 11.18 -8.02 -41.32
C SER A 91 10.60 -6.69 -40.82
N VAL A 92 10.90 -6.29 -39.59
CA VAL A 92 10.26 -5.06 -39.02
C VAL A 92 11.09 -3.82 -39.38
N VAL A 93 12.40 -3.97 -39.48
CA VAL A 93 13.29 -2.80 -39.78
C VAL A 93 12.97 -2.28 -41.19
N LYS A 94 12.73 -3.18 -42.15
CA LYS A 94 12.34 -2.78 -43.53
C LYS A 94 13.45 -1.94 -44.17
N GLY A 95 13.16 -0.69 -44.54
CA GLY A 95 14.15 0.13 -45.25
C GLY A 95 14.99 0.98 -44.33
N ALA A 96 15.21 0.53 -43.09
CA ALA A 96 16.11 1.27 -42.19
C ALA A 96 17.53 0.69 -42.27
N ARG A 97 17.73 -0.35 -43.08
CA ARG A 97 19.05 -1.01 -43.19
C ARG A 97 19.68 -0.68 -44.55
N THR A 98 21.02 -0.74 -44.65
CA THR A 98 21.73 -0.43 -45.91
C THR A 98 22.60 -1.61 -46.27
N SER A 99 22.67 -1.96 -47.56
CA SER A 99 23.44 -3.16 -47.99
C SER A 99 24.93 -3.03 -47.62
N ALA A 100 25.54 -1.87 -47.84
CA ALA A 100 26.98 -1.68 -47.56
C ALA A 100 27.25 -2.01 -46.09
N ASN A 101 26.28 -1.77 -45.21
CA ASN A 101 26.45 -2.03 -43.78
C ASN A 101 25.39 -3.01 -43.29
N ALA A 102 25.22 -4.12 -44.01
CA ALA A 102 24.15 -5.08 -43.73
C ALA A 102 24.52 -6.13 -42.67
N ASP A 103 25.60 -5.92 -41.92
CA ASP A 103 25.97 -6.84 -40.84
C ASP A 103 26.40 -6.03 -39.62
N VAL A 104 25.63 -4.98 -39.30
CA VAL A 104 25.66 -4.29 -38.01
C VAL A 104 24.27 -3.66 -37.84
N PHE A 105 23.85 -3.45 -36.60
CA PHE A 105 22.60 -2.75 -36.35
C PHE A 105 22.69 -1.96 -35.05
N TYR A 106 21.92 -0.87 -34.96
CA TYR A 106 21.98 0.02 -33.81
C TYR A 106 20.58 0.42 -33.38
N ILE A 107 20.32 0.33 -32.07
CA ILE A 107 19.09 0.83 -31.45
C ILE A 107 19.49 1.85 -30.38
N ALA A 108 19.03 3.09 -30.52
CA ALA A 108 19.46 4.18 -29.67
C ALA A 108 18.28 4.82 -28.95
N LEU A 109 18.59 5.44 -27.82
CA LEU A 109 17.62 6.11 -26.96
C LEU A 109 18.17 7.47 -26.60
N GLU A 110 17.38 8.52 -26.82
CA GLU A 110 17.76 9.89 -26.48
C GLU A 110 16.72 10.49 -25.55
N SER A 111 17.18 11.33 -24.63
CA SER A 111 16.30 11.98 -23.67
C SER A 111 16.88 13.32 -23.23
N LYS A 112 16.14 14.39 -23.45
CA LYS A 112 16.49 15.73 -23.02
C LYS A 112 15.40 16.27 -22.10
N TYR A 113 15.81 17.01 -21.07
CA TYR A 113 14.88 17.45 -20.04
C TYR A 113 14.09 18.68 -20.50
N ASP A 114 12.90 18.83 -19.93
CA ASP A 114 11.98 19.87 -20.36
C ASP A 114 12.14 21.15 -19.54
N ASP A 115 12.23 21.00 -18.21
CA ASP A 115 12.42 22.00 -17.15
C ASP A 115 11.27 23.01 -17.05
N LYS A 116 10.10 22.72 -17.62
CA LYS A 116 8.87 23.46 -17.42
C LYS A 116 7.72 22.55 -17.02
N GLU A 117 7.61 21.38 -17.64
CA GLU A 117 6.68 20.35 -17.22
C GLU A 117 7.34 19.31 -16.32
N LEU A 118 8.65 19.46 -16.09
CA LEU A 118 9.50 18.64 -15.19
C LEU A 118 9.51 17.16 -15.60
N TYR A 119 9.57 16.92 -16.91
CA TYR A 119 9.37 15.61 -17.50
C TYR A 119 10.50 15.32 -18.48
N GLY A 120 10.89 14.05 -18.56
CA GLY A 120 11.89 13.63 -19.50
C GLY A 120 11.34 12.72 -20.58
N ASN A 121 11.27 13.22 -21.81
CA ASN A 121 10.69 12.47 -22.92
C ASN A 121 11.74 11.55 -23.53
N ILE A 122 11.30 10.38 -23.97
CA ILE A 122 12.19 9.34 -24.46
C ILE A 122 11.92 9.14 -25.95
N ILE A 123 12.94 9.33 -26.79
CA ILE A 123 12.81 9.16 -28.22
C ILE A 123 13.73 8.02 -28.64
N LEU A 124 13.15 7.00 -29.27
CA LEU A 124 13.88 5.81 -29.71
C LEU A 124 14.16 5.87 -31.20
N LYS A 125 15.37 5.46 -31.59
CA LYS A 125 15.78 5.50 -33.01
C LYS A 125 16.53 4.20 -33.36
N TRP A 126 16.35 3.71 -34.58
CA TRP A 126 17.09 2.50 -35.02
C TRP A 126 17.75 2.78 -36.38
N GLY A 127 18.84 2.08 -36.69
CA GLY A 127 19.56 2.36 -37.95
C GLY A 127 20.75 1.45 -38.14
N SER A 128 21.23 1.34 -39.38
CA SER A 128 22.40 0.53 -39.69
C SER A 128 23.70 1.32 -39.66
N GLU A 129 23.64 2.64 -39.52
CA GLU A 129 24.80 3.48 -39.28
C GLU A 129 24.54 4.30 -38.03
N LEU A 130 25.62 4.70 -37.35
CA LEU A 130 25.48 5.45 -36.11
C LEU A 130 25.09 6.90 -36.35
N ASP A 131 25.52 7.48 -37.46
CA ASP A 131 24.89 8.67 -37.98
C ASP A 131 23.67 8.26 -38.81
N ASN A 132 22.77 9.24 -39.04
CA ASN A 132 21.50 9.12 -39.77
C ASN A 132 20.59 8.04 -39.17
N LEU A 133 20.43 8.10 -37.85
CA LEU A 133 19.47 7.25 -37.16
C LEU A 133 18.09 7.87 -37.30
N ILE A 134 17.12 7.09 -37.77
CA ILE A 134 15.76 7.58 -37.97
C ILE A 134 14.87 6.99 -36.90
N ASP A 135 13.72 7.64 -36.70
CA ASP A 135 12.81 7.30 -35.61
C ASP A 135 12.02 6.04 -35.90
N ILE A 136 11.69 5.32 -34.83
CA ILE A 136 10.87 4.11 -34.91
C ILE A 136 9.43 4.49 -35.21
N PRO A 137 8.82 3.94 -36.27
CA PRO A 137 7.42 4.27 -36.57
C PRO A 137 6.45 3.57 -35.64
N GLY A 138 5.42 4.30 -35.24
CA GLY A 138 4.45 3.81 -34.28
C GLY A 138 3.08 4.36 -34.57
N ARG A 139 2.07 3.58 -34.18
CA ARG A 139 0.69 3.89 -34.52
C ARG A 139 -0.05 4.53 -33.36
N GLY A 140 -0.17 3.82 -32.24
CA GLY A 140 -0.83 4.36 -31.06
C GLY A 140 0.10 4.44 -29.87
N ASN A 141 -0.11 3.54 -28.92
CA ASN A 141 0.81 3.31 -27.81
C ASN A 141 1.88 2.28 -28.14
N ILE A 142 1.88 1.74 -29.36
CA ILE A 142 2.76 0.67 -29.77
C ILE A 142 3.65 1.20 -30.89
N ASN A 143 4.97 1.09 -30.71
CA ASN A 143 5.90 1.36 -31.80
C ASN A 143 6.38 0.02 -32.37
N ALA A 144 7.27 0.10 -33.36
CA ALA A 144 7.65 -1.09 -34.08
C ALA A 144 8.74 -1.90 -33.39
N LEU A 145 9.34 -1.38 -32.30
CA LEU A 145 10.30 -2.17 -31.54
C LEU A 145 9.62 -3.23 -30.70
N ASP A 146 8.34 -3.02 -30.34
CA ASP A 146 7.59 -3.98 -29.54
C ASP A 146 7.10 -5.18 -30.36
N ASN A 147 7.19 -5.14 -31.68
CA ASN A 147 6.90 -6.27 -32.54
C ASN A 147 8.10 -7.20 -32.72
N VAL A 148 9.27 -6.85 -32.15
CA VAL A 148 10.46 -7.68 -32.23
C VAL A 148 10.77 -8.32 -30.87
N PHE A 149 11.04 -7.50 -29.87
CA PHE A 149 11.59 -7.97 -28.60
C PHE A 149 10.52 -8.09 -27.54
N LYS A 150 10.53 -9.21 -26.82
CA LYS A 150 9.74 -9.42 -25.63
C LYS A 150 10.69 -9.58 -24.45
N VAL A 151 10.51 -8.76 -23.43
CA VAL A 151 11.41 -8.72 -22.27
C VAL A 151 10.68 -9.32 -21.08
N ILE A 152 11.25 -10.37 -20.52
CA ILE A 152 10.74 -10.99 -19.30
C ILE A 152 11.64 -10.59 -18.16
N TYR A 153 11.12 -9.81 -17.22
CA TYR A 153 11.88 -9.35 -16.06
C TYR A 153 11.48 -10.18 -14.86
N ILE A 154 12.45 -10.83 -14.23
CA ILE A 154 12.23 -11.65 -13.06
C ILE A 154 12.93 -11.00 -11.87
N ASN A 155 12.16 -10.74 -10.80
CA ASN A 155 12.69 -10.31 -9.53
C ASN A 155 11.88 -10.94 -8.40
N PRO A 156 12.47 -11.85 -7.61
CA PRO A 156 11.71 -12.48 -6.52
C PRO A 156 11.61 -11.59 -5.29
N GLY A 258 4.87 -22.17 1.17
CA GLY A 258 5.89 -21.42 1.89
C GLY A 258 6.70 -20.50 0.99
N ASP A 259 7.96 -20.85 0.78
CA ASP A 259 8.85 -20.08 -0.09
C ASP A 259 9.86 -21.04 -0.70
N GLY A 260 10.55 -20.56 -1.73
CA GLY A 260 11.51 -21.39 -2.45
C GLY A 260 10.90 -22.10 -3.64
N ARG A 261 9.87 -22.91 -3.40
CA ARG A 261 9.18 -23.61 -4.47
C ARG A 261 8.27 -22.70 -5.28
N ARG A 262 7.83 -21.57 -4.72
CA ARG A 262 7.02 -20.61 -5.46
C ARG A 262 7.85 -19.88 -6.51
N LYS A 263 9.13 -19.67 -6.22
CA LYS A 263 10.05 -19.04 -7.17
C LYS A 263 10.39 -19.97 -8.33
N MET A 264 10.55 -21.27 -8.05
CA MET A 264 10.73 -22.27 -9.09
C MET A 264 9.45 -22.49 -9.90
N LEU A 265 8.28 -22.37 -9.25
CA LEU A 265 7.00 -22.43 -9.94
C LEU A 265 6.79 -21.22 -10.84
N SER A 266 7.27 -20.04 -10.41
CA SER A 266 7.25 -18.84 -11.23
C SER A 266 8.22 -18.95 -12.41
N TYR A 267 9.35 -19.66 -12.23
CA TYR A 267 10.24 -19.98 -13.34
C TYR A 267 9.59 -20.92 -14.34
N SER A 268 8.82 -21.90 -13.86
CA SER A 268 8.10 -22.81 -14.74
C SER A 268 6.97 -22.11 -15.49
N ILE A 269 6.29 -21.15 -14.84
CA ILE A 269 5.24 -20.33 -15.47
C ILE A 269 5.84 -19.40 -16.53
N TYR A 270 6.99 -18.78 -16.23
CA TYR A 270 7.65 -17.87 -17.18
C TYR A 270 8.26 -18.61 -18.37
N ASN A 271 8.83 -19.80 -18.13
CA ASN A 271 9.35 -20.60 -19.25
C ASN A 271 8.24 -21.22 -20.08
N TYR A 272 7.10 -21.55 -19.46
CA TYR A 272 5.95 -22.07 -20.21
C TYR A 272 5.30 -20.99 -21.07
N LEU A 273 5.22 -19.76 -20.54
CA LEU A 273 4.69 -18.64 -21.32
C LEU A 273 5.66 -18.20 -22.42
N ALA A 274 6.97 -18.33 -22.18
CA ALA A 274 7.95 -18.01 -23.21
C ALA A 274 7.99 -19.08 -24.30
N LYS A 275 7.73 -20.34 -23.94
CA LYS A 275 7.66 -21.40 -24.94
C LYS A 275 6.35 -21.37 -25.72
N LYS A 276 5.25 -20.96 -25.09
CA LYS A 276 3.95 -21.01 -25.75
C LYS A 276 3.64 -19.73 -26.51
N LYS A 277 3.59 -18.58 -25.81
CA LYS A 277 3.05 -17.37 -26.41
C LYS A 277 4.07 -16.57 -27.21
N TYR A 278 5.36 -16.91 -27.12
CA TYR A 278 6.39 -16.06 -27.72
C TYR A 278 7.30 -16.82 -28.66
N GLU A 279 6.71 -17.58 -29.59
CA GLU A 279 7.50 -18.24 -30.62
C GLU A 279 7.97 -17.26 -31.68
N ASP A 280 7.18 -16.23 -31.97
CA ASP A 280 7.46 -15.27 -33.03
C ASP A 280 8.26 -14.08 -32.56
N LYS A 281 8.76 -14.07 -31.34
CA LYS A 281 9.47 -12.92 -30.79
C LYS A 281 10.83 -13.34 -30.28
N ILE A 282 11.70 -12.34 -30.14
CA ILE A 282 13.02 -12.52 -29.53
C ILE A 282 12.88 -12.23 -28.05
N VAL A 283 13.13 -13.23 -27.21
CA VAL A 283 12.87 -13.16 -25.79
C VAL A 283 14.17 -12.84 -25.06
N ILE A 284 14.16 -11.78 -24.26
CA ILE A 284 15.30 -11.40 -23.43
C ILE A 284 14.86 -11.53 -21.98
N TYR A 285 15.54 -12.39 -21.23
CA TYR A 285 15.32 -12.52 -19.80
C TYR A 285 16.22 -11.54 -19.06
N LEU A 286 15.67 -10.88 -18.05
CA LEU A 286 16.44 -9.99 -17.18
C LEU A 286 16.19 -10.47 -15.76
N ILE A 287 17.16 -11.19 -15.20
CA ILE A 287 17.01 -11.87 -13.92
C ILE A 287 17.74 -11.06 -12.87
N GLU A 288 17.03 -10.63 -11.82
CA GLU A 288 17.61 -9.86 -10.74
C GLU A 288 17.69 -10.76 -9.50
N GLU A 289 18.92 -11.19 -9.18
CA GLU A 289 19.35 -11.97 -8.03
C GLU A 289 18.58 -13.27 -7.82
N PRO A 290 18.84 -14.32 -8.60
CA PRO A 290 18.08 -15.57 -8.46
C PRO A 290 18.55 -16.50 -7.34
N GLU A 291 19.49 -16.08 -6.49
CA GLU A 291 19.93 -16.85 -5.34
C GLU A 291 19.10 -16.57 -4.10
N ILE A 292 18.08 -15.73 -4.20
CA ILE A 292 17.27 -15.30 -3.06
C ILE A 292 16.30 -16.42 -2.69
N SER A 293 16.39 -16.88 -1.43
CA SER A 293 15.57 -17.94 -0.80
C SER A 293 15.64 -19.26 -1.55
N LEU A 294 16.85 -19.64 -1.96
CA LEU A 294 17.06 -20.83 -2.77
C LEU A 294 18.22 -21.61 -2.17
N HIS A 295 18.06 -22.93 -2.07
CA HIS A 295 19.11 -23.82 -1.60
C HIS A 295 20.21 -23.91 -2.64
N ARG A 296 21.42 -24.26 -2.18
CA ARG A 296 22.60 -24.22 -3.06
C ARG A 296 22.62 -25.36 -4.09
N SER A 297 21.92 -26.46 -3.81
CA SER A 297 21.72 -27.50 -4.82
C SER A 297 20.79 -27.03 -5.93
N MET A 298 19.78 -26.25 -5.56
CA MET A 298 18.92 -25.59 -6.54
C MET A 298 19.64 -24.47 -7.28
N GLN A 299 20.64 -23.85 -6.66
CA GLN A 299 21.47 -22.85 -7.34
C GLN A 299 22.37 -23.49 -8.39
N ILE A 300 22.94 -24.66 -8.08
CA ILE A 300 23.74 -25.43 -9.05
C ILE A 300 22.85 -25.98 -10.17
N ALA A 301 21.61 -26.39 -9.84
CA ALA A 301 20.66 -26.86 -10.84
C ALA A 301 20.17 -25.75 -11.76
N LEU A 302 19.94 -24.55 -11.21
CA LEU A 302 19.60 -23.37 -12.00
C LEU A 302 20.78 -22.90 -12.86
N SER A 303 22.02 -23.08 -12.37
CA SER A 303 23.20 -22.76 -13.17
C SER A 303 23.40 -23.72 -14.34
N LYS A 304 23.09 -25.01 -14.12
CA LYS A 304 23.17 -26.00 -15.19
C LYS A 304 22.10 -25.78 -16.25
N GLN A 305 20.88 -25.43 -15.82
CA GLN A 305 19.79 -25.09 -16.74
C GLN A 305 20.04 -23.77 -17.45
N LEU A 306 20.71 -22.83 -16.78
CA LEU A 306 21.01 -21.51 -17.33
C LEU A 306 22.13 -21.53 -18.34
N PHE A 307 23.14 -22.36 -18.15
CA PHE A 307 24.30 -22.38 -19.03
C PHE A 307 24.40 -23.60 -19.93
N GLU A 308 23.45 -24.52 -19.86
CA GLU A 308 23.53 -25.67 -20.76
C GLU A 308 22.31 -25.82 -21.67
N GLN A 309 21.12 -25.53 -21.17
CA GLN A 309 19.91 -25.67 -21.96
C GLN A 309 19.76 -24.51 -22.95
N SER A 310 18.97 -24.75 -23.98
CA SER A 310 18.74 -23.76 -25.03
C SER A 310 17.51 -22.90 -24.75
N THR A 311 16.87 -23.07 -23.60
CA THR A 311 15.69 -22.29 -23.29
C THR A 311 16.02 -20.85 -22.87
N TYR A 312 17.22 -20.62 -22.34
CA TYR A 312 17.70 -19.28 -22.02
C TYR A 312 18.73 -18.89 -23.07
N LYS A 313 18.23 -18.44 -24.23
CA LYS A 313 19.12 -18.05 -25.30
C LYS A 313 19.76 -16.69 -25.04
N TYR A 314 19.00 -15.77 -24.45
CA TYR A 314 19.45 -14.41 -24.19
C TYR A 314 19.12 -14.07 -22.74
N PHE A 315 20.15 -13.82 -21.92
CA PHE A 315 19.88 -13.30 -20.59
C PHE A 315 20.96 -12.32 -20.14
N PHE A 316 20.54 -11.43 -19.24
CA PHE A 316 21.42 -10.57 -18.45
C PHE A 316 21.14 -10.92 -16.99
N LEU A 317 22.17 -11.40 -16.29
CA LEU A 317 22.01 -12.00 -14.97
C LEU A 317 22.84 -11.25 -13.96
N SER A 318 22.19 -10.68 -12.94
CA SER A 318 22.90 -10.07 -11.83
C SER A 318 22.87 -11.01 -10.63
N THR A 319 24.02 -11.18 -9.98
CA THR A 319 24.11 -12.20 -8.95
C THR A 319 25.10 -11.79 -7.87
N HIS A 320 24.98 -12.46 -6.73
CA HIS A 320 25.88 -12.30 -5.59
C HIS A 320 26.47 -13.63 -5.13
N SER A 321 26.15 -14.73 -5.81
CA SER A 321 26.45 -16.06 -5.35
C SER A 321 27.45 -16.75 -6.27
N PRO A 322 28.43 -17.47 -5.71
CA PRO A 322 29.35 -18.22 -6.57
C PRO A 322 28.79 -19.53 -7.10
N GLU A 323 27.71 -20.04 -6.50
CA GLU A 323 27.16 -21.34 -6.89
C GLU A 323 26.30 -21.28 -8.14
N LEU A 324 25.94 -20.08 -8.61
CA LEU A 324 25.34 -19.90 -9.92
C LEU A 324 26.36 -19.79 -11.04
N LEU A 325 27.64 -19.81 -10.72
CA LEU A 325 28.72 -19.79 -11.71
C LEU A 325 29.54 -21.07 -11.65
N TYR A 326 28.95 -22.19 -11.24
CA TYR A 326 29.66 -23.45 -11.22
C TYR A 326 29.65 -24.15 -12.56
N GLU A 327 28.82 -23.70 -13.49
CA GLU A 327 28.64 -24.36 -14.78
C GLU A 327 28.90 -23.41 -15.94
N MET A 328 29.64 -22.33 -15.72
CA MET A 328 29.73 -21.24 -16.69
C MET A 328 30.66 -21.61 -17.84
N ASP A 329 30.16 -21.40 -19.06
CA ASP A 329 30.87 -21.67 -20.30
C ASP A 329 30.16 -20.87 -21.39
N ASN A 330 30.96 -20.34 -22.34
CA ASN A 330 30.54 -19.51 -23.49
C ASN A 330 29.74 -18.28 -23.05
N THR A 331 30.23 -17.61 -22.01
CA THR A 331 29.46 -16.53 -21.41
C THR A 331 30.28 -15.25 -21.42
N ARG A 332 29.65 -14.15 -21.06
CA ARG A 332 30.32 -12.87 -20.94
C ARG A 332 30.19 -12.40 -19.50
N LEU A 333 31.30 -11.98 -18.90
CA LEU A 333 31.35 -11.56 -17.51
C LEU A 333 31.62 -10.08 -17.44
N ILE A 334 30.76 -9.35 -16.72
CA ILE A 334 30.87 -7.90 -16.53
C ILE A 334 31.03 -7.65 -15.03
N ARG A 335 32.08 -6.93 -14.67
CA ARG A 335 32.36 -6.56 -13.29
C ARG A 335 32.30 -5.04 -13.15
N VAL A 336 31.59 -4.57 -12.14
CA VAL A 336 31.48 -3.14 -11.86
C VAL A 336 32.46 -2.81 -10.74
N HIS A 337 33.45 -1.97 -11.04
CA HIS A 337 34.55 -1.70 -10.12
C HIS A 337 34.13 -0.73 -9.03
N SER A 338 34.67 -0.93 -7.83
CA SER A 338 34.30 -0.16 -6.65
C SER A 338 35.17 1.07 -6.43
N THR A 339 35.67 1.69 -7.50
CA THR A 339 36.48 2.90 -7.38
C THR A 339 35.59 4.14 -7.31
N GLU A 340 36.23 5.31 -7.28
CA GLU A 340 35.49 6.57 -7.23
C GLU A 340 34.90 6.96 -8.57
N LYS A 341 35.40 6.39 -9.67
CA LYS A 341 34.77 6.49 -10.98
C LYS A 341 34.29 5.09 -11.33
N VAL A 342 33.04 4.99 -11.81
CA VAL A 342 32.40 3.70 -12.01
C VAL A 342 32.91 3.10 -13.32
N VAL A 343 33.73 2.06 -13.22
CA VAL A 343 34.35 1.39 -14.35
C VAL A 343 33.73 0.00 -14.46
N CYS A 344 33.32 -0.38 -15.66
CA CYS A 344 32.79 -1.72 -15.93
C CYS A 344 33.71 -2.45 -16.89
N SER A 345 34.05 -3.69 -16.55
CA SER A 345 35.02 -4.48 -17.29
C SER A 345 34.38 -5.79 -17.76
N SER A 346 34.78 -6.25 -18.94
CA SER A 346 34.17 -7.42 -19.55
C SER A 346 35.22 -8.46 -19.91
N HIS A 347 34.82 -9.72 -19.85
CA HIS A 347 35.65 -10.84 -20.26
C HIS A 347 34.79 -11.86 -20.98
N MET A 348 35.29 -12.38 -22.09
CA MET A 348 34.62 -13.44 -22.83
C MET A 348 35.11 -14.79 -22.29
N TYR A 349 34.28 -15.45 -21.49
CA TYR A 349 34.66 -16.67 -20.81
C TYR A 349 34.35 -17.89 -21.67
N ASN A 350 35.39 -18.66 -21.98
CA ASN A 350 35.32 -19.94 -22.66
C ASN A 350 36.25 -20.90 -21.93
N VAL A 351 35.87 -22.18 -21.91
CA VAL A 351 36.74 -23.25 -21.42
C VAL A 351 37.16 -24.08 -22.62
N GLU A 352 38.47 -24.29 -22.77
CA GLU A 352 39.05 -24.87 -23.97
C GLU A 352 38.91 -26.39 -23.96
N GLU A 353 39.36 -27.03 -25.05
CA GLU A 353 39.26 -28.47 -25.17
C GLU A 353 40.31 -29.19 -24.33
N ALA A 354 41.44 -28.54 -24.04
CA ALA A 354 42.46 -29.14 -23.19
C ALA A 354 42.06 -29.12 -21.72
N TYR A 355 41.23 -28.16 -21.33
CA TYR A 355 40.82 -27.99 -19.94
C TYR A 355 39.46 -28.60 -19.66
N GLY A 356 38.91 -29.38 -20.60
CA GLY A 356 37.58 -29.93 -20.44
C GLY A 356 37.47 -31.07 -19.46
N SER A 357 38.58 -31.74 -19.16
CA SER A 357 38.57 -32.81 -18.19
C SER A 357 38.69 -32.32 -16.75
N VAL A 358 39.04 -31.04 -16.56
CA VAL A 358 39.17 -30.41 -15.20
C VAL A 358 38.29 -29.16 -15.12
N LYS A 359 37.38 -29.00 -16.09
CA LYS A 359 36.49 -27.82 -16.13
C LYS A 359 35.81 -27.64 -14.77
N LYS A 360 35.24 -28.70 -14.21
CA LYS A 360 34.46 -28.55 -12.94
C LYS A 360 35.32 -27.84 -11.89
N LYS A 361 36.48 -28.40 -11.55
CA LYS A 361 37.35 -27.81 -10.49
C LYS A 361 37.63 -26.34 -10.83
N LEU A 362 38.10 -26.08 -12.06
CA LEU A 362 38.44 -24.68 -12.47
C LEU A 362 37.24 -23.78 -12.15
N ASN A 363 36.08 -24.07 -12.71
CA ASN A 363 34.90 -23.19 -12.53
C ASN A 363 34.63 -23.02 -11.02
N LYS A 364 34.52 -24.10 -10.25
CA LYS A 364 34.19 -23.95 -8.82
C LYS A 364 35.17 -22.96 -8.17
N ALA A 365 36.47 -23.22 -8.31
CA ALA A 365 37.50 -22.37 -7.66
C ALA A 365 37.41 -20.91 -8.10
N LEU A 366 37.30 -20.64 -9.40
CA LEU A 366 37.32 -19.23 -9.88
C LEU A 366 36.00 -18.53 -9.54
N SER A 367 34.93 -19.29 -9.34
CA SER A 367 33.58 -18.71 -9.08
C SER A 367 33.61 -17.94 -7.76
N SER A 368 34.40 -18.37 -6.78
CA SER A 368 34.53 -17.58 -5.56
C SER A 368 35.59 -16.50 -5.68
N ALA A 369 36.56 -16.68 -6.58
CA ALA A 369 37.61 -15.69 -6.81
C ALA A 369 37.18 -14.55 -7.71
N LEU A 370 36.04 -14.70 -8.38
CA LEU A 370 35.49 -13.59 -9.16
C LEU A 370 34.94 -12.46 -8.30
N PHE A 371 34.58 -12.73 -7.05
CA PHE A 371 33.96 -11.77 -6.15
C PHE A 371 34.96 -11.11 -5.20
N ALA A 372 36.23 -11.08 -5.56
CA ALA A 372 37.27 -10.52 -4.72
C ALA A 372 37.83 -9.26 -5.36
N GLU A 373 38.86 -8.70 -4.73
CA GLU A 373 39.58 -7.57 -5.27
C GLU A 373 41.05 -7.87 -5.51
N ARG A 374 41.70 -8.56 -4.60
CA ARG A 374 43.08 -9.02 -4.76
C ARG A 374 43.11 -10.51 -4.50
N VAL A 375 43.62 -11.29 -5.45
CA VAL A 375 43.64 -12.74 -5.36
C VAL A 375 45.09 -13.20 -5.37
N LEU A 376 45.50 -13.93 -4.33
CA LEU A 376 46.82 -14.54 -4.26
C LEU A 376 46.72 -15.99 -4.71
N LEU A 377 47.46 -16.34 -5.76
CA LEU A 377 47.42 -17.67 -6.34
C LEU A 377 48.54 -18.51 -5.73
N ILE A 378 48.17 -19.45 -4.88
CA ILE A 378 49.12 -20.32 -4.23
C ILE A 378 49.04 -21.70 -4.86
N GLU A 379 50.01 -22.56 -4.52
CA GLU A 379 50.11 -23.86 -5.17
C GLU A 379 49.17 -24.88 -4.53
N GLY A 380 49.33 -25.15 -3.25
CA GLY A 380 48.63 -26.25 -2.62
C GLY A 380 47.94 -25.91 -1.32
N PRO A 381 47.60 -26.93 -0.52
CA PRO A 381 46.98 -26.66 0.78
C PRO A 381 47.96 -26.36 1.90
N SER A 382 49.25 -26.67 1.73
CA SER A 382 50.25 -26.38 2.77
C SER A 382 50.52 -24.88 2.84
N GLU A 383 50.52 -24.22 1.67
CA GLU A 383 50.56 -22.77 1.59
C GLU A 383 49.29 -22.14 2.14
N LYS A 384 48.15 -22.82 2.01
CA LYS A 384 46.89 -22.35 2.59
C LYS A 384 46.91 -22.43 4.11
N ILE A 385 47.55 -23.48 4.67
CA ILE A 385 47.68 -23.64 6.13
C ILE A 385 48.61 -22.58 6.71
N LEU A 386 49.78 -22.38 6.07
CA LEU A 386 50.77 -21.42 6.55
C LEU A 386 50.32 -19.96 6.36
N PHE A 387 49.72 -19.64 5.21
CA PHE A 387 49.27 -18.28 4.98
C PHE A 387 47.98 -17.97 5.71
N GLU A 388 47.14 -18.97 6.03
CA GLU A 388 45.98 -18.70 6.87
C GLU A 388 46.38 -18.51 8.33
N LYS A 389 47.45 -19.18 8.80
CA LYS A 389 47.98 -18.92 10.14
C LYS A 389 48.62 -17.53 10.25
N VAL A 390 49.41 -17.14 9.24
CA VAL A 390 50.08 -15.83 9.24
C VAL A 390 49.08 -14.69 9.07
N LEU A 391 48.12 -14.85 8.17
CA LEU A 391 47.09 -13.84 8.00
C LEU A 391 45.99 -13.90 9.06
N ASP A 392 45.95 -14.94 9.90
CA ASP A 392 45.13 -14.83 11.11
C ASP A 392 45.87 -14.08 12.21
N GLU A 393 47.18 -14.29 12.33
CA GLU A 393 47.92 -13.64 13.41
C GLU A 393 48.28 -12.19 13.11
N VAL A 394 48.24 -11.74 11.85
CA VAL A 394 48.66 -10.38 11.49
C VAL A 394 47.47 -9.52 11.09
N GLU A 395 46.77 -9.88 10.02
CA GLU A 395 45.69 -9.06 9.45
C GLU A 395 44.45 -9.92 9.25
N PRO A 396 43.66 -10.14 10.32
CA PRO A 396 42.56 -11.10 10.22
C PRO A 396 41.32 -10.61 9.49
N GLU A 397 41.25 -9.33 9.14
CA GLU A 397 40.18 -8.80 8.29
C GLU A 397 40.63 -8.65 6.85
N TYR A 398 41.46 -9.57 6.35
CA TYR A 398 41.88 -9.51 4.96
C TYR A 398 40.76 -10.00 4.02
N GLU A 399 39.90 -10.89 4.51
CA GLU A 399 38.80 -11.39 3.69
C GLU A 399 37.64 -10.40 3.64
N LEU A 400 37.54 -9.54 4.65
CA LEU A 400 36.53 -8.50 4.67
C LEU A 400 36.86 -7.40 3.66
N ASN A 401 38.14 -7.11 3.47
CA ASN A 401 38.58 -5.99 2.65
C ASN A 401 38.84 -6.36 1.20
N GLY A 402 38.67 -7.63 0.83
CA GLY A 402 38.75 -8.00 -0.57
C GLY A 402 39.83 -8.97 -0.94
N GLY A 403 40.51 -9.57 0.03
CA GLY A 403 41.53 -10.55 -0.25
C GLY A 403 40.96 -11.95 -0.43
N PHE A 404 41.72 -12.78 -1.15
CA PHE A 404 41.30 -14.15 -1.42
C PHE A 404 42.54 -15.01 -1.66
N LEU A 405 42.49 -16.26 -1.20
CA LEU A 405 43.52 -17.25 -1.45
C LEU A 405 42.97 -18.30 -2.39
N LEU A 406 43.67 -18.55 -3.49
CA LEU A 406 43.20 -19.46 -4.54
C LEU A 406 44.29 -20.49 -4.81
N GLU A 407 43.98 -21.76 -4.49
CA GLU A 407 44.95 -22.86 -4.71
C GLU A 407 44.85 -23.36 -6.16
N VAL A 408 45.93 -23.21 -6.94
CA VAL A 408 45.97 -23.64 -8.36
C VAL A 408 47.04 -24.72 -8.49
N GLY A 409 46.65 -25.94 -8.86
CA GLY A 409 47.63 -27.05 -8.93
C GLY A 409 47.62 -27.76 -10.26
N GLY A 410 48.79 -27.98 -10.83
CA GLY A 410 48.88 -28.71 -12.11
C GLY A 410 48.19 -27.97 -13.24
N THR A 411 48.29 -26.63 -13.26
CA THR A 411 47.71 -25.89 -14.37
C THR A 411 48.67 -24.76 -14.71
N TYR A 412 48.74 -24.39 -16.00
CA TYR A 412 49.73 -23.47 -16.57
C TYR A 412 49.38 -21.98 -16.38
N PHE A 413 48.54 -21.61 -15.41
CA PHE A 413 48.20 -20.27 -14.90
C PHE A 413 47.45 -19.34 -15.86
N ASN A 414 47.18 -19.73 -17.10
CA ASN A 414 46.71 -18.78 -18.11
C ASN A 414 45.24 -18.45 -17.99
N HIS A 415 44.43 -19.44 -17.58
CA HIS A 415 42.98 -19.31 -17.47
C HIS A 415 42.57 -18.34 -16.37
N TYR A 416 43.21 -18.48 -15.20
CA TYR A 416 42.94 -17.63 -14.04
C TYR A 416 43.41 -16.21 -14.26
N VAL A 417 44.61 -16.03 -14.83
CA VAL A 417 45.21 -14.72 -15.02
C VAL A 417 44.49 -13.94 -16.12
N CYS A 418 44.05 -14.63 -17.19
CA CYS A 418 43.27 -13.98 -18.25
C CYS A 418 41.87 -13.60 -17.80
N THR A 419 41.21 -14.47 -17.00
CA THR A 419 39.87 -14.19 -16.49
C THR A 419 39.88 -13.09 -15.44
N LEU A 420 40.86 -13.09 -14.53
CA LEU A 420 40.92 -12.04 -13.53
C LEU A 420 41.59 -10.77 -14.03
N ASN A 421 42.33 -10.83 -15.13
CA ASN A 421 43.01 -9.65 -15.66
C ASN A 421 42.10 -8.87 -16.58
N ASP A 422 41.21 -9.54 -17.31
CA ASP A 422 40.27 -8.82 -18.14
C ASP A 422 39.15 -8.17 -17.33
N LEU A 423 38.90 -8.64 -16.11
CA LEU A 423 37.88 -8.06 -15.25
C LEU A 423 38.43 -7.03 -14.27
N GLY A 424 39.73 -6.74 -14.32
CA GLY A 424 40.29 -5.72 -13.47
C GLY A 424 40.55 -6.12 -12.04
N ILE A 425 40.84 -7.40 -11.79
CA ILE A 425 41.10 -7.92 -10.46
C ILE A 425 42.60 -8.15 -10.34
N THR A 426 43.20 -7.66 -9.26
CA THR A 426 44.63 -7.78 -9.02
C THR A 426 45.00 -9.22 -8.69
N HIS A 427 45.93 -9.79 -9.47
CA HIS A 427 46.39 -11.15 -9.24
C HIS A 427 47.85 -11.14 -8.85
N ILE A 428 48.19 -11.86 -7.79
CA ILE A 428 49.55 -12.02 -7.29
C ILE A 428 49.83 -13.52 -7.29
N ILE A 429 50.97 -13.91 -7.84
CA ILE A 429 51.34 -15.33 -7.94
C ILE A 429 52.60 -15.55 -7.13
N LYS A 430 52.54 -16.48 -6.17
CA LYS A 430 53.70 -16.97 -5.46
C LYS A 430 53.93 -18.42 -5.87
N THR A 431 55.12 -18.73 -6.37
CA THR A 431 55.37 -20.07 -6.88
C THR A 431 56.84 -20.41 -6.69
N ASP A 432 57.16 -21.68 -6.93
CA ASP A 432 58.51 -22.19 -6.82
C ASP A 432 58.91 -22.90 -8.10
N ASN A 433 60.19 -22.88 -8.41
CA ASN A 433 60.68 -23.58 -9.59
C ASN A 433 60.95 -25.06 -9.33
N ASP A 434 60.66 -25.89 -10.34
CA ASP A 434 60.75 -27.33 -10.23
C ASP A 434 61.56 -27.88 -11.39
N LEU A 435 61.87 -29.17 -11.30
CA LEU A 435 62.59 -29.91 -12.34
C LEU A 435 61.83 -31.21 -12.57
N LYS A 436 60.91 -31.19 -13.52
CA LYS A 436 60.08 -32.37 -13.79
C LYS A 436 60.81 -33.32 -14.74
N SER A 437 60.93 -34.58 -14.33
CA SER A 437 61.54 -35.59 -15.18
C SER A 437 60.60 -35.99 -16.30
N LYS A 438 61.18 -36.36 -17.44
CA LYS A 438 60.42 -36.76 -18.61
C LYS A 438 60.06 -38.23 -18.56
N LYS A 439 58.93 -38.56 -19.16
CA LYS A 439 58.48 -39.94 -19.21
C LYS A 439 59.26 -40.72 -20.26
N GLY A 440 59.78 -41.88 -19.86
CA GLY A 440 60.58 -42.69 -20.77
C GLY A 440 61.96 -42.17 -21.03
N LYS A 441 62.50 -41.33 -20.17
CA LYS A 441 63.81 -40.74 -20.36
C LYS A 441 64.45 -40.51 -18.99
N LYS A 442 65.74 -40.83 -18.89
CA LYS A 442 66.48 -40.68 -17.65
C LYS A 442 67.51 -39.56 -17.76
N GLY A 443 67.58 -38.72 -16.74
CA GLY A 443 68.55 -37.65 -16.70
C GLY A 443 68.17 -36.37 -17.40
N VAL A 444 66.95 -36.26 -17.90
CA VAL A 444 66.47 -35.07 -18.61
C VAL A 444 65.33 -34.48 -17.80
N TYR A 445 65.49 -33.23 -17.38
CA TYR A 445 64.49 -32.51 -16.59
C TYR A 445 64.06 -31.26 -17.33
N GLU A 446 62.75 -31.01 -17.35
CA GLU A 446 62.21 -29.76 -17.85
C GLU A 446 61.94 -28.81 -16.69
N LEU A 447 62.06 -27.52 -16.98
CA LEU A 447 62.04 -26.46 -15.96
C LEU A 447 60.59 -25.97 -15.87
N LEU A 448 59.82 -26.55 -14.94
CA LEU A 448 58.37 -26.47 -15.01
C LEU A 448 57.82 -25.12 -14.55
N GLY A 449 58.29 -24.63 -13.40
CA GLY A 449 57.78 -23.38 -12.86
C GLY A 449 58.26 -22.16 -13.62
N LEU A 450 59.48 -22.21 -14.15
CA LEU A 450 60.00 -21.15 -14.99
C LEU A 450 59.30 -21.12 -16.35
N ASN A 451 58.90 -22.27 -16.89
CA ASN A 451 58.11 -22.29 -18.12
C ASN A 451 56.68 -21.81 -17.89
N ARG A 452 56.13 -22.05 -16.69
CA ARG A 452 54.82 -21.52 -16.34
C ARG A 452 54.83 -20.00 -16.22
N CYS A 453 55.86 -19.44 -15.58
CA CYS A 453 55.98 -17.99 -15.47
C CYS A 453 56.35 -17.33 -16.80
N LEU A 454 57.10 -18.02 -17.65
CA LEU A 454 57.44 -17.47 -18.97
C LEU A 454 56.27 -17.54 -19.93
N ASN A 455 55.42 -18.57 -19.82
CA ASN A 455 54.19 -18.60 -20.61
C ASN A 455 53.16 -17.60 -20.09
N LEU A 456 53.23 -17.25 -18.82
CA LEU A 456 52.40 -16.16 -18.32
C LEU A 456 52.88 -14.81 -18.82
N LEU A 457 54.20 -14.62 -18.91
CA LEU A 457 54.74 -13.35 -19.39
C LEU A 457 54.58 -13.18 -20.90
N GLY A 458 54.46 -14.27 -21.65
CA GLY A 458 54.20 -14.19 -23.07
C GLY A 458 55.33 -14.74 -23.92
N ARG A 459 56.25 -15.48 -23.31
CA ARG A 459 57.39 -16.04 -24.00
C ARG A 459 57.11 -17.50 -24.33
N GLU A 460 58.12 -18.18 -24.84
CA GLU A 460 58.02 -19.59 -25.19
C GLU A 460 58.69 -20.45 -24.12
N ASN A 461 58.51 -21.75 -24.25
CA ASN A 461 59.06 -22.70 -23.29
C ASN A 461 60.56 -22.86 -23.49
N LEU A 462 61.30 -23.00 -22.40
CA LEU A 462 62.73 -23.17 -22.47
C LEU A 462 63.09 -24.61 -22.84
N ASP A 463 64.35 -24.80 -23.22
CA ASP A 463 64.83 -26.12 -23.61
C ASP A 463 65.04 -27.01 -22.39
N GLU A 464 65.01 -28.31 -22.63
CA GLU A 464 65.14 -29.30 -21.57
C GLU A 464 66.61 -29.44 -21.17
N ILE A 465 66.91 -29.13 -19.91
CA ILE A 465 68.28 -29.26 -19.40
C ILE A 465 68.52 -30.74 -19.10
N THR A 466 69.77 -31.18 -19.20
CA THR A 466 70.14 -32.51 -18.79
C THR A 466 71.30 -32.43 -17.81
N ILE A 467 71.47 -33.47 -16.99
CA ILE A 467 72.53 -33.44 -15.94
C ILE A 467 73.40 -34.70 -16.08
N ASP A 468 74.67 -34.62 -15.66
CA ASP A 468 75.60 -35.77 -15.76
C ASP A 468 75.76 -36.41 -14.37
N ILE A 469 74.75 -36.24 -13.50
CA ILE A 469 74.82 -36.81 -12.12
C ILE A 469 75.11 -38.32 -12.22
N PRO A 470 75.99 -38.89 -11.38
CA PRO A 470 76.35 -40.29 -11.47
C PRO A 470 75.11 -41.18 -11.52
N GLU A 471 74.09 -40.86 -10.73
CA GLU A 471 72.81 -41.63 -10.72
C GLU A 471 73.04 -43.00 -10.06
N ASP A 472 74.00 -43.79 -10.56
CA ASP A 472 74.31 -45.11 -9.95
C ASP A 472 74.45 -44.93 -8.44
N ILE A 473 75.20 -43.90 -8.01
CA ILE A 473 75.29 -43.59 -6.56
C ILE A 473 74.41 -42.35 -6.29
N LYS A 474 73.37 -42.49 -5.47
CA LYS A 474 72.44 -41.36 -5.24
C LYS A 474 71.79 -41.49 -3.86
N GLY A 475 70.97 -40.51 -3.48
CA GLY A 475 70.30 -40.52 -2.17
C GLY A 475 69.81 -39.14 -1.80
N LYS A 476 69.61 -38.86 -0.51
CA LYS A 476 69.24 -37.49 -0.10
C LYS A 476 70.13 -36.48 -0.83
N LYS A 477 71.38 -36.87 -1.11
CA LYS A 477 72.31 -35.94 -1.75
C LYS A 477 71.94 -35.59 -3.18
N LYS A 478 71.05 -36.36 -3.82
CA LYS A 478 70.50 -36.00 -5.12
C LYS A 478 69.60 -34.77 -5.01
N LYS A 479 68.91 -34.62 -3.87
CA LYS A 479 68.10 -33.43 -3.62
C LYS A 479 68.98 -32.19 -3.41
N GLU A 480 70.15 -32.33 -2.77
CA GLU A 480 71.06 -31.19 -2.66
C GLU A 480 71.77 -30.89 -3.98
N ARG A 481 71.97 -31.90 -4.83
CA ARG A 481 72.53 -31.66 -6.17
C ARG A 481 71.53 -30.94 -7.07
N LEU A 482 70.24 -31.32 -6.98
CA LEU A 482 69.20 -30.61 -7.72
C LEU A 482 68.92 -29.23 -7.12
N ASN A 483 69.15 -29.05 -5.82
CA ASN A 483 69.03 -27.73 -5.21
C ASN A 483 70.18 -26.81 -5.63
N GLU A 484 71.38 -27.36 -5.81
CA GLU A 484 72.49 -26.58 -6.35
C GLU A 484 72.28 -26.23 -7.82
N ARG A 485 71.66 -27.14 -8.58
CA ARG A 485 71.31 -26.84 -9.97
C ARG A 485 70.17 -25.81 -10.07
N LYS A 486 69.22 -25.85 -9.13
CA LYS A 486 68.16 -24.82 -9.07
C LYS A 486 68.71 -23.46 -8.65
N LYS A 487 69.73 -23.45 -7.78
CA LYS A 487 70.42 -22.22 -7.41
C LYS A 487 71.22 -21.65 -8.58
N GLU A 488 71.80 -22.52 -9.41
CA GLU A 488 72.49 -22.06 -10.61
C GLU A 488 71.53 -21.56 -11.70
N ILE A 489 70.33 -22.17 -11.78
CA ILE A 489 69.28 -21.71 -12.69
C ILE A 489 68.75 -20.34 -12.26
N PHE A 490 68.53 -20.14 -10.95
CA PHE A 490 68.11 -18.85 -10.43
C PHE A 490 69.22 -17.80 -10.47
N LYS A 491 70.49 -18.22 -10.45
CA LYS A 491 71.59 -17.29 -10.62
C LYS A 491 71.77 -16.87 -12.08
N GLN A 492 71.52 -17.79 -13.01
CA GLN A 492 71.73 -17.51 -14.43
C GLN A 492 70.64 -16.60 -14.99
N TYR A 493 69.37 -16.92 -14.72
CA TYR A 493 68.26 -16.07 -15.14
C TYR A 493 67.96 -15.08 -14.02
N LYS A 494 68.37 -13.83 -14.25
CA LYS A 494 68.16 -12.78 -13.25
C LYS A 494 67.24 -11.68 -13.74
N ASN A 495 67.42 -11.22 -14.97
CA ASN A 495 66.57 -10.18 -15.54
C ASN A 495 65.18 -10.68 -15.88
N GLU A 496 65.02 -11.99 -16.15
CA GLU A 496 63.69 -12.58 -16.25
C GLU A 496 62.99 -12.64 -14.90
N VAL A 497 63.76 -12.84 -13.81
CA VAL A 497 63.21 -12.83 -12.45
C VAL A 497 62.78 -11.41 -12.05
N GLY A 498 63.55 -10.40 -12.48
CA GLY A 498 63.12 -9.01 -12.30
C GLY A 498 61.93 -8.61 -13.16
N GLU A 499 61.81 -9.19 -14.36
CA GLU A 499 60.63 -9.00 -15.19
C GLU A 499 59.40 -9.70 -14.61
N PHE A 500 59.58 -10.82 -13.91
CA PHE A 500 58.48 -11.45 -13.20
C PHE A 500 58.11 -10.63 -11.96
N LEU A 501 59.11 -10.01 -11.33
CA LEU A 501 58.89 -9.23 -10.11
C LEU A 501 58.18 -7.92 -10.40
N GLY A 502 58.35 -7.38 -11.61
CA GLY A 502 57.56 -6.22 -12.02
C GLY A 502 56.11 -6.53 -12.32
N GLU A 503 55.78 -7.79 -12.63
CA GLU A 503 54.43 -8.20 -12.99
C GLU A 503 53.75 -8.99 -11.88
N ARG A 504 54.18 -8.80 -10.62
CA ARG A 504 53.68 -9.42 -9.38
C ARG A 504 53.74 -10.95 -9.41
N ILE A 505 54.83 -11.49 -9.97
CA ILE A 505 55.10 -12.91 -9.92
C ILE A 505 56.33 -13.13 -9.06
N TYR A 506 56.21 -13.95 -8.02
CA TYR A 506 57.24 -14.18 -7.02
C TYR A 506 57.72 -15.61 -7.17
N LEU A 507 58.83 -15.77 -7.88
CA LEU A 507 59.44 -17.07 -8.07
C LEU A 507 60.45 -17.31 -6.94
N SER A 508 60.33 -18.48 -6.30
CA SER A 508 61.23 -18.83 -5.23
C SER A 508 62.56 -19.34 -5.80
N GLU A 509 63.57 -19.38 -4.93
CA GLU A 509 64.88 -19.89 -5.34
C GLU A 509 64.87 -21.40 -5.45
N ILE A 510 64.42 -22.09 -4.40
CA ILE A 510 64.27 -23.54 -4.44
C ILE A 510 62.81 -23.88 -4.21
N ASP A 511 62.29 -23.51 -3.03
CA ASP A 511 60.96 -23.88 -2.61
C ASP A 511 60.40 -22.79 -1.71
N LEU A 512 59.21 -23.05 -1.18
CA LEU A 512 58.66 -22.20 -0.11
C LEU A 512 59.41 -22.44 1.20
N GLU A 513 59.87 -23.67 1.42
CA GLU A 513 60.39 -24.11 2.72
C GLU A 513 61.77 -23.54 3.03
N ASN A 514 62.61 -23.35 2.00
CA ASN A 514 63.89 -22.69 2.23
C ASN A 514 63.72 -21.20 2.46
N ASP A 515 62.67 -20.60 1.88
CA ASP A 515 62.33 -19.21 2.17
C ASP A 515 61.73 -19.06 3.56
N LEU A 516 61.07 -20.11 4.05
CA LEU A 516 60.60 -20.12 5.43
C LEU A 516 61.75 -20.34 6.40
N TYR A 517 62.75 -21.13 5.99
CA TYR A 517 63.92 -21.37 6.83
C TYR A 517 64.84 -20.15 6.87
N SER A 518 64.78 -19.30 5.85
CA SER A 518 65.53 -18.05 5.86
C SER A 518 64.97 -17.02 6.84
N ALA A 519 63.69 -17.12 7.23
CA ALA A 519 63.07 -16.14 8.10
C ALA A 519 63.04 -16.60 9.56
N ILE A 520 62.49 -17.79 9.82
CA ILE A 520 62.23 -18.25 11.17
C ILE A 520 62.95 -19.58 11.45
N GLY A 521 64.17 -19.72 10.90
CA GLY A 521 64.87 -20.99 10.95
C GLY A 521 65.40 -21.38 12.32
N GLU A 522 65.62 -20.40 13.20
CA GLU A 522 65.94 -20.74 14.58
C GLU A 522 64.72 -21.26 15.33
N SER A 523 63.52 -20.77 14.99
CA SER A 523 62.29 -21.32 15.54
C SER A 523 61.98 -22.70 14.98
N MET A 524 62.34 -22.94 13.71
CA MET A 524 62.19 -24.27 13.12
C MET A 524 63.21 -25.25 13.68
N LYS A 525 64.38 -24.76 14.10
CA LYS A 525 65.32 -25.61 14.81
C LYS A 525 64.87 -25.86 16.25
N ARG A 526 64.13 -24.91 16.84
CA ARG A 526 63.64 -25.11 18.20
C ARG A 526 62.46 -26.08 18.25
N ILE A 527 61.56 -25.99 17.27
CA ILE A 527 60.34 -26.80 17.30
C ILE A 527 60.63 -28.24 16.86
N PHE A 528 61.28 -28.40 15.71
CA PHE A 528 61.47 -29.72 15.13
C PHE A 528 62.63 -30.49 15.75
N GLU A 529 63.50 -29.81 16.53
CA GLU A 529 64.72 -30.25 17.23
C GLU A 529 65.68 -31.12 16.41
N ASN A 530 65.77 -30.85 15.11
CA ASN A 530 66.57 -31.65 14.19
C ASN A 530 67.64 -30.76 13.57
N GLU A 531 68.67 -31.40 13.02
CA GLU A 531 69.73 -30.65 12.34
C GLU A 531 69.27 -30.16 10.96
N ASP A 532 68.27 -30.81 10.36
CA ASP A 532 67.68 -30.41 9.09
C ASP A 532 66.17 -30.29 9.27
N PRO A 533 65.66 -29.12 9.70
CA PRO A 533 64.21 -28.97 9.86
C PRO A 533 63.49 -28.78 8.53
N VAL A 534 64.21 -28.27 7.53
CA VAL A 534 63.63 -28.05 6.21
C VAL A 534 63.49 -29.39 5.47
N HIS A 535 64.38 -30.35 5.74
CA HIS A 535 64.26 -31.68 5.17
C HIS A 535 63.18 -32.50 5.85
N TYR A 536 62.85 -32.18 7.10
CA TYR A 536 61.82 -32.92 7.83
C TYR A 536 60.42 -32.60 7.35
N LEU A 537 60.17 -31.36 6.89
CA LEU A 537 58.82 -30.99 6.50
C LEU A 537 58.50 -31.50 5.09
N GLN A 538 59.53 -31.81 4.29
CA GLN A 538 59.35 -32.39 2.97
C GLN A 538 58.88 -33.84 3.00
N LYS A 539 59.06 -34.54 4.13
CA LYS A 539 58.68 -35.95 4.24
C LYS A 539 57.17 -36.12 4.30
N SER A 540 56.47 -35.21 4.95
CA SER A 540 55.00 -35.24 5.01
C SER A 540 54.53 -33.80 5.10
N LYS A 541 54.05 -33.26 3.99
CA LYS A 541 53.77 -31.83 3.91
C LYS A 541 52.49 -31.43 4.62
N LEU A 542 51.46 -32.28 4.57
CA LEU A 542 50.18 -31.94 5.17
C LEU A 542 50.17 -32.10 6.68
N PHE A 543 51.09 -32.88 7.24
CA PHE A 543 51.11 -33.15 8.66
C PHE A 543 52.09 -32.24 9.40
N ASN A 544 53.26 -32.01 8.83
CA ASN A 544 54.29 -31.23 9.51
C ASN A 544 54.07 -29.73 9.40
N MET A 545 53.25 -29.28 8.45
CA MET A 545 52.89 -27.86 8.41
C MET A 545 51.89 -27.52 9.50
N VAL A 546 50.98 -28.45 9.82
CA VAL A 546 50.04 -28.27 10.93
C VAL A 546 50.79 -28.34 12.27
N GLU A 547 51.79 -29.21 12.35
CA GLU A 547 52.67 -29.34 13.52
C GLU A 547 53.54 -28.11 13.68
N LEU A 548 53.95 -27.49 12.57
CA LEU A 548 54.67 -26.23 12.62
C LEU A 548 53.78 -25.07 13.07
N VAL A 549 52.59 -24.90 12.46
CA VAL A 549 51.75 -23.75 12.80
C VAL A 549 50.99 -23.92 14.12
N ASN A 550 51.01 -25.10 14.73
CA ASN A 550 50.51 -25.23 16.09
C ASN A 550 51.48 -24.64 17.12
N ASN A 551 52.76 -24.51 16.78
CA ASN A 551 53.79 -24.12 17.73
C ASN A 551 54.36 -22.73 17.51
N LEU A 552 54.14 -22.11 16.35
CA LEU A 552 54.42 -20.69 16.20
C LEU A 552 53.43 -19.83 16.98
N SER A 553 53.86 -18.60 17.24
CA SER A 553 53.10 -17.65 18.04
C SER A 553 53.25 -16.28 17.39
N THR A 554 52.89 -15.25 18.15
CA THR A 554 53.17 -13.86 17.78
C THR A 554 54.68 -13.64 17.86
N LYS A 555 55.19 -12.81 16.93
CA LYS A 555 56.54 -12.36 16.55
C LYS A 555 57.28 -13.43 15.74
N ASP A 556 56.66 -14.57 15.44
CA ASP A 556 57.14 -15.40 14.34
C ASP A 556 56.40 -15.09 13.06
N CYS A 557 55.08 -14.84 13.18
CA CYS A 557 54.26 -14.50 12.02
C CYS A 557 54.54 -13.08 11.54
N PHE A 558 54.94 -12.17 12.44
CA PHE A 558 55.40 -10.86 12.01
C PHE A 558 56.77 -10.91 11.35
N ASP A 559 57.61 -11.87 11.74
CA ASP A 559 58.88 -12.05 11.05
C ASP A 559 58.71 -12.72 9.69
N VAL A 560 57.65 -13.53 9.53
CA VAL A 560 57.30 -14.03 8.21
C VAL A 560 56.72 -12.89 7.34
N PHE A 561 55.85 -12.07 7.94
CA PHE A 561 55.12 -11.04 7.20
C PHE A 561 55.99 -9.86 6.81
N GLU A 562 56.97 -9.51 7.65
CA GLU A 562 57.85 -8.37 7.36
C GLU A 562 59.10 -8.77 6.60
N HIS A 563 59.24 -10.04 6.23
CA HIS A 563 60.38 -10.48 5.44
C HIS A 563 60.21 -10.07 3.99
N GLU A 564 61.34 -9.93 3.29
CA GLU A 564 61.33 -9.53 1.89
C GLU A 564 61.07 -10.68 0.94
N LYS A 565 61.12 -11.93 1.41
CA LYS A 565 60.79 -13.08 0.59
C LYS A 565 59.31 -13.42 0.63
N PHE A 566 58.52 -12.71 1.42
CA PHE A 566 57.08 -12.88 1.54
C PHE A 566 56.37 -11.56 1.32
N ALA A 567 56.71 -10.88 0.21
CA ALA A 567 56.10 -9.61 -0.12
C ALA A 567 54.73 -9.76 -0.78
N CYS A 568 54.35 -10.99 -1.14
CA CYS A 568 53.03 -11.27 -1.71
C CYS A 568 51.93 -11.12 -0.67
N LEU A 569 52.24 -11.35 0.62
CA LEU A 569 51.28 -11.11 1.69
C LEU A 569 51.04 -9.61 1.88
N LYS A 570 52.08 -8.80 1.72
CA LYS A 570 51.92 -7.35 1.76
C LYS A 570 51.24 -6.80 0.52
N GLU A 571 51.36 -7.49 -0.63
CA GLU A 571 50.54 -7.14 -1.78
C GLU A 571 49.08 -7.55 -1.63
N LEU A 572 48.81 -8.67 -0.95
CA LEU A 572 47.46 -9.13 -0.71
C LEU A 572 46.72 -8.29 0.32
N VAL A 573 47.41 -7.83 1.37
CA VAL A 573 46.82 -6.92 2.34
C VAL A 573 46.60 -5.54 1.72
N GLY A 574 47.60 -5.02 1.02
CA GLY A 574 47.44 -3.79 0.27
C GLY A 574 47.71 -2.52 1.05
N SER A 575 48.32 -2.62 2.23
CA SER A 575 48.68 -1.45 3.01
C SER A 575 49.92 -0.80 2.40
N ASP A 576 49.70 0.23 1.59
CA ASP A 576 50.77 0.92 0.90
C ASP A 576 51.38 2.00 1.79
N ARG A 577 52.70 2.17 1.68
CA ARG A 577 53.40 3.18 2.46
C ARG A 577 53.16 4.59 1.94
N GLY A 578 52.97 4.73 0.63
CA GLY A 578 52.74 6.03 0.03
C GLY A 578 51.27 6.42 -0.02
N MET B 1 -14.56 29.45 -27.02
CA MET B 1 -14.58 28.01 -27.27
C MET B 1 -15.73 27.39 -26.50
N LYS B 2 -16.38 26.39 -27.10
CA LYS B 2 -17.53 25.76 -26.47
C LYS B 2 -17.51 24.27 -26.77
N PHE B 3 -17.86 23.45 -25.79
CA PHE B 3 -18.12 22.05 -26.06
C PHE B 3 -19.48 21.90 -26.71
N SER B 4 -19.60 20.94 -27.64
CA SER B 4 -20.87 20.87 -28.38
C SER B 4 -21.53 19.50 -28.35
N ASN B 5 -20.75 18.42 -28.43
CA ASN B 5 -21.32 17.09 -28.61
C ASN B 5 -20.30 16.07 -28.10
N ILE B 6 -20.80 14.86 -27.84
CA ILE B 6 -19.97 13.69 -27.67
C ILE B 6 -20.74 12.50 -28.25
N THR B 7 -20.01 11.50 -28.71
CA THR B 7 -20.58 10.33 -29.36
C THR B 7 -19.78 9.11 -28.94
N ILE B 8 -20.40 8.22 -28.19
CA ILE B 8 -19.71 7.06 -27.62
C ILE B 8 -20.31 5.80 -28.23
N LYS B 9 -19.46 4.99 -28.87
CA LYS B 9 -19.87 3.75 -29.51
C LYS B 9 -19.04 2.59 -28.97
N ASN B 10 -19.73 1.51 -28.56
CA ASN B 10 -19.04 0.30 -28.06
C ASN B 10 -18.12 0.65 -26.90
N PHE B 11 -18.68 1.12 -25.78
CA PHE B 11 -17.85 1.41 -24.58
C PHE B 11 -18.49 0.72 -23.37
N ARG B 12 -18.00 -0.47 -23.01
CA ARG B 12 -18.52 -1.18 -21.81
C ARG B 12 -20.05 -1.30 -21.90
N ASN B 13 -20.78 -0.48 -21.13
CA ASN B 13 -22.26 -0.60 -21.08
C ASN B 13 -22.91 0.23 -22.20
N PHE B 14 -22.14 1.12 -22.85
CA PHE B 14 -22.71 2.01 -23.90
C PHE B 14 -22.59 1.31 -25.25
N GLU B 15 -23.66 1.35 -26.06
CA GLU B 15 -23.57 0.79 -27.40
C GLU B 15 -23.49 1.86 -28.47
N LYS B 16 -24.41 2.84 -28.41
CA LYS B 16 -24.36 4.03 -29.26
C LYS B 16 -25.12 5.13 -28.55
N VAL B 17 -24.40 6.13 -28.03
CA VAL B 17 -25.06 7.31 -27.46
C VAL B 17 -24.46 8.57 -28.08
N ASN B 18 -25.29 9.61 -28.15
CA ASN B 18 -24.97 10.88 -28.80
C ASN B 18 -25.53 11.99 -27.92
N ILE B 19 -24.65 12.64 -27.15
CA ILE B 19 -25.05 13.53 -26.06
C ILE B 19 -24.52 14.93 -26.36
N ASN B 20 -25.42 15.91 -26.44
CA ASN B 20 -25.01 17.31 -26.54
C ASN B 20 -24.46 17.80 -25.21
N LEU B 21 -23.52 18.75 -25.28
CA LEU B 21 -22.80 19.21 -24.10
C LEU B 21 -22.81 20.73 -24.03
N ASP B 22 -22.11 21.24 -23.03
CA ASP B 22 -21.81 22.67 -22.86
C ASP B 22 -20.50 22.77 -22.08
N ASN B 23 -20.19 23.97 -21.60
CA ASN B 23 -19.02 24.14 -20.74
C ASN B 23 -19.29 23.59 -19.34
N LYS B 24 -20.47 23.81 -18.79
CA LYS B 24 -20.85 23.32 -17.48
C LYS B 24 -21.89 22.22 -17.63
N ASN B 25 -21.53 20.99 -17.25
CA ASN B 25 -22.38 19.82 -17.43
C ASN B 25 -22.58 19.10 -16.12
N VAL B 26 -23.82 18.72 -15.81
CA VAL B 26 -24.19 18.03 -14.57
C VAL B 26 -24.83 16.70 -14.95
N ILE B 27 -24.26 15.60 -14.47
CA ILE B 27 -24.62 14.24 -14.88
C ILE B 27 -25.34 13.58 -13.72
N PHE B 28 -26.52 13.01 -13.97
CA PHE B 28 -27.23 12.34 -12.89
C PHE B 28 -28.02 11.15 -13.44
N GLY B 29 -28.40 10.26 -12.53
CA GLY B 29 -29.09 9.05 -12.90
C GLY B 29 -29.13 8.08 -11.72
N MET B 30 -29.54 6.86 -12.01
CA MET B 30 -29.67 5.82 -11.02
C MET B 30 -28.33 5.19 -10.66
N ASN B 31 -28.38 4.23 -9.73
CA ASN B 31 -27.19 3.46 -9.40
C ASN B 31 -26.95 2.37 -10.44
N ASP B 32 -25.66 2.20 -10.80
CA ASP B 32 -25.13 1.30 -11.82
C ASP B 32 -25.78 1.53 -13.18
N ILE B 33 -25.65 2.75 -13.68
CA ILE B 33 -26.27 3.14 -14.94
C ILE B 33 -25.29 3.72 -15.95
N GLY B 34 -24.07 4.11 -15.56
CA GLY B 34 -23.09 4.56 -16.53
C GLY B 34 -22.57 5.96 -16.31
N LYS B 35 -22.67 6.47 -15.08
CA LYS B 35 -22.15 7.79 -14.79
C LYS B 35 -20.62 7.77 -14.64
N THR B 36 -20.08 6.66 -14.14
CA THR B 36 -18.64 6.51 -14.03
C THR B 36 -18.01 6.25 -15.40
N ASN B 37 -18.66 5.44 -16.22
CA ASN B 37 -18.12 5.09 -17.54
C ASN B 37 -18.29 6.21 -18.55
N PHE B 38 -19.19 7.16 -18.30
CA PHE B 38 -19.23 8.37 -19.11
C PHE B 38 -18.06 9.29 -18.76
N LEU B 39 -17.67 9.33 -17.49
CA LEU B 39 -16.55 10.18 -17.08
C LEU B 39 -15.21 9.58 -17.49
N TYR B 40 -15.13 8.25 -17.63
CA TYR B 40 -13.90 7.62 -18.12
C TYR B 40 -13.72 7.77 -19.62
N ALA B 41 -14.78 8.09 -20.37
CA ALA B 41 -14.64 8.32 -21.80
C ALA B 41 -13.95 9.65 -22.09
N LEU B 42 -14.07 10.61 -21.18
CA LEU B 42 -13.30 11.85 -21.28
C LEU B 42 -11.91 11.69 -20.66
N ARG B 43 -11.72 10.69 -19.80
CA ARG B 43 -10.39 10.42 -19.28
C ARG B 43 -9.53 9.70 -20.30
N PHE B 44 -10.13 8.78 -21.08
CA PHE B 44 -9.39 8.07 -22.10
C PHE B 44 -9.10 8.93 -23.31
N LEU B 45 -9.90 9.98 -23.52
CA LEU B 45 -9.69 10.85 -24.69
C LEU B 45 -8.69 11.95 -24.38
N LEU B 46 -8.81 12.61 -23.22
CA LEU B 46 -8.10 13.84 -22.97
C LEU B 46 -6.98 13.74 -21.95
N ASP B 47 -6.96 12.72 -21.11
CA ASP B 47 -5.92 12.55 -20.09
C ASP B 47 -4.96 11.45 -20.51
N LYS B 48 -3.66 11.76 -20.49
CA LYS B 48 -2.64 10.83 -20.97
C LYS B 48 -2.37 9.69 -20.00
N GLU B 49 -2.65 9.88 -18.70
CA GLU B 49 -2.33 8.87 -17.69
C GLU B 49 -3.30 7.71 -17.70
N ILE B 50 -4.50 7.92 -18.23
CA ILE B 50 -5.44 6.83 -18.42
C ILE B 50 -5.29 6.23 -19.82
N ARG B 51 -4.91 7.07 -20.79
CA ARG B 51 -4.76 6.64 -22.17
C ARG B 51 -3.52 5.78 -22.39
N LYS B 52 -2.49 5.94 -21.56
CA LYS B 52 -1.22 5.25 -21.78
C LYS B 52 -1.22 3.78 -21.37
N PHE B 53 -2.28 3.29 -20.73
CA PHE B 53 -2.40 1.88 -20.40
C PHE B 53 -3.19 1.07 -21.42
N GLY B 54 -3.94 1.73 -22.30
CA GLY B 54 -4.70 1.04 -23.32
C GLY B 54 -6.00 0.46 -22.78
N PHE B 55 -6.70 -0.23 -23.67
CA PHE B 55 -7.96 -0.88 -23.33
C PHE B 55 -7.73 -2.37 -23.08
N ASN B 56 -8.50 -2.92 -22.14
CA ASN B 56 -8.48 -4.34 -21.86
C ASN B 56 -9.55 -5.04 -22.69
N LYS B 57 -9.84 -6.30 -22.36
CA LYS B 57 -10.98 -6.99 -22.96
C LYS B 57 -12.29 -6.52 -22.36
N SER B 58 -12.26 -6.05 -21.10
CA SER B 58 -13.47 -5.68 -20.37
C SER B 58 -13.98 -4.30 -20.71
N ASP B 59 -13.25 -3.51 -21.51
CA ASP B 59 -13.67 -2.19 -21.93
C ASP B 59 -14.54 -2.21 -23.17
N TYR B 60 -14.79 -3.38 -23.75
CA TYR B 60 -15.62 -3.51 -24.93
C TYR B 60 -17.04 -3.86 -24.53
N HIS B 61 -17.96 -3.69 -25.47
CA HIS B 61 -19.38 -3.87 -25.19
C HIS B 61 -19.73 -5.36 -25.24
N LYS B 62 -20.26 -5.86 -24.10
CA LYS B 62 -20.64 -7.27 -23.83
C LYS B 62 -19.48 -8.25 -24.02
N HIS B 63 -18.25 -7.79 -23.72
CA HIS B 63 -16.96 -8.49 -23.90
C HIS B 63 -16.76 -9.00 -25.32
N ASP B 64 -17.19 -8.21 -26.31
CA ASP B 64 -17.12 -8.59 -27.71
C ASP B 64 -16.04 -7.74 -28.36
N THR B 65 -14.97 -8.38 -28.81
CA THR B 65 -13.78 -7.68 -29.28
C THR B 65 -13.77 -7.45 -30.78
N SER B 66 -14.78 -7.92 -31.51
CA SER B 66 -14.82 -7.72 -32.95
C SER B 66 -15.22 -6.30 -33.32
N LYS B 67 -16.13 -5.71 -32.54
CA LYS B 67 -16.54 -4.34 -32.77
C LYS B 67 -15.48 -3.37 -32.27
N LYS B 68 -15.56 -2.13 -32.75
CA LYS B 68 -14.54 -1.14 -32.45
C LYS B 68 -15.10 -0.01 -31.59
N ILE B 69 -14.23 0.54 -30.74
CA ILE B 69 -14.58 1.64 -29.86
C ILE B 69 -14.26 2.95 -30.59
N GLU B 70 -15.22 3.86 -30.63
CA GLU B 70 -14.97 5.18 -31.19
C GLU B 70 -15.60 6.25 -30.31
N ILE B 71 -14.79 7.22 -29.88
CA ILE B 71 -15.24 8.32 -29.04
C ILE B 71 -14.88 9.63 -29.74
N ILE B 72 -15.88 10.41 -30.14
CA ILE B 72 -15.69 11.62 -30.94
C ILE B 72 -16.24 12.81 -30.15
N LEU B 73 -15.42 13.85 -29.99
CA LEU B 73 -15.81 15.08 -29.29
C LEU B 73 -15.83 16.25 -30.27
N THR B 74 -16.88 17.06 -30.19
CA THR B 74 -17.08 18.22 -31.06
C THR B 74 -16.86 19.51 -30.27
N LEU B 75 -16.06 20.41 -30.83
CA LEU B 75 -15.85 21.73 -30.28
C LEU B 75 -16.34 22.79 -31.27
N ASP B 76 -16.93 23.86 -30.72
CA ASP B 76 -17.32 25.04 -31.47
C ASP B 76 -16.31 26.14 -31.21
N LEU B 77 -15.78 26.72 -32.30
CA LEU B 77 -14.67 27.65 -32.25
C LEU B 77 -15.04 29.01 -32.84
N SER B 78 -16.30 29.42 -32.72
CA SER B 78 -16.76 30.66 -33.35
C SER B 78 -16.43 31.90 -32.55
N ASN B 79 -15.90 31.75 -31.34
CA ASN B 79 -15.53 32.86 -30.47
C ASN B 79 -14.03 33.09 -30.46
N TYR B 80 -13.40 33.01 -31.65
CA TYR B 80 -11.94 33.18 -31.80
C TYR B 80 -11.48 34.59 -31.47
N GLU B 81 -12.31 35.60 -31.76
CA GLU B 81 -11.96 36.98 -31.48
C GLU B 81 -12.07 37.34 -29.99
N LYS B 82 -12.78 36.53 -29.19
CA LYS B 82 -13.04 36.86 -27.81
C LYS B 82 -12.42 35.90 -26.79
N ASP B 83 -12.11 34.67 -27.17
CA ASP B 83 -11.61 33.67 -26.23
C ASP B 83 -10.12 33.42 -26.44
N GLU B 84 -9.41 33.25 -25.32
CA GLU B 84 -8.00 32.89 -25.37
C GLU B 84 -7.79 31.40 -25.54
N ASP B 85 -8.82 30.58 -25.23
CA ASP B 85 -8.68 29.13 -25.30
C ASP B 85 -8.76 28.64 -26.74
N THR B 86 -9.47 29.38 -27.59
CA THR B 86 -9.58 29.05 -29.01
C THR B 86 -8.23 29.26 -29.70
N LYS B 87 -7.51 30.33 -29.32
CA LYS B 87 -6.15 30.55 -29.77
C LYS B 87 -5.15 29.57 -29.16
N LYS B 88 -5.46 29.00 -27.98
CA LYS B 88 -4.66 27.90 -27.46
C LYS B 88 -4.85 26.63 -28.26
N LEU B 89 -6.06 26.40 -28.77
CA LEU B 89 -6.28 25.20 -29.59
C LEU B 89 -5.68 25.33 -30.99
N ILE B 90 -5.90 26.48 -31.66
CA ILE B 90 -5.54 26.69 -33.08
C ILE B 90 -4.02 26.70 -33.30
N SER B 91 -3.25 27.14 -32.30
CA SER B 91 -1.78 27.18 -32.39
C SER B 91 -1.10 25.82 -32.32
N VAL B 92 -1.83 24.75 -32.02
CA VAL B 92 -1.30 23.39 -32.08
C VAL B 92 -1.76 22.67 -33.35
N VAL B 93 -3.05 22.82 -33.69
CA VAL B 93 -3.66 22.10 -34.85
C VAL B 93 -3.60 22.96 -36.13
N LYS B 94 -2.58 23.80 -36.26
CA LYS B 94 -2.50 24.77 -37.39
C LYS B 94 -2.83 24.22 -38.79
N GLY B 95 -2.24 23.10 -39.22
CA GLY B 95 -2.40 22.71 -40.61
C GLY B 95 -3.63 21.91 -40.96
N ALA B 96 -4.40 21.43 -39.98
CA ALA B 96 -5.43 20.44 -40.26
C ALA B 96 -6.83 21.01 -40.39
N ARG B 97 -7.02 22.31 -40.21
CA ARG B 97 -8.33 22.90 -40.45
C ARG B 97 -8.54 23.09 -41.95
N THR B 98 -9.80 23.01 -42.37
CA THR B 98 -10.08 22.80 -43.79
C THR B 98 -10.53 24.05 -44.54
N SER B 99 -10.86 25.14 -43.85
CA SER B 99 -11.22 26.38 -44.53
C SER B 99 -10.79 27.55 -43.65
N ALA B 100 -11.02 28.77 -44.18
CA ALA B 100 -10.69 29.97 -43.42
C ALA B 100 -11.84 30.43 -42.53
N ASN B 101 -12.98 29.74 -42.57
CA ASN B 101 -14.15 30.08 -41.77
C ASN B 101 -14.80 28.83 -41.21
N ALA B 102 -14.00 27.83 -40.82
CA ALA B 102 -14.53 26.61 -40.23
C ALA B 102 -14.48 26.76 -38.71
N ASP B 103 -15.65 26.69 -38.07
CA ASP B 103 -15.77 26.84 -36.64
C ASP B 103 -16.07 25.54 -35.91
N VAL B 104 -16.01 24.41 -36.61
CA VAL B 104 -16.23 23.11 -35.99
C VAL B 104 -14.87 22.40 -35.87
N PHE B 105 -14.72 21.60 -34.82
CA PHE B 105 -13.52 20.80 -34.68
C PHE B 105 -13.87 19.46 -34.07
N TYR B 106 -13.14 18.42 -34.46
CA TYR B 106 -13.43 17.05 -34.06
C TYR B 106 -12.16 16.43 -33.49
N ILE B 107 -12.26 15.90 -32.28
CA ILE B 107 -11.19 15.14 -31.65
C ILE B 107 -11.72 13.72 -31.47
N ALA B 108 -11.11 12.75 -32.13
CA ALA B 108 -11.63 11.40 -32.22
C ALA B 108 -10.66 10.40 -31.60
N LEU B 109 -11.23 9.27 -31.19
CA LEU B 109 -10.50 8.16 -30.60
C LEU B 109 -11.02 6.88 -31.25
N GLU B 110 -10.11 6.07 -31.79
CA GLU B 110 -10.45 4.77 -32.35
C GLU B 110 -9.66 3.69 -31.61
N SER B 111 -10.22 2.48 -31.59
CA SER B 111 -9.56 1.36 -30.94
C SER B 111 -9.97 0.05 -31.60
N LYS B 112 -9.04 -0.89 -31.63
CA LYS B 112 -9.28 -2.19 -32.24
C LYS B 112 -8.45 -3.24 -31.52
N TYR B 113 -9.10 -4.31 -31.09
CA TYR B 113 -8.46 -5.32 -30.24
C TYR B 113 -7.56 -6.24 -31.06
N ASP B 114 -6.42 -6.59 -30.47
CA ASP B 114 -5.50 -7.57 -31.03
C ASP B 114 -5.52 -8.81 -30.16
N ASP B 115 -5.86 -9.94 -30.77
CA ASP B 115 -6.15 -11.18 -30.06
C ASP B 115 -4.91 -12.00 -29.73
N LYS B 116 -3.85 -11.87 -30.52
CA LYS B 116 -2.62 -12.63 -30.28
C LYS B 116 -1.86 -12.08 -29.08
N GLU B 117 -1.72 -10.76 -29.00
CA GLU B 117 -1.07 -10.11 -27.88
C GLU B 117 -2.04 -9.64 -26.81
N LEU B 118 -3.36 -9.75 -27.07
CA LEU B 118 -4.48 -9.41 -26.18
C LEU B 118 -4.45 -7.96 -25.72
N TYR B 119 -4.31 -7.05 -26.68
CA TYR B 119 -4.10 -5.64 -26.37
C TYR B 119 -5.04 -4.75 -27.16
N GLY B 120 -5.54 -3.70 -26.51
CA GLY B 120 -6.35 -2.72 -27.18
C GLY B 120 -5.60 -1.42 -27.39
N ASN B 121 -5.24 -1.12 -28.63
CA ASN B 121 -4.44 0.06 -28.94
C ASN B 121 -5.35 1.25 -29.18
N ILE B 122 -4.95 2.41 -28.68
CA ILE B 122 -5.73 3.63 -28.74
C ILE B 122 -5.07 4.56 -29.74
N ILE B 123 -5.81 4.92 -30.80
CA ILE B 123 -5.30 5.78 -31.84
C ILE B 123 -6.14 7.06 -31.83
N LEU B 124 -5.47 8.19 -31.63
CA LEU B 124 -6.12 9.49 -31.52
C LEU B 124 -6.04 10.25 -32.83
N LYS B 125 -7.12 10.91 -33.21
CA LYS B 125 -7.14 11.62 -34.53
C LYS B 125 -7.98 12.89 -34.40
N TRP B 126 -7.64 13.92 -35.17
CA TRP B 126 -8.40 15.18 -35.12
C TRP B 126 -8.55 15.78 -36.51
N GLY B 127 -9.54 16.64 -36.70
CA GLY B 127 -9.75 17.30 -38.00
C GLY B 127 -10.95 18.22 -37.97
N SER B 128 -11.07 19.11 -38.95
CA SER B 128 -12.27 19.99 -39.05
C SER B 128 -13.35 19.26 -39.85
N GLU B 129 -12.96 18.18 -40.55
CA GLU B 129 -13.95 17.42 -41.29
C GLU B 129 -13.95 16.00 -40.76
N LEU B 130 -15.15 15.45 -40.54
CA LEU B 130 -15.30 14.12 -39.95
C LEU B 130 -14.92 13.00 -40.91
N ASP B 131 -14.95 13.25 -42.23
CA ASP B 131 -14.50 12.24 -43.19
C ASP B 131 -12.99 12.24 -43.36
N ASN B 132 -12.33 13.35 -43.04
CA ASN B 132 -10.90 13.50 -43.33
C ASN B 132 -10.08 13.77 -42.08
N LEU B 133 -10.29 12.97 -41.04
CA LEU B 133 -9.47 13.06 -39.83
C LEU B 133 -8.08 12.50 -40.10
N ILE B 134 -7.05 13.19 -39.59
CA ILE B 134 -5.68 12.75 -39.70
C ILE B 134 -5.17 12.39 -38.31
N ASP B 135 -4.05 11.68 -38.26
CA ASP B 135 -3.48 11.27 -36.99
C ASP B 135 -2.75 12.43 -36.32
N ILE B 136 -2.84 12.46 -35.00
CA ILE B 136 -2.18 13.48 -34.19
C ILE B 136 -0.68 13.22 -34.16
N PRO B 137 0.16 14.18 -34.56
CA PRO B 137 1.60 13.96 -34.51
C PRO B 137 2.17 14.04 -33.10
N GLY B 138 3.25 13.31 -32.89
CA GLY B 138 3.94 13.33 -31.62
C GLY B 138 5.25 12.58 -31.74
N ARG B 139 6.08 12.72 -30.70
CA ARG B 139 7.37 12.06 -30.64
C ARG B 139 7.53 11.44 -29.27
N GLY B 140 7.67 10.13 -29.23
CA GLY B 140 7.90 9.45 -27.96
C GLY B 140 6.61 9.22 -27.21
N ASN B 141 6.58 9.66 -25.95
CA ASN B 141 5.44 9.46 -25.07
C ASN B 141 4.45 10.60 -25.11
N ILE B 142 4.71 11.64 -25.90
CA ILE B 142 3.95 12.89 -25.88
C ILE B 142 3.38 13.14 -27.27
N ASN B 143 2.06 13.24 -27.35
CA ASN B 143 1.40 13.70 -28.57
C ASN B 143 0.95 15.14 -28.36
N ALA B 144 0.23 15.69 -29.33
CA ALA B 144 0.00 17.12 -29.37
C ALA B 144 -1.26 17.59 -28.63
N LEU B 145 -2.13 16.68 -28.15
CA LEU B 145 -3.20 17.12 -27.26
C LEU B 145 -2.72 17.45 -25.86
N ASP B 146 -1.54 16.97 -25.46
CA ASP B 146 -1.04 17.16 -24.11
C ASP B 146 -0.51 18.57 -23.86
N ASN B 147 -0.25 19.34 -24.93
CA ASN B 147 0.21 20.71 -24.82
C ASN B 147 -0.92 21.71 -24.65
N VAL B 148 -2.18 21.27 -24.82
CA VAL B 148 -3.32 22.17 -24.80
C VAL B 148 -4.30 21.86 -23.67
N PHE B 149 -4.52 20.58 -23.35
CA PHE B 149 -5.55 20.18 -22.39
C PHE B 149 -4.91 19.66 -21.11
N LYS B 150 -5.37 20.16 -19.98
CA LYS B 150 -5.02 19.63 -18.66
C LYS B 150 -6.31 19.22 -17.97
N VAL B 151 -6.37 17.97 -17.53
CA VAL B 151 -7.56 17.40 -16.90
C VAL B 151 -7.26 17.23 -15.42
N ILE B 152 -8.07 17.88 -14.59
CA ILE B 152 -7.99 17.75 -13.14
C ILE B 152 -9.16 16.89 -12.69
N TYR B 153 -8.86 15.72 -12.14
CA TYR B 153 -9.86 14.77 -11.70
C TYR B 153 -10.01 14.88 -10.18
N ILE B 154 -11.20 15.23 -9.73
CA ILE B 154 -11.47 15.52 -8.32
C ILE B 154 -12.32 14.40 -7.77
N ASN B 155 -11.78 13.69 -6.79
CA ASN B 155 -12.45 12.59 -6.12
C ASN B 155 -12.24 12.84 -4.63
N PRO B 156 -13.26 12.68 -3.80
CA PRO B 156 -13.05 12.87 -2.34
C PRO B 156 -12.42 11.67 -1.65
N LEU B 157 -12.21 10.55 -2.35
CA LEU B 157 -11.57 9.39 -1.73
C LEU B 157 -10.08 9.57 -1.55
N VAL B 158 -9.45 10.44 -2.35
CA VAL B 158 -8.02 10.73 -2.18
C VAL B 158 -7.88 11.77 -1.08
N ASP B 159 -6.76 11.73 -0.36
CA ASP B 159 -6.52 12.66 0.74
C ASP B 159 -5.64 13.80 0.24
N LEU B 160 -5.18 14.64 1.17
CA LEU B 160 -4.29 15.74 0.82
C LEU B 160 -2.83 15.32 0.74
N ASP B 161 -2.49 14.11 1.19
CA ASP B 161 -1.10 13.68 1.26
C ASP B 161 -0.52 13.32 -0.10
N LYS B 162 -1.32 12.67 -0.96
CA LYS B 162 -0.83 12.26 -2.27
C LYS B 162 -0.74 13.42 -3.25
N LEU B 163 -1.57 14.44 -3.08
CA LEU B 163 -1.35 15.69 -3.80
C LEU B 163 -0.26 16.53 -3.15
N PHE B 164 -0.05 16.37 -1.84
CA PHE B 164 0.94 17.15 -1.11
C PHE B 164 2.36 16.67 -1.40
N ALA B 165 2.51 15.38 -1.72
CA ALA B 165 3.80 14.85 -2.17
C ALA B 165 4.20 15.38 -3.54
N GLN B 166 3.22 15.65 -4.41
CA GLN B 166 3.53 16.39 -5.64
C GLN B 166 3.73 17.87 -5.35
N ASN B 167 3.07 18.40 -4.31
CA ASN B 167 3.23 19.80 -3.93
C ASN B 167 4.60 20.11 -3.32
N LYS B 168 5.31 19.09 -2.81
CA LYS B 168 6.70 19.25 -2.36
C LYS B 168 7.65 19.62 -3.50
N LYS B 169 7.39 19.17 -4.73
CA LYS B 169 8.15 19.69 -5.85
C LYS B 169 7.43 20.83 -6.57
N TYR B 170 6.12 21.02 -6.33
CA TYR B 170 5.44 22.17 -6.91
C TYR B 170 5.78 23.47 -6.18
N ILE B 171 6.24 23.41 -4.92
CA ILE B 171 6.81 24.56 -4.23
C ILE B 171 8.11 25.01 -4.92
N PHE B 172 8.93 24.05 -5.35
CA PHE B 172 10.12 24.34 -6.15
C PHE B 172 9.76 24.84 -7.56
N GLU B 173 8.62 24.40 -8.09
CA GLU B 173 8.11 24.98 -9.34
C GLU B 173 7.62 26.41 -9.15
N GLU B 174 7.08 26.73 -7.97
CA GLU B 174 6.69 28.10 -7.65
C GLU B 174 7.91 29.01 -7.49
N SER B 175 8.97 28.49 -6.86
CA SER B 175 10.15 29.31 -6.57
C SER B 175 10.99 29.55 -7.82
N GLN B 176 10.91 28.65 -8.79
CA GLN B 176 11.63 28.84 -10.05
C GLN B 176 10.80 29.62 -11.06
N GLY B 177 9.47 29.45 -11.04
CA GLY B 177 8.63 29.96 -12.10
C GLY B 177 8.21 31.41 -11.89
N ASN B 178 7.16 31.79 -12.65
CA ASN B 178 6.44 33.08 -12.61
C ASN B 178 7.32 34.29 -12.94
N GLU B 179 8.36 34.06 -13.76
CA GLU B 179 9.40 35.03 -14.17
C GLU B 179 10.08 35.71 -12.98
N SER B 180 10.43 34.88 -11.99
CA SER B 180 11.10 35.25 -10.71
C SER B 180 10.32 36.30 -9.91
N ASP B 181 9.00 36.11 -9.81
CA ASP B 181 8.17 36.97 -8.98
C ASP B 181 8.38 36.64 -7.51
N GLU B 182 8.76 35.40 -7.19
CA GLU B 182 9.13 35.00 -5.84
C GLU B 182 10.66 35.12 -5.65
N GLY B 183 11.35 35.73 -6.63
CA GLY B 183 12.77 36.08 -6.50
C GLY B 183 13.06 37.18 -5.50
N ILE B 184 12.06 38.00 -5.18
CA ILE B 184 12.15 38.89 -4.02
C ILE B 184 12.15 38.08 -2.72
N LEU B 185 11.38 36.99 -2.69
CA LEU B 185 11.35 36.13 -1.51
C LEU B 185 12.40 35.03 -1.54
N ASN B 186 13.09 34.81 -2.67
CA ASN B 186 13.96 33.65 -2.83
C ASN B 186 15.27 33.73 -2.06
N ASN B 187 15.75 34.93 -1.72
CA ASN B 187 16.91 35.00 -0.83
C ASN B 187 16.52 34.72 0.61
N ILE B 188 15.29 35.03 0.99
CA ILE B 188 14.80 34.78 2.35
C ILE B 188 13.89 33.57 2.43
N LYS B 189 13.61 32.90 1.31
CA LYS B 189 13.16 31.51 1.39
C LYS B 189 14.32 30.55 1.60
N SER B 190 15.54 31.00 1.30
CA SER B 190 16.73 30.29 1.75
C SER B 190 17.00 30.54 3.23
N LEU B 191 16.48 31.64 3.78
CA LEU B 191 16.45 31.82 5.23
C LEU B 191 15.50 30.82 5.89
N THR B 192 14.37 30.53 5.24
CA THR B 192 13.49 29.46 5.74
C THR B 192 14.07 28.08 5.44
N ASP B 193 14.94 27.96 4.44
CA ASP B 193 15.62 26.68 4.20
C ASP B 193 16.68 26.43 5.27
N GLN B 194 17.33 27.48 5.77
CA GLN B 194 18.31 27.28 6.83
C GLN B 194 17.69 27.28 8.22
N VAL B 195 16.38 27.54 8.34
CA VAL B 195 15.63 27.20 9.55
C VAL B 195 15.61 25.67 9.71
N ASN B 196 15.47 24.95 8.60
CA ASN B 196 15.66 23.51 8.53
C ASN B 196 17.12 23.05 8.56
N GLN B 197 18.11 23.96 8.66
CA GLN B 197 19.49 23.55 8.86
C GLN B 197 19.91 23.53 10.32
N GLN B 198 19.52 24.51 11.14
CA GLN B 198 19.72 24.42 12.59
C GLN B 198 18.56 23.77 13.33
N ILE B 199 17.76 22.93 12.67
CA ILE B 199 17.09 21.87 13.40
C ILE B 199 17.98 20.64 13.48
N GLY B 200 19.07 20.61 12.72
CA GLY B 200 20.02 19.51 12.79
C GLY B 200 21.02 19.59 13.92
N GLU B 201 21.01 20.67 14.71
CA GLU B 201 21.92 20.80 15.85
C GLU B 201 21.22 20.82 17.20
N MET B 202 20.01 20.29 17.32
CA MET B 202 19.65 19.79 18.64
C MET B 202 20.40 18.49 18.90
N THR B 203 20.66 18.22 20.18
CA THR B 203 21.48 17.07 20.54
C THR B 203 20.74 15.74 20.45
N ILE B 204 19.41 15.75 20.32
CA ILE B 204 18.69 14.49 20.10
C ILE B 204 18.83 14.05 18.63
N ILE B 205 19.10 14.98 17.72
CA ILE B 205 19.41 14.63 16.34
C ILE B 205 20.91 14.42 16.16
N LYS B 206 21.73 15.28 16.78
CA LYS B 206 23.19 15.22 16.70
C LYS B 206 23.77 14.00 17.42
N GLY B 207 23.07 13.46 18.42
CA GLY B 207 23.48 12.18 18.98
C GLY B 207 23.17 11.02 18.05
N PHE B 208 22.03 11.09 17.35
CA PHE B 208 21.62 10.05 16.39
C PHE B 208 22.54 10.01 15.18
N GLN B 209 22.96 11.19 14.70
CA GLN B 209 23.83 11.32 13.53
C GLN B 209 25.24 10.81 13.80
N GLN B 210 25.68 10.83 15.05
CA GLN B 210 26.96 10.26 15.43
C GLN B 210 26.86 8.78 15.75
N GLU B 211 25.83 8.37 16.51
CA GLU B 211 25.75 7.01 17.00
C GLU B 211 25.31 6.01 15.94
N ILE B 212 24.51 6.44 14.96
CA ILE B 212 24.13 5.56 13.85
C ILE B 212 25.32 5.31 12.92
N THR B 213 26.16 6.34 12.71
CA THR B 213 27.37 6.21 11.92
C THR B 213 28.44 5.38 12.64
N SER B 214 28.53 5.52 13.96
CA SER B 214 29.43 4.68 14.75
C SER B 214 28.94 3.24 14.88
N GLU B 215 27.63 3.00 14.82
CA GLU B 215 27.15 1.63 14.74
C GLU B 215 27.32 1.04 13.33
N TYR B 216 27.24 1.88 12.30
CA TYR B 216 27.39 1.42 10.93
C TYR B 216 28.84 1.12 10.56
N ARG B 217 29.80 1.82 11.17
CA ARG B 217 31.21 1.68 10.81
C ARG B 217 31.93 0.62 11.65
N SER B 218 31.21 -0.35 12.19
CA SER B 218 31.82 -1.51 12.84
C SER B 218 31.77 -2.75 11.96
N LEU B 219 31.29 -2.63 10.73
CA LEU B 219 31.17 -3.75 9.81
C LEU B 219 32.39 -3.87 8.90
N LYS B 220 32.66 -2.84 8.10
CA LYS B 220 33.79 -2.84 7.20
C LYS B 220 34.56 -1.53 7.21
N LYS B 221 34.16 -0.57 8.08
CA LYS B 221 34.59 0.84 8.11
C LYS B 221 34.43 1.51 6.75
N GLU B 222 33.18 1.52 6.28
CA GLU B 222 32.86 2.07 4.97
C GLU B 222 32.87 3.59 5.00
N GLU B 223 33.05 4.18 3.82
CA GLU B 223 33.08 5.64 3.68
C GLU B 223 31.67 6.16 3.39
N VAL B 224 30.83 6.09 4.42
CA VAL B 224 29.45 6.50 4.34
C VAL B 224 29.20 7.61 5.34
N SER B 225 28.00 8.20 5.24
CA SER B 225 27.48 9.13 6.24
C SER B 225 25.98 9.02 6.22
N ILE B 226 25.36 9.21 7.38
CA ILE B 226 23.91 9.12 7.52
C ILE B 226 23.39 10.51 7.87
N GLU B 227 22.48 11.02 7.05
CA GLU B 227 21.90 12.35 7.25
C GLU B 227 20.38 12.24 7.37
N LEU B 228 19.79 13.30 7.91
CA LEU B 228 18.35 13.34 8.19
C LEU B 228 17.77 14.66 7.67
N LYS B 229 16.61 14.58 7.04
CA LYS B 229 15.91 15.76 6.56
C LYS B 229 14.41 15.48 6.51
N SER B 230 13.61 16.54 6.67
CA SER B 230 12.16 16.41 6.73
C SER B 230 11.47 17.12 5.58
N GLU B 231 11.68 18.44 5.42
CA GLU B 231 11.12 19.34 4.39
C GLU B 231 9.59 19.35 4.37
N MET B 232 9.02 19.85 5.46
CA MET B 232 7.57 19.95 5.57
C MET B 232 7.11 21.38 5.29
N ALA B 233 5.78 21.54 5.26
CA ALA B 233 5.15 22.84 5.08
C ALA B 233 3.79 22.84 5.78
N ILE B 234 3.30 24.04 6.07
CA ILE B 234 2.00 24.21 6.71
C ILE B 234 1.11 25.07 5.83
N LYS B 235 -0.19 25.02 6.10
CA LYS B 235 -1.16 25.81 5.35
C LYS B 235 -1.94 26.73 6.28
N ASP B 259 -12.93 14.99 7.31
CA ASP B 259 -12.85 14.63 5.89
C ASP B 259 -13.56 15.68 5.03
N GLY B 260 -13.82 16.84 5.61
CA GLY B 260 -14.43 17.93 4.86
C GLY B 260 -13.57 19.16 4.74
N ARG B 261 -12.74 19.44 5.76
CA ARG B 261 -11.84 20.57 5.69
C ARG B 261 -10.56 20.24 4.93
N ARG B 262 -10.16 18.96 4.89
CA ARG B 262 -9.09 18.51 4.01
C ARG B 262 -9.52 18.61 2.55
N LYS B 263 -10.79 18.27 2.28
CA LYS B 263 -11.35 18.35 0.93
C LYS B 263 -11.55 19.80 0.48
N MET B 264 -12.01 20.67 1.39
CA MET B 264 -12.12 22.10 1.09
C MET B 264 -10.77 22.80 1.04
N LEU B 265 -9.75 22.23 1.68
CA LEU B 265 -8.38 22.71 1.46
C LEU B 265 -7.88 22.29 0.08
N SER B 266 -8.20 21.06 -0.34
CA SER B 266 -7.73 20.54 -1.62
C SER B 266 -8.43 21.17 -2.81
N TYR B 267 -9.65 21.68 -2.61
CA TYR B 267 -10.33 22.46 -3.66
C TYR B 267 -9.63 23.79 -3.91
N SER B 268 -9.19 24.47 -2.84
CA SER B 268 -8.43 25.71 -2.98
C SER B 268 -7.02 25.44 -3.49
N ILE B 269 -6.45 24.27 -3.18
CA ILE B 269 -5.16 23.85 -3.71
C ILE B 269 -5.22 23.61 -5.22
N TYR B 270 -6.29 22.94 -5.69
CA TYR B 270 -6.51 22.72 -7.13
C TYR B 270 -6.83 24.01 -7.88
N ASN B 271 -7.58 24.93 -7.25
CA ASN B 271 -7.86 26.23 -7.88
C ASN B 271 -6.62 27.12 -7.92
N TYR B 272 -5.76 27.04 -6.90
CA TYR B 272 -4.51 27.79 -6.85
C TYR B 272 -3.49 27.26 -7.85
N LEU B 273 -3.42 25.93 -8.01
CA LEU B 273 -2.54 25.34 -9.00
C LEU B 273 -3.06 25.54 -10.42
N ALA B 274 -4.38 25.65 -10.59
CA ALA B 274 -4.92 25.98 -11.90
C ALA B 274 -4.71 27.45 -12.24
N LYS B 275 -4.66 28.32 -11.23
CA LYS B 275 -4.38 29.73 -11.51
C LYS B 275 -2.90 29.97 -11.79
N LYS B 276 -2.01 29.22 -11.15
CA LYS B 276 -0.58 29.49 -11.35
C LYS B 276 0.05 28.73 -12.51
N LYS B 277 -0.12 27.40 -12.54
CA LYS B 277 0.61 26.57 -13.50
C LYS B 277 0.00 26.64 -14.90
N TYR B 278 -1.32 26.54 -14.98
CA TYR B 278 -2.02 26.20 -16.22
C TYR B 278 -2.67 27.41 -16.87
N GLU B 279 -1.96 28.55 -16.88
CA GLU B 279 -2.44 29.71 -17.63
C GLU B 279 -2.29 29.53 -19.14
N ASP B 280 -1.39 28.65 -19.58
CA ASP B 280 -1.20 28.36 -20.99
C ASP B 280 -1.96 27.11 -21.46
N LYS B 281 -2.78 26.50 -20.60
CA LYS B 281 -3.49 25.28 -20.94
C LYS B 281 -4.98 25.45 -20.68
N ILE B 282 -5.77 24.60 -21.33
CA ILE B 282 -7.21 24.56 -21.13
C ILE B 282 -7.51 23.54 -20.05
N VAL B 283 -8.13 23.98 -18.95
CA VAL B 283 -8.31 23.15 -17.77
C VAL B 283 -9.73 22.60 -17.75
N ILE B 284 -9.84 21.27 -17.69
CA ILE B 284 -11.11 20.57 -17.64
C ILE B 284 -11.22 19.87 -16.30
N TYR B 285 -12.28 20.17 -15.55
CA TYR B 285 -12.50 19.56 -14.24
C TYR B 285 -13.43 18.36 -14.39
N LEU B 286 -13.05 17.25 -13.81
CA LEU B 286 -13.92 16.06 -13.76
C LEU B 286 -14.17 15.79 -12.28
N ILE B 287 -15.27 16.31 -11.76
CA ILE B 287 -15.56 16.28 -10.33
C ILE B 287 -16.55 15.15 -10.10
N GLU B 288 -16.06 14.03 -9.57
CA GLU B 288 -16.90 12.85 -9.36
C GLU B 288 -17.33 12.77 -7.91
N GLU B 289 -18.65 12.87 -7.68
CA GLU B 289 -19.40 12.80 -6.43
C GLU B 289 -18.89 13.74 -5.33
N PRO B 290 -19.05 15.06 -5.45
CA PRO B 290 -18.47 15.96 -4.46
C PRO B 290 -19.32 16.21 -3.23
N GLU B 291 -20.35 15.41 -2.97
CA GLU B 291 -21.13 15.51 -1.74
C GLU B 291 -20.70 14.49 -0.70
N ILE B 292 -19.62 13.75 -0.96
CA ILE B 292 -19.13 12.73 -0.04
C ILE B 292 -18.41 13.42 1.11
N SER B 293 -18.93 13.23 2.32
CA SER B 293 -18.45 13.79 3.61
C SER B 293 -18.37 15.32 3.61
N LEU B 294 -19.35 15.95 2.97
CA LEU B 294 -19.56 17.38 3.12
C LEU B 294 -20.91 17.66 3.76
N HIS B 295 -20.97 18.78 4.47
CA HIS B 295 -22.19 19.26 5.11
C HIS B 295 -23.11 19.86 4.06
N ARG B 296 -24.38 20.06 4.45
CA ARG B 296 -25.41 20.62 3.59
C ARG B 296 -25.11 22.06 3.19
N SER B 297 -24.64 22.87 4.15
CA SER B 297 -24.27 24.26 3.87
C SER B 297 -22.99 24.37 3.06
N MET B 298 -22.08 23.39 3.20
CA MET B 298 -20.90 23.33 2.36
C MET B 298 -21.25 22.89 0.94
N GLN B 299 -22.31 22.11 0.78
CA GLN B 299 -22.82 21.78 -0.56
C GLN B 299 -23.46 23.00 -1.23
N ILE B 300 -24.14 23.85 -0.46
CA ILE B 300 -24.70 25.10 -0.98
C ILE B 300 -23.59 26.09 -1.35
N ALA B 301 -22.51 26.13 -0.55
CA ALA B 301 -21.35 26.98 -0.84
C ALA B 301 -20.56 26.51 -2.06
N LEU B 302 -20.43 25.19 -2.23
CA LEU B 302 -19.78 24.61 -3.40
C LEU B 302 -20.62 24.81 -4.66
N SER B 303 -21.95 24.78 -4.54
CA SER B 303 -22.84 25.07 -5.66
C SER B 303 -22.76 26.53 -6.10
N LYS B 304 -22.64 27.46 -5.13
CA LYS B 304 -22.47 28.87 -5.44
C LYS B 304 -21.11 29.16 -6.09
N GLN B 305 -20.06 28.46 -5.63
CA GLN B 305 -18.73 28.59 -6.25
C GLN B 305 -18.68 27.98 -7.65
N LEU B 306 -19.40 26.88 -7.87
CA LEU B 306 -19.36 26.21 -9.17
C LEU B 306 -20.21 26.91 -10.21
N PHE B 307 -21.33 27.53 -9.81
CA PHE B 307 -22.22 28.10 -10.80
C PHE B 307 -22.23 29.63 -10.83
N GLU B 308 -21.54 30.31 -9.92
CA GLU B 308 -21.49 31.77 -9.99
C GLU B 308 -20.10 32.32 -10.26
N GLN B 309 -19.07 31.77 -9.63
CA GLN B 309 -17.72 32.25 -9.84
C GLN B 309 -17.16 31.74 -11.15
N SER B 310 -16.20 32.49 -11.70
CA SER B 310 -15.62 32.18 -13.00
C SER B 310 -14.32 31.39 -12.90
N THR B 311 -14.07 30.74 -11.77
CA THR B 311 -12.90 29.89 -11.65
C THR B 311 -13.09 28.58 -12.42
N TYR B 312 -14.28 28.02 -12.36
CA TYR B 312 -14.60 26.74 -13.01
C TYR B 312 -15.25 27.06 -14.35
N LYS B 313 -14.41 27.24 -15.38
CA LYS B 313 -14.92 27.55 -16.71
C LYS B 313 -15.51 26.32 -17.40
N TYR B 314 -14.84 25.18 -17.29
CA TYR B 314 -15.33 23.92 -17.86
C TYR B 314 -15.34 22.86 -16.78
N PHE B 315 -16.49 22.24 -16.55
CA PHE B 315 -16.52 21.04 -15.71
C PHE B 315 -17.53 20.04 -16.21
N PHE B 316 -17.29 18.78 -15.84
CA PHE B 316 -18.24 17.68 -15.93
C PHE B 316 -18.43 17.16 -14.51
N LEU B 317 -19.68 17.05 -14.07
CA LEU B 317 -19.94 16.77 -12.66
C LEU B 317 -21.01 15.70 -12.52
N SER B 318 -20.75 14.72 -11.66
CA SER B 318 -21.71 13.69 -11.29
C SER B 318 -22.12 13.90 -9.84
N THR B 319 -23.42 13.88 -9.57
CA THR B 319 -23.89 14.14 -8.22
C THR B 319 -25.12 13.30 -7.90
N HIS B 320 -25.30 13.04 -6.61
CA HIS B 320 -26.49 12.40 -6.08
C HIS B 320 -27.28 13.32 -5.16
N SER B 321 -26.82 14.54 -4.96
CA SER B 321 -27.34 15.42 -3.93
C SER B 321 -28.08 16.60 -4.55
N PRO B 322 -29.28 16.94 -4.08
CA PRO B 322 -30.00 18.08 -4.64
C PRO B 322 -29.48 19.44 -4.17
N GLU B 323 -28.64 19.49 -3.14
CA GLU B 323 -28.16 20.77 -2.64
C GLU B 323 -27.04 21.36 -3.49
N LEU B 324 -26.43 20.57 -4.37
CA LEU B 324 -25.47 21.09 -5.35
C LEU B 324 -26.13 21.72 -6.55
N LEU B 325 -27.45 21.59 -6.70
CA LEU B 325 -28.20 22.23 -7.76
C LEU B 325 -29.12 23.31 -7.24
N TYR B 326 -28.77 23.93 -6.11
CA TYR B 326 -29.59 25.01 -5.58
C TYR B 326 -29.30 26.33 -6.27
N GLU B 327 -28.17 26.45 -6.96
CA GLU B 327 -27.76 27.69 -7.60
C GLU B 327 -27.52 27.51 -9.09
N MET B 328 -28.15 26.51 -9.72
CA MET B 328 -27.84 26.17 -11.10
C MET B 328 -28.47 27.15 -12.08
N ASP B 329 -27.66 27.58 -13.05
CA ASP B 329 -28.00 28.50 -14.12
C ASP B 329 -26.94 28.36 -15.19
N ASN B 330 -27.36 28.51 -16.45
CA ASN B 330 -26.53 28.44 -17.69
C ASN B 330 -25.80 27.11 -17.82
N THR B 331 -26.48 26.02 -17.47
CA THR B 331 -25.82 24.73 -17.35
C THR B 331 -26.46 23.74 -18.31
N ARG B 332 -25.90 22.54 -18.37
CA ARG B 332 -26.43 21.47 -19.21
C ARG B 332 -26.62 20.24 -18.35
N LEU B 333 -27.86 19.76 -18.24
CA LEU B 333 -28.21 18.64 -17.40
C LEU B 333 -28.33 17.39 -18.25
N ILE B 334 -27.55 16.37 -17.91
CA ILE B 334 -27.57 15.08 -18.60
C ILE B 334 -28.12 14.05 -17.63
N ARG B 335 -29.12 13.29 -18.07
CA ARG B 335 -29.77 12.28 -17.26
C ARG B 335 -29.62 10.93 -17.95
N VAL B 336 -28.97 10.00 -17.27
CA VAL B 336 -28.79 8.65 -17.79
C VAL B 336 -29.91 7.78 -17.25
N HIS B 337 -30.59 7.07 -18.14
CA HIS B 337 -31.69 6.22 -17.73
C HIS B 337 -31.72 4.99 -18.62
N SER B 338 -32.64 4.07 -18.31
CA SER B 338 -32.71 2.76 -18.97
C SER B 338 -34.17 2.41 -19.21
N THR B 339 -34.67 2.77 -20.39
CA THR B 339 -36.01 2.35 -20.80
C THR B 339 -35.95 1.00 -21.51
N GLU B 340 -35.18 0.92 -22.59
CA GLU B 340 -34.84 -0.33 -23.26
C GLU B 340 -33.35 -0.53 -23.38
N LYS B 341 -32.58 0.53 -23.58
CA LYS B 341 -31.13 0.52 -23.59
C LYS B 341 -30.64 1.62 -22.65
N VAL B 342 -29.33 1.70 -22.48
CA VAL B 342 -28.71 2.75 -21.68
C VAL B 342 -28.73 4.02 -22.51
N VAL B 343 -29.69 4.91 -22.24
CA VAL B 343 -29.92 6.08 -23.06
C VAL B 343 -29.82 7.34 -22.19
N CYS B 344 -29.19 8.37 -22.73
CA CYS B 344 -28.95 9.62 -22.02
C CYS B 344 -29.76 10.73 -22.65
N SER B 345 -30.53 11.43 -21.83
CA SER B 345 -31.25 12.62 -22.24
C SER B 345 -30.48 13.85 -21.77
N SER B 346 -30.76 14.99 -22.41
CA SER B 346 -29.88 16.14 -22.24
C SER B 346 -30.68 17.43 -22.43
N HIS B 347 -30.49 18.40 -21.53
CA HIS B 347 -31.31 19.61 -21.52
C HIS B 347 -30.47 20.81 -21.14
N MET B 348 -30.64 21.90 -21.88
CA MET B 348 -29.93 23.15 -21.61
C MET B 348 -30.74 23.99 -20.64
N TYR B 349 -30.25 24.12 -19.41
CA TYR B 349 -30.98 24.79 -18.35
C TYR B 349 -30.56 26.25 -18.28
N ASN B 350 -31.50 27.15 -18.56
CA ASN B 350 -31.40 28.58 -18.38
C ASN B 350 -32.63 29.07 -17.64
N VAL B 351 -32.46 30.08 -16.80
CA VAL B 351 -33.57 30.78 -16.17
C VAL B 351 -33.69 32.15 -16.84
N GLU B 352 -34.91 32.54 -17.20
CA GLU B 352 -35.15 33.79 -17.90
C GLU B 352 -35.03 34.99 -16.96
N GLU B 353 -35.02 36.18 -17.56
CA GLU B 353 -34.83 37.40 -16.77
C GLU B 353 -36.11 37.80 -16.05
N ALA B 354 -37.27 37.40 -16.58
CA ALA B 354 -38.53 37.67 -15.90
C ALA B 354 -38.74 36.76 -14.70
N TYR B 355 -38.10 35.60 -14.68
CA TYR B 355 -38.24 34.62 -13.61
C TYR B 355 -37.17 34.78 -12.54
N GLY B 356 -36.31 35.79 -12.65
CA GLY B 356 -35.11 35.89 -11.84
C GLY B 356 -35.33 36.41 -10.43
N SER B 357 -36.52 36.92 -10.12
CA SER B 357 -36.82 37.37 -8.76
C SER B 357 -37.21 36.22 -7.84
N VAL B 358 -37.52 35.05 -8.40
CA VAL B 358 -37.94 33.89 -7.64
C VAL B 358 -37.08 32.67 -7.96
N LYS B 359 -35.80 32.89 -8.33
CA LYS B 359 -34.98 31.86 -8.96
C LYS B 359 -34.48 30.83 -7.94
N LYS B 360 -34.29 31.27 -6.69
CA LYS B 360 -33.85 30.37 -5.62
C LYS B 360 -34.96 29.41 -5.22
N LYS B 361 -36.21 29.87 -5.25
CA LYS B 361 -37.36 29.00 -4.97
C LYS B 361 -37.60 28.00 -6.10
N LEU B 362 -37.36 28.43 -7.35
CA LEU B 362 -37.43 27.56 -8.52
C LEU B 362 -36.39 26.45 -8.48
N ASN B 363 -35.15 26.79 -8.12
CA ASN B 363 -34.10 25.79 -8.08
C ASN B 363 -34.21 24.86 -6.87
N LYS B 364 -34.64 25.39 -5.72
CA LYS B 364 -34.92 24.54 -4.55
C LYS B 364 -36.13 23.63 -4.73
N ALA B 365 -37.12 24.05 -5.53
CA ALA B 365 -38.21 23.14 -5.85
C ALA B 365 -37.81 22.10 -6.89
N LEU B 366 -37.09 22.52 -7.94
CA LEU B 366 -36.83 21.66 -9.09
C LEU B 366 -35.68 20.68 -8.87
N SER B 367 -34.73 20.99 -7.98
CA SER B 367 -33.53 20.17 -7.83
C SER B 367 -33.78 18.85 -7.12
N SER B 368 -34.88 18.72 -6.37
CA SER B 368 -35.25 17.42 -5.83
C SER B 368 -36.12 16.64 -6.81
N ALA B 369 -36.83 17.34 -7.69
CA ALA B 369 -37.68 16.71 -8.69
C ALA B 369 -36.90 16.24 -9.90
N LEU B 370 -35.63 16.66 -10.05
CA LEU B 370 -34.79 16.14 -11.12
C LEU B 370 -34.40 14.68 -10.92
N PHE B 371 -34.39 14.20 -9.67
CA PHE B 371 -33.96 12.85 -9.33
C PHE B 371 -35.13 11.89 -9.18
N ALA B 372 -36.18 12.05 -9.97
CA ALA B 372 -37.39 11.24 -9.86
C ALA B 372 -37.69 10.60 -11.21
N GLU B 373 -38.79 9.86 -11.25
CA GLU B 373 -39.26 9.23 -12.48
C GLU B 373 -40.62 9.75 -12.95
N ARG B 374 -41.57 9.95 -12.05
CA ARG B 374 -42.87 10.52 -12.37
C ARG B 374 -43.14 11.64 -11.37
N VAL B 375 -43.38 12.84 -11.88
CA VAL B 375 -43.52 14.04 -11.06
C VAL B 375 -44.94 14.58 -11.22
N LEU B 376 -45.67 14.70 -10.12
CA LEU B 376 -46.99 15.34 -10.11
C LEU B 376 -46.83 16.78 -9.66
N LEU B 377 -47.29 17.72 -10.49
CA LEU B 377 -47.13 19.15 -10.23
C LEU B 377 -48.43 19.66 -9.62
N ILE B 378 -48.42 19.87 -8.31
CA ILE B 378 -49.59 20.34 -7.58
C ILE B 378 -49.38 21.82 -7.23
N GLU B 379 -50.44 22.45 -6.74
CA GLU B 379 -50.44 23.90 -6.60
C GLU B 379 -49.89 24.37 -5.25
N GLY B 380 -50.41 23.84 -4.15
CA GLY B 380 -50.04 24.34 -2.85
C GLY B 380 -49.84 23.24 -1.81
N PRO B 381 -49.83 23.61 -0.52
CA PRO B 381 -49.58 22.59 0.51
C PRO B 381 -50.81 21.81 0.95
N SER B 382 -52.03 22.29 0.66
CA SER B 382 -53.25 21.56 1.02
C SER B 382 -53.42 20.30 0.17
N GLU B 383 -53.05 20.41 -1.11
CA GLU B 383 -52.97 19.26 -2.02
C GLU B 383 -51.88 18.29 -1.60
N LYS B 384 -50.78 18.82 -1.02
CA LYS B 384 -49.72 17.98 -0.49
C LYS B 384 -50.16 17.20 0.75
N ILE B 385 -50.97 17.83 1.61
CA ILE B 385 -51.51 17.18 2.81
C ILE B 385 -52.48 16.06 2.45
N LEU B 386 -53.43 16.35 1.54
CA LEU B 386 -54.45 15.38 1.12
C LEU B 386 -53.86 14.24 0.30
N PHE B 387 -52.96 14.57 -0.66
CA PHE B 387 -52.34 13.55 -1.49
C PHE B 387 -51.29 12.75 -0.75
N GLU B 388 -50.64 13.32 0.28
CA GLU B 388 -49.68 12.55 1.06
C GLU B 388 -50.37 11.60 2.04
N LYS B 389 -51.54 11.95 2.57
CA LYS B 389 -52.25 10.97 3.39
C LYS B 389 -52.93 9.88 2.54
N VAL B 390 -53.45 10.25 1.36
CA VAL B 390 -54.06 9.27 0.44
C VAL B 390 -53.00 8.32 -0.14
N LEU B 391 -51.83 8.84 -0.51
CA LEU B 391 -50.73 7.99 -0.91
C LEU B 391 -50.01 7.33 0.25
N ASP B 392 -50.24 7.76 1.49
CA ASP B 392 -49.78 6.97 2.63
C ASP B 392 -50.67 5.75 2.83
N GLU B 393 -51.98 5.91 2.63
CA GLU B 393 -52.91 4.80 2.84
C GLU B 393 -52.90 3.80 1.69
N VAL B 394 -52.72 4.26 0.45
CA VAL B 394 -52.87 3.35 -0.69
C VAL B 394 -51.54 2.71 -1.09
N GLU B 395 -50.57 3.52 -1.49
CA GLU B 395 -49.29 3.03 -2.01
C GLU B 395 -48.16 3.75 -1.29
N PRO B 396 -47.77 3.30 -0.10
CA PRO B 396 -46.84 4.10 0.73
C PRO B 396 -45.38 4.07 0.28
N GLU B 397 -45.02 3.19 -0.65
CA GLU B 397 -43.68 3.16 -1.22
C GLU B 397 -43.62 3.87 -2.57
N TYR B 398 -44.40 4.93 -2.75
CA TYR B 398 -44.40 5.66 -4.01
C TYR B 398 -43.15 6.52 -4.17
N GLU B 399 -42.56 6.96 -3.05
CA GLU B 399 -41.34 7.74 -3.08
C GLU B 399 -40.12 6.86 -3.37
N LEU B 400 -40.23 5.56 -3.05
CA LEU B 400 -39.16 4.61 -3.29
C LEU B 400 -39.03 4.27 -4.77
N ASN B 401 -40.13 4.35 -5.52
CA ASN B 401 -40.14 3.91 -6.91
C ASN B 401 -39.86 5.04 -7.90
N GLY B 402 -40.01 6.28 -7.49
CA GLY B 402 -39.71 7.38 -8.39
C GLY B 402 -40.80 8.44 -8.46
N GLY B 403 -41.74 8.40 -7.53
CA GLY B 403 -42.78 9.40 -7.48
C GLY B 403 -42.37 10.61 -6.67
N PHE B 404 -42.88 11.77 -7.08
CA PHE B 404 -42.54 13.02 -6.42
C PHE B 404 -43.71 13.99 -6.56
N LEU B 405 -43.94 14.79 -5.52
CA LEU B 405 -44.97 15.81 -5.51
C LEU B 405 -44.30 17.18 -5.49
N LEU B 406 -44.59 18.01 -6.49
CA LEU B 406 -43.91 19.27 -6.69
C LEU B 406 -44.89 20.42 -6.54
N GLU B 407 -44.59 21.35 -5.64
CA GLU B 407 -45.43 22.53 -5.43
C GLU B 407 -44.93 23.66 -6.33
N VAL B 408 -45.79 24.11 -7.23
CA VAL B 408 -45.36 25.04 -8.27
C VAL B 408 -45.90 26.46 -8.08
N GLY B 409 -46.90 26.67 -7.23
CA GLY B 409 -47.47 27.98 -7.05
C GLY B 409 -48.52 28.38 -8.07
N GLY B 410 -48.81 27.54 -9.06
CA GLY B 410 -49.84 27.80 -10.06
C GLY B 410 -49.47 28.78 -11.16
N THR B 411 -48.21 29.23 -11.20
CA THR B 411 -47.78 30.34 -12.02
C THR B 411 -46.72 30.00 -13.06
N TYR B 412 -45.93 28.96 -12.83
CA TYR B 412 -44.70 28.73 -13.60
C TYR B 412 -44.71 27.40 -14.36
N PHE B 413 -45.78 27.10 -15.10
CA PHE B 413 -45.92 25.76 -15.68
C PHE B 413 -44.99 25.46 -16.84
N ASN B 414 -44.46 26.45 -17.55
CA ASN B 414 -43.67 26.18 -18.76
C ASN B 414 -42.26 25.68 -18.43
N HIS B 415 -41.68 26.22 -17.34
CA HIS B 415 -40.29 26.00 -16.97
C HIS B 415 -40.06 24.57 -16.50
N TYR B 416 -40.95 24.09 -15.62
CA TYR B 416 -40.86 22.75 -15.06
C TYR B 416 -41.16 21.69 -16.11
N VAL B 417 -42.16 21.93 -16.96
CA VAL B 417 -42.58 20.97 -17.98
C VAL B 417 -41.52 20.85 -19.08
N CYS B 418 -40.88 21.97 -19.45
CA CYS B 418 -39.77 21.94 -20.42
C CYS B 418 -38.53 21.24 -19.88
N THR B 419 -38.20 21.50 -18.59
CA THR B 419 -37.03 20.86 -17.97
C THR B 419 -37.24 19.37 -17.72
N LEU B 420 -38.43 18.97 -17.27
CA LEU B 420 -38.71 17.56 -17.04
C LEU B 420 -38.99 16.79 -18.32
N ASN B 421 -39.55 17.44 -19.33
CA ASN B 421 -39.87 16.79 -20.59
C ASN B 421 -38.64 16.59 -21.46
N ASP B 422 -37.66 17.50 -21.39
CA ASP B 422 -36.43 17.29 -22.14
C ASP B 422 -35.50 16.26 -21.53
N LEU B 423 -35.68 15.93 -20.26
CA LEU B 423 -34.85 14.95 -19.57
C LEU B 423 -35.47 13.56 -19.52
N GLY B 424 -36.65 13.37 -20.11
CA GLY B 424 -37.28 12.06 -20.10
C GLY B 424 -37.99 11.68 -18.83
N ILE B 425 -38.50 12.66 -18.07
CA ILE B 425 -39.22 12.43 -16.82
C ILE B 425 -40.69 12.76 -17.07
N THR B 426 -41.57 11.84 -16.67
CA THR B 426 -43.00 11.98 -16.93
C THR B 426 -43.63 13.02 -16.02
N HIS B 427 -44.19 14.07 -16.62
CA HIS B 427 -44.80 15.16 -15.87
C HIS B 427 -46.32 15.02 -15.93
N ILE B 428 -46.96 15.14 -14.76
CA ILE B 428 -48.41 15.08 -14.60
C ILE B 428 -48.82 16.38 -13.91
N ILE B 429 -49.86 17.03 -14.41
CA ILE B 429 -50.34 18.29 -13.83
C ILE B 429 -51.78 18.08 -13.39
N LYS B 430 -52.05 18.34 -12.11
CA LYS B 430 -53.41 18.45 -11.59
C LYS B 430 -53.63 19.89 -11.17
N THR B 431 -54.68 20.54 -11.72
CA THR B 431 -54.85 21.97 -11.52
C THR B 431 -56.33 22.29 -11.33
N ASP B 432 -56.62 23.58 -11.12
CA ASP B 432 -57.95 24.09 -10.91
C ASP B 432 -58.33 25.06 -12.02
N ASN B 433 -59.63 25.35 -12.11
CA ASN B 433 -60.16 26.30 -13.08
C ASN B 433 -60.48 27.58 -12.32
N ASP B 434 -59.55 28.54 -12.37
CA ASP B 434 -59.65 29.77 -11.60
C ASP B 434 -59.96 30.97 -12.48
N LEU B 435 -60.55 31.98 -11.86
CA LEU B 435 -60.79 33.28 -12.49
C LEU B 435 -60.13 34.35 -11.63
N LYS B 436 -59.39 35.25 -12.27
CA LYS B 436 -58.66 36.29 -11.57
C LYS B 436 -59.25 37.66 -11.91
N SER B 437 -59.47 38.48 -10.91
CA SER B 437 -59.98 39.83 -11.13
C SER B 437 -58.87 40.75 -11.62
N LYS B 438 -59.22 41.67 -12.52
CA LYS B 438 -58.27 42.60 -13.09
C LYS B 438 -58.05 43.80 -12.17
N LYS B 439 -57.22 44.73 -12.61
CA LYS B 439 -56.89 45.93 -11.86
C LYS B 439 -57.48 47.15 -12.54
N GLY B 440 -58.27 47.92 -11.80
CA GLY B 440 -58.82 49.16 -12.29
C GLY B 440 -60.11 49.03 -13.07
N LYS B 441 -60.58 47.82 -13.34
CA LYS B 441 -61.82 47.60 -14.07
C LYS B 441 -62.70 46.66 -13.25
N LYS B 442 -63.96 47.03 -13.08
CA LYS B 442 -64.89 46.26 -12.29
C LYS B 442 -65.73 45.34 -13.18
N GLY B 443 -65.87 44.09 -12.75
CA GLY B 443 -66.74 43.15 -13.43
C GLY B 443 -66.08 42.27 -14.46
N VAL B 444 -64.86 42.57 -14.88
CA VAL B 444 -64.16 41.76 -15.85
C VAL B 444 -63.30 40.73 -15.11
N TYR B 445 -62.99 39.64 -15.79
CA TYR B 445 -62.22 38.55 -15.19
C TYR B 445 -61.32 37.94 -16.25
N GLU B 446 -60.25 37.33 -15.78
CA GLU B 446 -59.27 36.66 -16.64
C GLU B 446 -59.30 35.17 -16.31
N LEU B 447 -59.38 34.35 -17.36
CA LEU B 447 -59.27 32.90 -17.22
C LEU B 447 -57.83 32.58 -16.87
N LEU B 448 -57.61 31.86 -15.78
CA LEU B 448 -56.25 31.65 -15.29
C LEU B 448 -55.76 30.24 -15.59
N GLY B 449 -56.54 29.23 -15.19
CA GLY B 449 -56.13 27.85 -15.37
C GLY B 449 -56.20 27.38 -16.80
N LEU B 450 -57.19 27.87 -17.56
CA LEU B 450 -57.28 27.58 -18.99
C LEU B 450 -56.16 28.24 -19.77
N ASN B 451 -55.75 29.46 -19.38
CA ASN B 451 -54.63 30.13 -20.01
C ASN B 451 -53.30 29.49 -19.67
N ARG B 452 -53.15 28.96 -18.46
CA ARG B 452 -51.92 28.23 -18.10
C ARG B 452 -51.82 26.89 -18.83
N CYS B 453 -52.93 26.14 -18.87
CA CYS B 453 -52.92 24.85 -19.57
C CYS B 453 -52.94 24.98 -21.08
N LEU B 454 -53.34 26.13 -21.63
CA LEU B 454 -53.20 26.34 -23.07
C LEU B 454 -51.92 27.05 -23.46
N ASN B 455 -51.23 27.70 -22.53
CA ASN B 455 -49.86 28.11 -22.77
C ASN B 455 -48.88 26.96 -22.61
N LEU B 456 -49.29 25.89 -21.92
CA LEU B 456 -48.48 24.67 -21.91
C LEU B 456 -48.45 24.00 -23.27
N LEU B 457 -49.58 23.99 -23.99
CA LEU B 457 -49.65 23.32 -25.28
C LEU B 457 -49.14 24.18 -26.44
N GLY B 458 -48.76 25.43 -26.20
CA GLY B 458 -48.26 26.29 -27.24
C GLY B 458 -49.25 27.29 -27.79
N ARG B 459 -50.52 27.20 -27.40
CA ARG B 459 -51.52 28.13 -27.87
C ARG B 459 -51.41 29.45 -27.10
N GLU B 460 -52.04 30.48 -27.65
CA GLU B 460 -51.97 31.82 -27.09
C GLU B 460 -52.98 31.98 -25.95
N ASN B 461 -52.87 33.10 -25.25
CA ASN B 461 -53.79 33.43 -24.17
C ASN B 461 -55.13 33.87 -24.73
N LEU B 462 -56.16 33.78 -23.90
CA LEU B 462 -57.52 34.09 -24.32
C LEU B 462 -57.91 35.49 -23.85
N ASP B 463 -59.01 35.98 -24.41
CA ASP B 463 -59.53 37.29 -24.06
C ASP B 463 -60.22 37.25 -22.70
N GLU B 464 -60.30 38.42 -22.07
CA GLU B 464 -60.99 38.54 -20.79
C GLU B 464 -62.50 38.49 -21.00
N ILE B 465 -63.20 38.09 -19.94
CA ILE B 465 -64.65 37.93 -19.97
C ILE B 465 -65.24 38.77 -18.83
N THR B 466 -66.33 39.47 -19.13
CA THR B 466 -67.03 40.27 -18.13
C THR B 466 -68.28 39.53 -17.64
N ILE B 467 -68.53 39.64 -16.33
CA ILE B 467 -69.68 39.02 -15.68
C ILE B 467 -70.48 40.13 -15.03
N ASP B 468 -71.77 40.21 -15.36
CA ASP B 468 -72.64 41.24 -14.80
C ASP B 468 -73.13 40.79 -13.43
N ILE B 469 -72.48 41.28 -12.38
CA ILE B 469 -72.87 41.03 -11.00
C ILE B 469 -73.29 42.35 -10.38
N PRO B 470 -74.54 42.49 -9.91
CA PRO B 470 -74.95 43.74 -9.24
C PRO B 470 -74.37 43.81 -7.82
N GLU B 471 -74.45 45.02 -7.26
CA GLU B 471 -73.82 45.33 -5.99
C GLU B 471 -74.52 44.74 -4.78
N ASP B 472 -75.83 44.47 -4.87
CA ASP B 472 -76.55 43.91 -3.74
C ASP B 472 -76.31 42.41 -3.57
N ILE B 473 -75.86 41.72 -4.61
CA ILE B 473 -75.53 40.30 -4.53
C ILE B 473 -74.06 40.20 -4.16
N LYS B 474 -73.79 39.98 -2.88
CA LYS B 474 -72.44 39.84 -2.36
C LYS B 474 -72.38 38.67 -1.40
N GLY B 475 -71.18 38.35 -0.94
CA GLY B 475 -71.02 37.34 0.08
C GLY B 475 -71.02 35.95 -0.52
N LYS B 476 -72.03 35.15 -0.17
CA LYS B 476 -72.02 33.75 -0.55
C LYS B 476 -72.46 33.53 -2.00
N LYS B 477 -73.52 34.23 -2.46
CA LYS B 477 -74.19 33.91 -3.72
C LYS B 477 -73.38 34.30 -4.96
N LYS B 478 -72.41 35.22 -4.77
CA LYS B 478 -71.44 35.58 -5.79
C LYS B 478 -70.53 34.40 -6.13
N LYS B 479 -70.22 33.56 -5.13
CA LYS B 479 -69.39 32.38 -5.36
C LYS B 479 -70.14 31.29 -6.13
N GLU B 480 -71.44 31.07 -5.91
CA GLU B 480 -72.16 30.13 -6.77
C GLU B 480 -72.45 30.68 -8.15
N ARG B 481 -72.55 32.02 -8.31
CA ARG B 481 -72.67 32.57 -9.66
C ARG B 481 -71.35 32.45 -10.44
N LEU B 482 -70.21 32.62 -9.75
CA LEU B 482 -68.90 32.37 -10.35
C LEU B 482 -68.67 30.89 -10.61
N ASN B 483 -69.23 30.00 -9.78
CA ASN B 483 -69.11 28.56 -10.01
C ASN B 483 -69.96 28.11 -11.19
N GLU B 484 -71.14 28.72 -11.39
CA GLU B 484 -71.95 28.41 -12.56
C GLU B 484 -71.33 28.97 -13.84
N ARG B 485 -70.64 30.12 -13.75
CA ARG B 485 -69.88 30.62 -14.89
C ARG B 485 -68.66 29.76 -15.20
N LYS B 486 -68.03 29.18 -14.16
CA LYS B 486 -66.94 28.23 -14.35
C LYS B 486 -67.42 26.92 -14.97
N LYS B 487 -68.64 26.49 -14.61
CA LYS B 487 -69.27 25.32 -15.25
C LYS B 487 -69.58 25.57 -16.72
N GLU B 488 -70.04 26.79 -17.05
CA GLU B 488 -70.32 27.14 -18.45
C GLU B 488 -69.05 27.28 -19.28
N ILE B 489 -67.98 27.80 -18.66
CA ILE B 489 -66.67 27.91 -19.33
C ILE B 489 -66.04 26.53 -19.54
N PHE B 490 -66.19 25.62 -18.56
CA PHE B 490 -65.71 24.26 -18.70
C PHE B 490 -66.54 23.43 -19.68
N LYS B 491 -67.83 23.78 -19.85
CA LYS B 491 -68.65 23.14 -20.87
C LYS B 491 -68.34 23.68 -22.27
N GLN B 492 -67.93 24.95 -22.37
CA GLN B 492 -67.73 25.61 -23.66
C GLN B 492 -66.45 25.13 -24.35
N TYR B 493 -65.45 24.69 -23.59
CA TYR B 493 -64.14 24.37 -24.16
C TYR B 493 -63.81 22.89 -24.00
N LYS B 494 -64.77 22.02 -24.37
CA LYS B 494 -64.71 20.60 -24.06
C LYS B 494 -63.64 19.85 -24.85
N ASN B 495 -63.41 20.24 -26.12
CA ASN B 495 -62.41 19.61 -26.96
C ASN B 495 -60.98 19.94 -26.51
N GLU B 496 -60.78 21.14 -25.96
CA GLU B 496 -59.50 21.49 -25.36
C GLU B 496 -59.25 20.72 -24.07
N VAL B 497 -60.31 20.42 -23.32
CA VAL B 497 -60.22 19.59 -22.11
C VAL B 497 -59.88 18.15 -22.47
N GLY B 498 -60.44 17.64 -23.58
CA GLY B 498 -60.03 16.33 -24.10
C GLY B 498 -58.60 16.30 -24.64
N GLU B 499 -58.13 17.43 -25.18
CA GLU B 499 -56.71 17.55 -25.52
C GLU B 499 -55.82 17.64 -24.28
N PHE B 500 -56.34 18.15 -23.16
CA PHE B 500 -55.59 18.16 -21.91
C PHE B 500 -55.48 16.76 -21.33
N LEU B 501 -56.59 15.99 -21.39
CA LEU B 501 -56.60 14.59 -20.97
C LEU B 501 -55.77 13.69 -21.88
N GLY B 502 -55.55 14.08 -23.13
CA GLY B 502 -54.59 13.35 -23.95
C GLY B 502 -53.13 13.59 -23.57
N GLU B 503 -52.83 14.69 -22.88
CA GLU B 503 -51.46 15.10 -22.61
C GLU B 503 -51.11 15.10 -21.12
N ARG B 504 -51.84 14.29 -20.32
CA ARG B 504 -51.73 14.14 -18.85
C ARG B 504 -51.87 15.48 -18.11
N ILE B 505 -52.82 16.29 -18.54
CA ILE B 505 -53.17 17.54 -17.86
C ILE B 505 -54.59 17.38 -17.35
N TYR B 506 -54.78 17.62 -16.05
CA TYR B 506 -56.04 17.30 -15.36
C TYR B 506 -56.60 18.61 -14.82
N LEU B 507 -57.47 19.22 -15.61
CA LEU B 507 -58.12 20.46 -15.24
C LEU B 507 -59.41 20.14 -14.50
N SER B 508 -59.56 20.68 -13.29
CA SER B 508 -60.77 20.50 -12.52
C SER B 508 -61.88 21.37 -13.09
N GLU B 509 -63.13 20.98 -12.80
CA GLU B 509 -64.28 21.75 -13.26
C GLU B 509 -64.44 23.04 -12.47
N ILE B 510 -64.35 22.96 -11.14
CA ILE B 510 -64.36 24.15 -10.30
C ILE B 510 -63.09 24.20 -9.47
N ASP B 511 -62.88 23.21 -8.60
CA ASP B 511 -61.79 23.23 -7.64
C ASP B 511 -61.40 21.80 -7.29
N LEU B 512 -60.48 21.67 -6.34
CA LEU B 512 -60.20 20.37 -5.74
C LEU B 512 -61.32 19.93 -4.82
N GLU B 513 -61.94 20.89 -4.11
CA GLU B 513 -62.90 20.58 -3.05
C GLU B 513 -64.23 20.08 -3.60
N ASN B 514 -64.61 20.52 -4.80
CA ASN B 514 -65.82 19.99 -5.43
C ASN B 514 -65.62 18.57 -5.96
N ASP B 515 -64.40 18.24 -6.40
CA ASP B 515 -64.08 16.86 -6.77
C ASP B 515 -63.97 15.97 -5.54
N LEU B 516 -63.53 16.53 -4.41
CA LEU B 516 -63.51 15.79 -3.16
C LEU B 516 -64.92 15.61 -2.59
N TYR B 517 -65.81 16.55 -2.86
CA TYR B 517 -67.22 16.39 -2.49
C TYR B 517 -67.91 15.38 -3.40
N SER B 518 -67.45 15.29 -4.66
CA SER B 518 -67.89 14.21 -5.54
C SER B 518 -67.36 12.85 -5.10
N ALA B 519 -66.19 12.80 -4.47
CA ALA B 519 -65.60 11.53 -4.05
C ALA B 519 -66.16 11.04 -2.72
N ILE B 520 -65.94 11.79 -1.65
CA ILE B 520 -66.21 11.31 -0.29
C ILE B 520 -67.15 12.26 0.46
N GLY B 521 -68.11 12.85 -0.26
CA GLY B 521 -68.95 13.92 0.28
C GLY B 521 -69.93 13.51 1.36
N GLU B 522 -70.29 12.23 1.43
CA GLU B 522 -71.06 11.73 2.57
C GLU B 522 -70.21 11.74 3.85
N SER B 523 -68.94 11.36 3.73
CA SER B 523 -68.01 11.44 4.86
C SER B 523 -67.63 12.88 5.16
N MET B 524 -67.64 13.76 4.15
CA MET B 524 -67.39 15.18 4.39
C MET B 524 -68.56 15.85 5.08
N LYS B 525 -69.79 15.39 4.82
CA LYS B 525 -70.93 15.86 5.60
C LYS B 525 -70.95 15.24 6.99
N ARG B 526 -70.38 14.04 7.15
CA ARG B 526 -70.34 13.40 8.46
C ARG B 526 -69.32 14.05 9.38
N ILE B 527 -68.14 14.40 8.84
CA ILE B 527 -67.04 14.90 9.67
C ILE B 527 -67.27 16.36 10.05
N PHE B 528 -67.53 17.22 9.07
CA PHE B 528 -67.62 18.65 9.31
C PHE B 528 -68.94 19.10 9.89
N GLU B 529 -69.97 18.24 9.87
CA GLU B 529 -71.30 18.30 10.52
C GLU B 529 -72.27 19.31 9.87
N ASN B 530 -71.79 20.16 8.95
CA ASN B 530 -72.60 21.14 8.25
C ASN B 530 -73.18 20.55 6.97
N GLU B 531 -74.14 21.26 6.39
CA GLU B 531 -74.71 20.86 5.12
C GLU B 531 -73.88 21.29 3.92
N ASP B 532 -72.90 22.16 4.12
CA ASP B 532 -72.01 22.64 3.06
C ASP B 532 -70.55 22.48 3.48
N PRO B 533 -69.99 21.29 3.30
CA PRO B 533 -68.58 21.09 3.71
C PRO B 533 -67.56 21.64 2.73
N VAL B 534 -67.98 22.02 1.53
CA VAL B 534 -67.08 22.66 0.57
C VAL B 534 -66.73 24.07 1.02
N HIS B 535 -67.70 24.80 1.57
CA HIS B 535 -67.50 26.19 1.96
C HIS B 535 -66.69 26.31 3.26
N TYR B 536 -66.89 25.37 4.19
CA TYR B 536 -66.19 25.38 5.47
C TYR B 536 -64.71 25.04 5.32
N LEU B 537 -64.37 24.16 4.37
CA LEU B 537 -62.96 23.84 4.15
C LEU B 537 -62.26 24.96 3.38
N GLN B 538 -63.00 25.71 2.57
CA GLN B 538 -62.45 26.85 1.86
C GLN B 538 -62.47 28.13 2.68
N LYS B 539 -63.10 28.11 3.87
CA LYS B 539 -62.96 29.22 4.81
C LYS B 539 -61.54 29.31 5.36
N SER B 540 -60.92 28.17 5.64
CA SER B 540 -59.51 28.10 6.02
C SER B 540 -58.94 26.85 5.36
N LYS B 541 -58.17 27.05 4.29
CA LYS B 541 -57.74 25.94 3.44
C LYS B 541 -56.62 25.11 4.03
N LEU B 542 -55.92 25.62 5.03
CA LEU B 542 -54.76 24.95 5.60
C LEU B 542 -55.00 24.42 7.00
N PHE B 543 -56.02 24.94 7.69
CA PHE B 543 -56.40 24.50 9.03
C PHE B 543 -57.44 23.39 8.98
N ASN B 544 -58.44 23.55 8.12
CA ASN B 544 -59.53 22.58 8.01
C ASN B 544 -59.20 21.40 7.14
N MET B 545 -58.11 21.46 6.38
CA MET B 545 -57.66 20.32 5.60
C MET B 545 -57.11 19.22 6.51
N VAL B 546 -56.37 19.61 7.55
CA VAL B 546 -55.86 18.69 8.56
C VAL B 546 -57.01 18.13 9.41
N GLU B 547 -58.02 18.97 9.68
CA GLU B 547 -59.23 18.58 10.40
C GLU B 547 -60.08 17.59 9.59
N LEU B 548 -60.08 17.72 8.27
CA LEU B 548 -60.69 16.70 7.41
C LEU B 548 -59.88 15.41 7.42
N VAL B 549 -58.56 15.52 7.21
CA VAL B 549 -57.82 14.35 6.78
C VAL B 549 -57.35 13.54 7.99
N ASN B 550 -57.46 14.10 9.20
CA ASN B 550 -57.23 13.33 10.42
C ASN B 550 -58.35 12.33 10.69
N ASN B 551 -59.56 12.60 10.22
CA ASN B 551 -60.71 11.75 10.47
C ASN B 551 -61.05 10.85 9.28
N LEU B 552 -60.24 10.83 8.23
CA LEU B 552 -60.50 9.98 7.08
C LEU B 552 -60.12 8.54 7.40
N SER B 553 -60.94 7.62 6.92
CA SER B 553 -60.71 6.20 7.15
C SER B 553 -59.94 5.61 5.95
N THR B 554 -59.80 4.28 5.93
CA THR B 554 -59.14 3.60 4.84
C THR B 554 -60.03 3.55 3.60
N LYS B 555 -61.35 3.40 3.80
CA LYS B 555 -62.29 3.29 2.68
C LYS B 555 -62.52 4.63 2.00
N ASP B 556 -62.30 5.74 2.72
CA ASP B 556 -62.42 7.06 2.10
C ASP B 556 -61.23 7.35 1.18
N CYS B 557 -60.03 6.90 1.57
CA CYS B 557 -58.84 7.13 0.77
C CYS B 557 -58.83 6.27 -0.49
N PHE B 558 -59.37 5.05 -0.42
CA PHE B 558 -59.54 4.24 -1.61
C PHE B 558 -60.65 4.74 -2.51
N ASP B 559 -61.67 5.39 -1.96
CA ASP B 559 -62.69 6.05 -2.77
C ASP B 559 -62.15 7.31 -3.44
N VAL B 560 -61.18 7.99 -2.83
CA VAL B 560 -60.50 9.08 -3.49
C VAL B 560 -59.59 8.56 -4.60
N PHE B 561 -58.86 7.46 -4.33
CA PHE B 561 -57.88 6.92 -5.27
C PHE B 561 -58.53 6.23 -6.47
N GLU B 562 -59.68 5.60 -6.31
CA GLU B 562 -60.35 4.92 -7.40
C GLU B 562 -61.33 5.81 -8.16
N HIS B 563 -61.41 7.09 -7.81
CA HIS B 563 -62.31 8.01 -8.50
C HIS B 563 -61.72 8.42 -9.85
N GLU B 564 -62.61 8.73 -10.79
CA GLU B 564 -62.18 9.13 -12.13
C GLU B 564 -61.78 10.59 -12.23
N LYS B 565 -62.07 11.40 -11.21
CA LYS B 565 -61.58 12.77 -11.15
C LYS B 565 -60.19 12.87 -10.54
N PHE B 566 -59.68 11.76 -9.98
CA PHE B 566 -58.37 11.72 -9.38
C PHE B 566 -57.50 10.68 -10.07
N ALA B 567 -57.46 10.71 -11.40
CA ALA B 567 -56.64 9.78 -12.16
C ALA B 567 -55.17 10.19 -12.22
N CYS B 568 -54.82 11.38 -11.73
CA CYS B 568 -53.43 11.81 -11.67
C CYS B 568 -52.64 11.02 -10.62
N LEU B 569 -53.30 10.55 -9.56
CA LEU B 569 -52.65 9.68 -8.59
C LEU B 569 -52.37 8.30 -9.16
N LYS B 570 -53.31 7.79 -9.98
CA LYS B 570 -53.12 6.52 -10.68
C LYS B 570 -52.07 6.62 -11.78
N GLU B 571 -51.91 7.79 -12.38
CA GLU B 571 -50.77 8.00 -13.27
C GLU B 571 -49.46 8.17 -12.50
N LEU B 572 -49.51 8.70 -11.28
CA LEU B 572 -48.31 8.91 -10.47
C LEU B 572 -47.74 7.62 -9.90
N VAL B 573 -48.59 6.67 -9.50
CA VAL B 573 -48.08 5.41 -8.95
C VAL B 573 -47.54 4.47 -10.02
N GLY B 574 -47.89 4.67 -11.29
CA GLY B 574 -47.31 3.90 -12.38
C GLY B 574 -47.98 2.57 -12.65
N SER B 575 -48.98 2.19 -11.88
CA SER B 575 -49.66 0.92 -12.10
C SER B 575 -50.66 1.03 -13.25
N ASP B 576 -51.05 -0.13 -13.77
CA ASP B 576 -52.02 -0.23 -14.85
C ASP B 576 -53.41 -0.58 -14.34
N ARG B 577 -53.77 -0.05 -13.16
CA ARG B 577 -55.09 -0.33 -12.59
C ARG B 577 -56.19 0.45 -13.33
N GLY B 578 -55.88 1.67 -13.77
CA GLY B 578 -56.85 2.48 -14.47
C GLY B 578 -56.59 2.55 -15.98
N MET C 1 -31.20 -4.39 27.31
CA MET C 1 -32.54 -3.95 26.97
C MET C 1 -32.53 -2.56 26.34
N LYS C 2 -31.85 -1.62 26.98
CA LYS C 2 -31.86 -0.24 26.54
C LYS C 2 -30.58 0.43 26.99
N PHE C 3 -29.93 1.17 26.09
CA PHE C 3 -28.79 1.99 26.47
C PHE C 3 -29.27 3.30 27.04
N SER C 4 -28.73 3.71 28.18
CA SER C 4 -29.23 4.90 28.85
C SER C 4 -28.32 6.10 28.69
N ASN C 5 -27.01 5.92 28.79
CA ASN C 5 -26.10 7.04 28.98
C ASN C 5 -24.71 6.58 28.58
N ILE C 6 -23.94 7.49 27.97
CA ILE C 6 -22.52 7.31 27.77
C ILE C 6 -21.81 8.53 28.34
N THR C 7 -20.64 8.32 28.93
CA THR C 7 -19.84 9.39 29.52
C THR C 7 -18.41 9.23 29.02
N ILE C 8 -18.03 10.08 28.08
CA ILE C 8 -16.67 10.13 27.58
C ILE C 8 -15.94 11.16 28.43
N LYS C 9 -15.06 10.68 29.31
CA LYS C 9 -14.39 11.55 30.25
C LYS C 9 -13.12 12.13 29.67
N ASN C 10 -12.36 11.35 28.90
CA ASN C 10 -11.20 11.88 28.20
C ASN C 10 -10.97 11.05 26.94
N PHE C 11 -10.86 11.73 25.80
CA PHE C 11 -10.62 11.12 24.49
C PHE C 11 -10.01 12.22 23.64
N ARG C 12 -10.09 12.07 22.31
CA ARG C 12 -9.38 12.95 21.39
C ARG C 12 -9.99 14.35 21.33
N ASN C 13 -11.30 14.44 21.14
CA ASN C 13 -11.95 15.74 21.03
C ASN C 13 -12.69 16.15 22.29
N PHE C 14 -12.87 15.22 23.23
CA PHE C 14 -13.84 15.38 24.32
C PHE C 14 -13.12 15.66 25.62
N GLU C 15 -13.59 16.68 26.34
CA GLU C 15 -13.02 17.08 27.62
C GLU C 15 -13.84 16.58 28.81
N LYS C 16 -15.18 16.70 28.74
CA LYS C 16 -16.12 16.03 29.65
C LYS C 16 -17.45 15.98 28.92
N VAL C 17 -17.82 14.83 28.37
CA VAL C 17 -19.01 14.70 27.52
C VAL C 17 -19.93 13.64 28.11
N ASN C 18 -21.20 14.00 28.35
CA ASN C 18 -22.21 13.11 28.92
C ASN C 18 -23.46 13.14 28.05
N ILE C 19 -23.72 12.05 27.33
CA ILE C 19 -24.82 11.98 26.36
C ILE C 19 -25.82 10.94 26.81
N ASN C 20 -27.08 11.35 26.93
CA ASN C 20 -28.17 10.40 27.09
C ASN C 20 -28.41 9.66 25.79
N LEU C 21 -28.65 8.35 25.87
CA LEU C 21 -28.78 7.52 24.69
C LEU C 21 -30.11 6.76 24.73
N ASP C 22 -30.31 5.95 23.69
CA ASP C 22 -31.46 5.09 23.53
C ASP C 22 -31.02 3.99 22.56
N ASN C 23 -31.88 3.00 22.33
CA ASN C 23 -31.74 2.20 21.13
C ASN C 23 -32.18 3.03 19.93
N LYS C 24 -31.60 2.70 18.76
CA LYS C 24 -31.81 3.33 17.45
C LYS C 24 -31.50 4.83 17.46
N ASN C 25 -30.21 5.16 17.60
CA ASN C 25 -29.87 6.58 17.70
C ASN C 25 -28.93 7.08 16.60
N VAL C 26 -29.19 8.33 16.19
CA VAL C 26 -28.58 8.97 15.02
C VAL C 26 -27.83 10.21 15.52
N ILE C 27 -26.55 10.31 15.14
CA ILE C 27 -25.69 11.44 15.52
C ILE C 27 -25.36 12.25 14.27
N PHE C 28 -25.55 13.57 14.35
CA PHE C 28 -25.28 14.47 13.25
C PHE C 28 -24.58 15.73 13.78
N GLY C 29 -24.22 16.61 12.85
CA GLY C 29 -23.58 17.85 13.21
C GLY C 29 -22.77 18.39 12.04
N MET C 30 -21.96 19.40 12.36
CA MET C 30 -21.07 20.08 11.44
C MET C 30 -19.89 19.20 11.04
N ASN C 31 -19.14 19.63 10.03
CA ASN C 31 -17.87 19.00 9.70
C ASN C 31 -16.81 19.31 10.75
N ASP C 32 -15.97 18.30 11.03
CA ASP C 32 -14.65 18.39 11.67
C ASP C 32 -14.76 18.81 13.14
N ILE C 33 -15.67 18.17 13.87
CA ILE C 33 -15.88 18.47 15.29
C ILE C 33 -15.86 17.25 16.19
N GLY C 34 -16.15 16.06 15.70
CA GLY C 34 -16.44 14.89 16.52
C GLY C 34 -17.11 13.84 15.65
N LYS C 35 -17.95 13.02 16.29
CA LYS C 35 -18.97 12.14 15.70
C LYS C 35 -18.47 10.96 14.83
N THR C 36 -17.17 10.85 14.57
CA THR C 36 -16.54 9.57 14.27
C THR C 36 -15.55 9.18 15.35
N ASN C 37 -15.22 10.11 16.25
CA ASN C 37 -14.60 9.77 17.52
C ASN C 37 -15.64 9.33 18.54
N PHE C 38 -16.91 9.67 18.31
CA PHE C 38 -17.99 9.05 19.04
C PHE C 38 -18.13 7.58 18.67
N LEU C 39 -17.98 7.26 17.38
CA LEU C 39 -18.07 5.88 16.95
C LEU C 39 -16.80 5.10 17.28
N TYR C 40 -15.66 5.78 17.36
CA TYR C 40 -14.43 5.12 17.83
C TYR C 40 -14.42 4.90 19.33
N ALA C 41 -15.24 5.63 20.09
CA ALA C 41 -15.38 5.34 21.51
C ALA C 41 -16.19 4.07 21.74
N LEU C 42 -17.07 3.72 20.80
CA LEU C 42 -17.82 2.48 20.88
C LEU C 42 -17.06 1.31 20.28
N ARG C 43 -16.14 1.56 19.33
CA ARG C 43 -15.31 0.48 18.82
C ARG C 43 -14.19 0.14 19.80
N PHE C 44 -13.72 1.12 20.56
CA PHE C 44 -12.70 0.81 21.56
C PHE C 44 -13.28 0.15 22.80
N LEU C 45 -14.58 0.25 23.02
CA LEU C 45 -15.20 -0.41 24.17
C LEU C 45 -15.64 -1.83 23.84
N LEU C 46 -16.30 -2.02 22.70
CA LEU C 46 -17.05 -3.25 22.45
C LEU C 46 -16.50 -4.09 21.30
N ASP C 47 -15.72 -3.53 20.38
CA ASP C 47 -15.11 -4.28 19.29
C ASP C 47 -13.71 -4.69 19.71
N LYS C 48 -13.41 -5.98 19.57
CA LYS C 48 -12.15 -6.54 20.06
C LYS C 48 -10.98 -6.16 19.14
N GLU C 49 -11.24 -6.07 17.84
CA GLU C 49 -10.20 -5.87 16.84
C GLU C 49 -9.67 -4.43 16.81
N ILE C 50 -10.42 -3.49 17.36
CA ILE C 50 -9.91 -2.13 17.56
C ILE C 50 -9.26 -2.01 18.94
N ARG C 51 -9.77 -2.77 19.91
CA ARG C 51 -9.30 -2.73 21.29
C ARG C 51 -7.93 -3.37 21.48
N LYS C 52 -7.56 -4.31 20.59
CA LYS C 52 -6.33 -5.08 20.77
C LYS C 52 -5.05 -4.31 20.46
N PHE C 53 -5.14 -3.11 19.87
CA PHE C 53 -3.96 -2.32 19.54
C PHE C 53 -3.62 -1.26 20.57
N GLY C 54 -4.48 -1.05 21.56
CA GLY C 54 -4.17 -0.09 22.61
C GLY C 54 -4.41 1.35 22.18
N PHE C 55 -3.91 2.27 23.02
CA PHE C 55 -4.05 3.70 22.77
C PHE C 55 -2.69 4.31 22.49
N ASN C 56 -2.67 5.29 21.60
CA ASN C 56 -1.44 6.01 21.28
C ASN C 56 -1.38 7.28 22.11
N LYS C 57 -0.39 8.13 21.82
CA LYS C 57 -0.32 9.44 22.46
C LYS C 57 -1.35 10.40 21.88
N SER C 58 -1.73 10.19 20.62
CA SER C 58 -2.67 11.08 19.92
C SER C 58 -4.12 10.82 20.27
N ASP C 59 -4.42 9.78 21.05
CA ASP C 59 -5.76 9.50 21.53
C ASP C 59 -6.09 10.21 22.84
N TYR C 60 -5.17 11.00 23.36
CA TYR C 60 -5.39 11.80 24.57
C TYR C 60 -5.73 13.23 24.17
N HIS C 61 -6.37 13.95 25.09
CA HIS C 61 -6.87 15.29 24.82
C HIS C 61 -5.74 16.29 24.85
N LYS C 62 -5.50 16.95 23.70
CA LYS C 62 -4.50 18.00 23.46
C LYS C 62 -3.06 17.55 23.72
N HIS C 63 -2.82 16.24 23.51
CA HIS C 63 -1.56 15.51 23.73
C HIS C 63 -1.03 15.67 25.16
N ASP C 64 -1.93 15.74 26.15
CA ASP C 64 -1.55 16.09 27.51
C ASP C 64 -0.91 14.92 28.25
N THR C 65 -1.38 13.69 27.96
CA THR C 65 -0.92 12.34 28.34
C THR C 65 -0.62 12.09 29.83
N SER C 66 -1.16 12.92 30.73
CA SER C 66 -1.07 12.71 32.17
C SER C 66 -2.44 12.48 32.79
N LYS C 67 -3.49 12.43 31.97
CA LYS C 67 -4.84 12.16 32.41
C LYS C 67 -5.23 10.72 32.07
N LYS C 68 -6.37 10.31 32.59
CA LYS C 68 -6.86 8.95 32.39
C LYS C 68 -8.04 8.94 31.43
N ILE C 69 -7.95 8.12 30.39
CA ILE C 69 -9.06 7.94 29.47
C ILE C 69 -10.09 7.04 30.15
N GLU C 70 -11.33 7.52 30.23
CA GLU C 70 -12.40 6.75 30.87
C GLU C 70 -13.65 6.85 30.01
N ILE C 71 -14.15 5.71 29.57
CA ILE C 71 -15.39 5.65 28.77
C ILE C 71 -16.35 4.70 29.47
N ILE C 72 -17.48 5.23 29.93
CA ILE C 72 -18.45 4.48 30.74
C ILE C 72 -19.76 4.41 29.97
N LEU C 73 -20.28 3.19 29.79
CA LEU C 73 -21.55 2.94 29.14
C LEU C 73 -22.55 2.42 30.17
N THR C 74 -23.73 3.06 30.23
CA THR C 74 -24.78 2.64 31.19
C THR C 74 -25.85 1.90 30.45
N LEU C 75 -26.23 0.71 30.93
CA LEU C 75 -27.28 -0.10 30.28
C LEU C 75 -28.46 -0.21 31.25
N ASP C 76 -29.69 -0.14 30.73
CA ASP C 76 -30.90 -0.23 31.59
C ASP C 76 -31.52 -1.61 31.45
N LEU C 77 -31.45 -2.42 32.51
CA LEU C 77 -31.99 -3.80 32.47
C LEU C 77 -33.26 -3.86 33.32
N SER C 78 -34.19 -2.92 33.14
CA SER C 78 -35.36 -2.87 33.99
C SER C 78 -36.38 -3.95 33.65
N ASN C 79 -36.48 -4.32 32.38
CA ASN C 79 -37.47 -5.29 31.93
C ASN C 79 -36.88 -6.69 32.04
N TYR C 80 -37.44 -7.49 32.94
CA TYR C 80 -37.02 -8.87 33.13
C TYR C 80 -38.14 -9.80 32.70
N GLU C 81 -37.73 -10.95 32.15
CA GLU C 81 -38.55 -12.03 31.58
C GLU C 81 -39.44 -11.57 30.43
N LYS C 82 -39.01 -10.55 29.68
CA LYS C 82 -39.67 -10.11 28.46
C LYS C 82 -38.75 -10.09 27.26
N ASP C 83 -37.47 -9.78 27.45
CA ASP C 83 -36.48 -9.74 26.38
C ASP C 83 -35.38 -10.75 26.66
N GLU C 84 -34.88 -11.37 25.60
CA GLU C 84 -33.84 -12.38 25.74
C GLU C 84 -32.45 -11.78 25.95
N ASP C 85 -32.26 -10.49 25.64
CA ASP C 85 -30.93 -9.89 25.69
C ASP C 85 -30.48 -9.60 27.11
N THR C 86 -31.44 -9.38 28.03
CA THR C 86 -31.13 -9.17 29.44
C THR C 86 -30.60 -10.45 30.08
N LYS C 87 -31.19 -11.60 29.72
CA LYS C 87 -30.68 -12.90 30.16
C LYS C 87 -29.33 -13.22 29.54
N LYS C 88 -29.11 -12.76 28.31
CA LYS C 88 -27.80 -12.86 27.65
C LYS C 88 -26.74 -12.02 28.35
N LEU C 89 -27.11 -10.91 28.96
CA LEU C 89 -26.12 -10.16 29.74
C LEU C 89 -25.88 -10.82 31.10
N ILE C 90 -26.96 -11.20 31.82
CA ILE C 90 -26.84 -11.66 33.21
C ILE C 90 -26.23 -13.07 33.31
N SER C 91 -26.38 -13.91 32.27
CA SER C 91 -25.75 -15.24 32.29
C SER C 91 -24.23 -15.23 32.08
N VAL C 92 -23.65 -14.11 31.65
CA VAL C 92 -22.21 -13.98 31.52
C VAL C 92 -21.60 -13.17 32.68
N VAL C 93 -22.31 -12.15 33.14
CA VAL C 93 -21.78 -11.24 34.21
C VAL C 93 -21.61 -12.01 35.52
N LYS C 94 -22.41 -13.06 35.74
CA LYS C 94 -22.35 -13.85 37.01
C LYS C 94 -22.92 -13.00 38.16
N GLY C 95 -22.13 -12.76 39.21
CA GLY C 95 -22.67 -12.05 40.41
C GLY C 95 -21.97 -10.74 40.71
N ALA C 96 -21.30 -10.12 39.74
CA ALA C 96 -20.70 -8.78 40.00
C ALA C 96 -21.82 -7.81 40.34
N ARG C 97 -23.06 -8.18 40.02
CA ARG C 97 -24.22 -7.35 40.32
C ARG C 97 -24.82 -7.71 41.68
N THR C 98 -25.70 -6.84 42.15
CA THR C 98 -26.23 -6.90 43.50
C THR C 98 -27.75 -6.85 43.40
N SER C 99 -28.45 -7.56 44.29
CA SER C 99 -29.90 -7.62 44.25
C SER C 99 -30.58 -6.35 44.75
N ALA C 100 -29.86 -5.44 45.42
CA ALA C 100 -30.41 -4.15 45.76
C ALA C 100 -30.60 -3.28 44.51
N ASN C 101 -29.61 -3.25 43.63
CA ASN C 101 -29.71 -2.57 42.34
C ASN C 101 -29.84 -3.65 41.27
N ALA C 102 -31.05 -4.14 41.02
CA ALA C 102 -31.17 -5.12 39.91
C ALA C 102 -31.74 -4.42 38.67
N ASP C 103 -31.20 -3.27 38.28
CA ASP C 103 -31.83 -2.52 37.15
C ASP C 103 -30.80 -1.84 36.26
N VAL C 104 -29.66 -1.43 36.80
CA VAL C 104 -28.67 -0.65 35.99
C VAL C 104 -27.37 -1.43 35.83
N PHE C 105 -26.65 -1.20 34.74
CA PHE C 105 -25.32 -1.85 34.55
C PHE C 105 -24.33 -0.83 34.01
N TYR C 106 -23.08 -0.92 34.43
CA TYR C 106 -22.01 -0.02 34.01
C TYR C 106 -20.87 -0.83 33.44
N ILE C 107 -20.54 -0.58 32.17
CA ILE C 107 -19.36 -1.14 31.52
C ILE C 107 -18.39 0.00 31.28
N ALA C 108 -17.23 -0.05 31.92
CA ALA C 108 -16.30 1.06 31.96
C ALA C 108 -14.96 0.67 31.34
N LEU C 109 -14.27 1.70 30.85
CA LEU C 109 -12.96 1.58 30.22
C LEU C 109 -12.05 2.60 30.86
N GLU C 110 -10.86 2.16 31.30
CA GLU C 110 -9.86 3.06 31.87
C GLU C 110 -8.54 2.84 31.15
N SER C 111 -7.76 3.92 31.04
CA SER C 111 -6.49 3.86 30.34
C SER C 111 -5.54 4.92 30.88
N LYS C 112 -4.36 4.48 31.31
CA LYS C 112 -3.29 5.38 31.73
C LYS C 112 -2.04 5.11 30.90
N TYR C 113 -1.35 6.19 30.53
CA TYR C 113 -0.15 6.07 29.71
C TYR C 113 1.02 5.56 30.55
N ASP C 114 1.77 4.61 29.98
CA ASP C 114 2.88 3.99 30.68
C ASP C 114 4.10 4.91 30.74
N ASP C 115 4.37 5.61 29.64
CA ASP C 115 5.40 6.65 29.43
C ASP C 115 6.84 6.13 29.57
N LYS C 116 7.06 4.82 29.53
CA LYS C 116 8.38 4.22 29.38
C LYS C 116 8.43 3.32 28.16
N GLU C 117 7.44 2.45 27.98
CA GLU C 117 7.28 1.68 26.77
C GLU C 117 6.42 2.40 25.73
N LEU C 118 5.86 3.56 26.11
CA LEU C 118 5.06 4.49 25.29
C LEU C 118 3.81 3.82 24.72
N TYR C 119 2.95 3.37 25.65
CA TYR C 119 1.81 2.54 25.30
C TYR C 119 0.71 2.78 26.32
N GLY C 120 -0.50 3.02 25.84
CA GLY C 120 -1.64 3.16 26.74
C GLY C 120 -2.45 1.89 26.83
N ASN C 121 -2.42 1.24 27.99
CA ASN C 121 -3.09 -0.05 28.16
C ASN C 121 -4.54 0.16 28.56
N ILE C 122 -5.42 -0.63 27.97
CA ILE C 122 -6.86 -0.49 28.14
C ILE C 122 -7.33 -1.55 29.13
N ILE C 123 -7.83 -1.11 30.28
CA ILE C 123 -8.32 -2.01 31.32
C ILE C 123 -9.83 -1.83 31.43
N LEU C 124 -10.56 -2.92 31.22
CA LEU C 124 -12.05 -2.85 31.18
C LEU C 124 -12.65 -3.42 32.46
N LYS C 125 -13.63 -2.72 33.04
CA LYS C 125 -14.28 -3.17 34.29
C LYS C 125 -15.81 -3.12 34.10
N TRP C 126 -16.54 -3.95 34.83
CA TRP C 126 -18.03 -3.90 34.76
C TRP C 126 -18.60 -4.05 36.16
N GLY C 127 -19.77 -3.48 36.41
CA GLY C 127 -20.34 -3.53 37.77
C GLY C 127 -21.71 -2.90 37.83
N SER C 128 -22.44 -3.18 38.91
CA SER C 128 -23.79 -2.64 39.10
C SER C 128 -23.77 -1.26 39.71
N GLU C 129 -22.72 -0.92 40.46
CA GLU C 129 -22.55 0.40 41.05
C GLU C 129 -21.33 1.07 40.43
N LEU C 130 -21.37 2.40 40.37
CA LEU C 130 -20.33 3.16 39.68
C LEU C 130 -19.03 3.20 40.48
N ASP C 131 -19.12 3.30 41.80
CA ASP C 131 -17.99 2.93 42.64
C ASP C 131 -18.00 1.42 42.82
N ASN C 132 -16.82 0.87 43.11
CA ASN C 132 -16.49 -0.57 43.25
C ASN C 132 -16.85 -1.34 41.97
N LEU C 133 -16.12 -1.00 40.91
CA LEU C 133 -16.15 -1.74 39.64
C LEU C 133 -15.00 -2.74 39.65
N ILE C 134 -15.31 -4.01 39.37
CA ILE C 134 -14.30 -5.04 39.34
C ILE C 134 -13.92 -5.31 37.89
N ASP C 135 -12.79 -5.99 37.70
CA ASP C 135 -12.26 -6.22 36.35
C ASP C 135 -13.02 -7.32 35.63
N ILE C 136 -13.07 -7.20 34.31
CA ILE C 136 -13.67 -8.23 33.47
C ILE C 136 -12.70 -9.40 33.36
N PRO C 137 -13.10 -10.63 33.70
CA PRO C 137 -12.17 -11.76 33.64
C PRO C 137 -11.95 -12.26 32.22
N GLY C 138 -10.71 -12.61 31.93
CA GLY C 138 -10.36 -13.16 30.64
C GLY C 138 -9.28 -14.21 30.79
N ARG C 139 -9.25 -15.16 29.85
CA ARG C 139 -8.30 -16.26 29.92
C ARG C 139 -7.05 -16.00 29.09
N GLY C 140 -7.20 -15.82 27.79
CA GLY C 140 -6.08 -15.49 26.93
C GLY C 140 -6.22 -14.13 26.28
N ASN C 141 -6.47 -14.12 24.98
CA ASN C 141 -6.86 -12.91 24.26
C ASN C 141 -8.38 -12.71 24.25
N ILE C 142 -9.12 -13.64 24.83
CA ILE C 142 -10.58 -13.64 24.84
C ILE C 142 -11.05 -13.03 26.15
N ASN C 143 -11.88 -11.99 26.05
CA ASN C 143 -12.53 -11.38 27.20
C ASN C 143 -13.89 -12.03 27.44
N ALA C 144 -14.48 -11.72 28.59
CA ALA C 144 -15.85 -12.15 28.86
C ALA C 144 -16.88 -11.27 28.18
N LEU C 145 -16.51 -10.08 27.74
CA LEU C 145 -17.42 -9.21 27.01
C LEU C 145 -17.59 -9.64 25.56
N ASP C 146 -16.66 -10.45 25.03
CA ASP C 146 -16.75 -10.88 23.63
C ASP C 146 -17.79 -11.97 23.42
N ASN C 147 -18.22 -12.63 24.49
CA ASN C 147 -19.31 -13.60 24.40
C ASN C 147 -20.67 -12.90 24.40
N VAL C 148 -20.73 -11.64 24.80
CA VAL C 148 -21.99 -10.92 24.88
C VAL C 148 -22.27 -10.18 23.59
N PHE C 149 -21.39 -9.24 23.23
CA PHE C 149 -21.66 -8.28 22.18
C PHE C 149 -20.95 -8.64 20.88
N LYS C 150 -21.69 -8.55 19.78
CA LYS C 150 -21.15 -8.63 18.44
C LYS C 150 -21.39 -7.28 17.77
N VAL C 151 -20.33 -6.69 17.25
CA VAL C 151 -20.37 -5.34 16.70
C VAL C 151 -20.14 -5.41 15.20
N ILE C 152 -21.09 -4.93 14.43
CA ILE C 152 -21.00 -4.93 12.97
C ILE C 152 -20.89 -3.47 12.52
N TYR C 153 -19.78 -3.16 11.83
CA TYR C 153 -19.46 -1.81 11.42
C TYR C 153 -19.60 -1.70 9.92
N ILE C 154 -20.40 -0.74 9.46
CA ILE C 154 -20.68 -0.53 8.05
C ILE C 154 -20.07 0.81 7.65
N ASN C 155 -19.14 0.79 6.70
CA ASN C 155 -18.58 1.98 6.08
C ASN C 155 -18.43 1.75 4.59
N PRO C 156 -19.07 2.56 3.71
CA PRO C 156 -18.89 2.40 2.28
C PRO C 156 -17.53 2.90 1.78
N ARG C 261 -26.34 -1.88 -7.36
CA ARG C 261 -25.42 -1.30 -6.40
C ARG C 261 -24.77 -2.40 -5.56
N ARG C 262 -23.44 -2.35 -5.46
CA ARG C 262 -22.70 -3.32 -4.66
C ARG C 262 -22.86 -3.09 -3.16
N LYS C 263 -23.15 -1.84 -2.77
CA LYS C 263 -23.29 -1.51 -1.35
C LYS C 263 -24.60 -2.02 -0.77
N MET C 264 -25.65 -2.16 -1.58
CA MET C 264 -26.88 -2.81 -1.11
C MET C 264 -26.68 -4.31 -0.92
N LEU C 265 -25.84 -4.92 -1.76
CA LEU C 265 -25.44 -6.30 -1.55
C LEU C 265 -24.54 -6.45 -0.32
N SER C 266 -23.72 -5.43 -0.03
CA SER C 266 -22.92 -5.42 1.19
C SER C 266 -23.78 -5.19 2.44
N TYR C 267 -24.92 -4.51 2.29
CA TYR C 267 -25.91 -4.46 3.36
C TYR C 267 -26.56 -5.83 3.56
N SER C 268 -26.93 -6.50 2.46
CA SER C 268 -27.73 -7.72 2.52
C SER C 268 -26.92 -8.93 2.98
N ILE C 269 -25.62 -8.97 2.66
CA ILE C 269 -24.74 -10.06 3.10
C ILE C 269 -24.50 -9.99 4.61
N TYR C 270 -24.28 -8.77 5.13
CA TYR C 270 -24.13 -8.55 6.58
C TYR C 270 -25.43 -8.77 7.33
N ASN C 271 -26.58 -8.43 6.71
CA ASN C 271 -27.89 -8.71 7.31
C ASN C 271 -28.20 -10.21 7.34
N TYR C 272 -27.79 -10.94 6.28
CA TYR C 272 -27.99 -12.38 6.22
C TYR C 272 -27.12 -13.13 7.21
N LEU C 273 -25.86 -12.70 7.36
CA LEU C 273 -24.98 -13.28 8.38
C LEU C 273 -25.39 -12.90 9.79
N ALA C 274 -26.00 -11.72 9.97
CA ALA C 274 -26.50 -11.34 11.29
C ALA C 274 -27.76 -12.11 11.66
N LYS C 275 -28.62 -12.42 10.69
CA LYS C 275 -29.81 -13.20 11.00
C LYS C 275 -29.57 -14.70 10.94
N LYS C 276 -28.41 -15.15 10.46
CA LYS C 276 -28.16 -16.59 10.43
C LYS C 276 -27.16 -17.04 11.50
N LYS C 277 -26.15 -16.22 11.82
CA LYS C 277 -25.08 -16.67 12.72
C LYS C 277 -25.14 -16.08 14.12
N TYR C 278 -25.88 -15.00 14.33
CA TYR C 278 -25.71 -14.23 15.56
C TYR C 278 -26.98 -14.14 16.39
N GLU C 279 -27.64 -15.28 16.60
CA GLU C 279 -28.85 -15.31 17.42
C GLU C 279 -28.56 -15.26 18.91
N ASP C 280 -27.41 -15.75 19.34
CA ASP C 280 -27.07 -15.83 20.76
C ASP C 280 -26.33 -14.60 21.28
N LYS C 281 -26.08 -13.60 20.45
CA LYS C 281 -25.35 -12.42 20.84
C LYS C 281 -26.19 -11.17 20.59
N ILE C 282 -25.90 -10.12 21.34
CA ILE C 282 -26.49 -8.81 21.08
C ILE C 282 -25.69 -8.17 19.95
N VAL C 283 -26.37 -7.89 18.84
CA VAL C 283 -25.74 -7.31 17.66
C VAL C 283 -25.93 -5.80 17.70
N ILE C 284 -24.83 -5.06 17.65
CA ILE C 284 -24.86 -3.61 17.62
C ILE C 284 -24.27 -3.15 16.30
N TYR C 285 -25.03 -2.39 15.53
CA TYR C 285 -24.57 -1.87 14.25
C TYR C 285 -24.05 -0.45 14.42
N LEU C 286 -22.93 -0.16 13.78
CA LEU C 286 -22.43 1.21 13.66
C LEU C 286 -22.37 1.53 12.17
N ILE C 287 -23.33 2.31 11.70
CA ILE C 287 -23.39 2.65 10.28
C ILE C 287 -22.86 4.07 10.12
N GLU C 288 -21.72 4.20 9.47
CA GLU C 288 -21.05 5.48 9.31
C GLU C 288 -21.13 5.90 7.86
N GLU C 289 -21.90 6.98 7.60
CA GLU C 289 -22.21 7.64 6.33
C GLU C 289 -22.72 6.67 5.25
N PRO C 290 -23.95 6.17 5.32
CA PRO C 290 -24.42 5.23 4.28
C PRO C 290 -24.96 5.89 3.03
N GLU C 291 -25.05 7.23 3.00
CA GLU C 291 -25.66 7.93 1.87
C GLU C 291 -24.68 8.20 0.74
N ILE C 292 -23.41 7.86 0.89
CA ILE C 292 -22.43 8.15 -0.15
C ILE C 292 -22.52 7.07 -1.23
N SER C 293 -22.49 7.52 -2.51
CA SER C 293 -22.70 6.75 -3.74
C SER C 293 -24.03 5.98 -3.75
N LEU C 294 -25.07 6.61 -3.23
CA LEU C 294 -26.39 6.00 -3.12
C LEU C 294 -27.42 6.99 -3.61
N HIS C 295 -28.37 6.50 -4.42
CA HIS C 295 -29.48 7.32 -4.91
C HIS C 295 -30.43 7.64 -3.78
N ARG C 296 -31.17 8.75 -3.93
CA ARG C 296 -31.98 9.26 -2.82
C ARG C 296 -33.24 8.44 -2.59
N SER C 297 -33.76 7.76 -3.61
CA SER C 297 -34.84 6.80 -3.41
C SER C 297 -34.37 5.56 -2.65
N MET C 298 -33.13 5.14 -2.89
CA MET C 298 -32.51 4.11 -2.07
C MET C 298 -32.16 4.58 -0.66
N GLN C 299 -31.94 5.89 -0.48
CA GLN C 299 -31.75 6.45 0.86
C GLN C 299 -33.05 6.44 1.65
N ILE C 300 -34.18 6.74 0.98
CA ILE C 300 -35.50 6.67 1.62
C ILE C 300 -35.89 5.22 1.91
N ALA C 301 -35.48 4.28 1.05
CA ALA C 301 -35.66 2.84 1.29
C ALA C 301 -34.83 2.33 2.47
N LEU C 302 -33.59 2.82 2.60
CA LEU C 302 -32.75 2.47 3.75
C LEU C 302 -33.24 3.11 5.04
N SER C 303 -33.86 4.30 4.96
CA SER C 303 -34.47 4.93 6.13
C SER C 303 -35.71 4.19 6.61
N LYS C 304 -36.52 3.69 5.66
CA LYS C 304 -37.69 2.88 5.98
C LYS C 304 -37.29 1.53 6.59
N GLN C 305 -36.23 0.91 6.05
CA GLN C 305 -35.70 -0.34 6.58
C GLN C 305 -35.03 -0.15 7.94
N LEU C 306 -34.41 1.01 8.18
CA LEU C 306 -33.76 1.29 9.45
C LEU C 306 -34.76 1.58 10.55
N PHE C 307 -35.82 2.33 10.27
CA PHE C 307 -36.69 2.80 11.34
C PHE C 307 -38.00 2.04 11.46
N GLU C 308 -38.40 1.24 10.46
CA GLU C 308 -39.65 0.50 10.61
C GLU C 308 -39.44 -0.97 10.91
N GLN C 309 -38.47 -1.61 10.27
CA GLN C 309 -38.24 -3.03 10.44
C GLN C 309 -37.53 -3.31 11.76
N SER C 310 -37.64 -4.55 12.23
CA SER C 310 -37.12 -4.94 13.53
C SER C 310 -35.78 -5.68 13.42
N THR C 311 -35.16 -5.68 12.25
CA THR C 311 -33.87 -6.32 12.08
C THR C 311 -32.70 -5.42 12.48
N TYR C 312 -32.93 -4.14 12.73
CA TYR C 312 -31.93 -3.23 13.27
C TYR C 312 -32.43 -2.79 14.64
N LYS C 313 -32.08 -3.57 15.67
CA LYS C 313 -32.54 -3.24 17.01
C LYS C 313 -31.68 -2.16 17.66
N TYR C 314 -30.36 -2.30 17.58
CA TYR C 314 -29.42 -1.35 18.15
C TYR C 314 -28.52 -0.85 17.03
N PHE C 315 -28.72 0.40 16.61
CA PHE C 315 -27.78 1.02 15.69
C PHE C 315 -27.38 2.41 16.18
N PHE C 316 -26.13 2.75 15.89
CA PHE C 316 -25.62 4.12 15.97
C PHE C 316 -25.33 4.56 14.54
N LEU C 317 -26.02 5.61 14.09
CA LEU C 317 -25.96 6.02 12.69
C LEU C 317 -25.40 7.43 12.57
N SER C 318 -24.35 7.58 11.76
CA SER C 318 -23.76 8.88 11.47
C SER C 318 -24.10 9.27 10.03
N THR C 319 -24.56 10.51 9.83
CA THR C 319 -25.09 10.89 8.52
C THR C 319 -24.89 12.38 8.26
N HIS C 320 -25.07 12.74 6.97
CA HIS C 320 -25.07 14.11 6.49
C HIS C 320 -26.25 14.45 5.61
N SER C 321 -27.15 13.50 5.35
CA SER C 321 -28.21 13.70 4.37
C SER C 321 -29.57 13.73 5.04
N PRO C 322 -30.48 14.61 4.61
CA PRO C 322 -31.83 14.63 5.18
C PRO C 322 -32.73 13.49 4.73
N GLU C 323 -32.40 12.78 3.65
CA GLU C 323 -33.26 11.73 3.13
C GLU C 323 -33.22 10.44 3.96
N LEU C 324 -32.24 10.27 4.83
CA LEU C 324 -32.20 9.14 5.75
C LEU C 324 -33.02 9.39 7.01
N LEU C 325 -33.59 10.58 7.18
CA LEU C 325 -34.44 10.90 8.31
C LEU C 325 -35.88 11.19 7.87
N TYR C 326 -36.27 10.71 6.70
CA TYR C 326 -37.63 10.91 6.22
C TYR C 326 -38.64 10.00 6.91
N GLU C 327 -38.20 8.87 7.47
CA GLU C 327 -39.10 7.91 8.08
C GLU C 327 -38.81 7.72 9.56
N MET C 328 -38.23 8.72 10.22
CA MET C 328 -37.77 8.56 11.59
C MET C 328 -38.92 8.62 12.59
N ASP C 329 -38.84 7.74 13.59
CA ASP C 329 -39.78 7.59 14.70
C ASP C 329 -39.10 6.77 15.77
N ASN C 330 -39.37 7.12 17.04
CA ASN C 330 -38.88 6.46 18.27
C ASN C 330 -37.36 6.41 18.33
N THR C 331 -36.71 7.49 17.93
CA THR C 331 -35.26 7.50 17.82
C THR C 331 -34.68 8.48 18.82
N ARG C 332 -33.37 8.57 18.85
CA ARG C 332 -32.68 9.56 19.67
C ARG C 332 -31.72 10.33 18.79
N LEU C 333 -31.89 11.64 18.75
CA LEU C 333 -31.10 12.53 17.91
C LEU C 333 -30.01 13.15 18.76
N ILE C 334 -28.76 12.92 18.39
CA ILE C 334 -27.61 13.53 19.05
C ILE C 334 -27.02 14.52 18.06
N ARG C 335 -26.89 15.77 18.47
CA ARG C 335 -26.30 16.82 17.65
C ARG C 335 -25.03 17.29 18.32
N VAL C 336 -23.92 17.23 17.59
CA VAL C 336 -22.66 17.79 18.04
C VAL C 336 -22.57 19.22 17.55
N HIS C 337 -22.28 20.15 18.47
CA HIS C 337 -22.36 21.56 18.17
C HIS C 337 -21.12 22.02 17.41
N SER C 338 -21.21 23.19 16.79
CA SER C 338 -20.16 23.72 15.93
C SER C 338 -19.03 24.41 16.68
N THR C 339 -19.12 24.53 18.01
CA THR C 339 -18.13 25.21 18.81
C THR C 339 -16.87 24.38 18.96
N GLU C 340 -15.78 25.05 19.32
CA GLU C 340 -14.49 24.39 19.53
C GLU C 340 -14.46 23.58 20.84
N LYS C 341 -15.30 23.92 21.81
CA LYS C 341 -15.56 23.07 22.95
C LYS C 341 -16.73 22.18 22.59
N VAL C 342 -16.54 20.86 22.65
CA VAL C 342 -17.49 19.91 22.08
C VAL C 342 -18.66 19.74 23.06
N VAL C 343 -19.82 20.23 22.65
CA VAL C 343 -21.07 20.07 23.38
C VAL C 343 -22.00 19.22 22.54
N CYS C 344 -22.53 18.16 23.12
CA CYS C 344 -23.48 17.28 22.45
C CYS C 344 -24.84 17.38 23.13
N SER C 345 -25.89 17.53 22.32
CA SER C 345 -27.26 17.66 22.82
C SER C 345 -28.12 16.55 22.24
N SER C 346 -28.91 15.90 23.08
CA SER C 346 -29.66 14.73 22.66
C SER C 346 -31.16 14.92 22.94
N HIS C 347 -31.97 14.38 22.03
CA HIS C 347 -33.42 14.52 22.09
C HIS C 347 -34.07 13.18 21.78
N MET C 348 -35.05 12.78 22.58
CA MET C 348 -35.79 11.55 22.31
C MET C 348 -36.92 11.90 21.35
N TYR C 349 -36.71 11.62 20.08
CA TYR C 349 -37.68 11.99 19.05
C TYR C 349 -38.76 10.93 18.98
N ASN C 350 -39.99 11.33 19.33
CA ASN C 350 -41.20 10.55 19.16
C ASN C 350 -42.24 11.39 18.45
N VAL C 351 -43.01 10.76 17.57
CA VAL C 351 -44.16 11.38 16.93
C VAL C 351 -45.41 10.83 17.60
N GLU C 352 -46.32 11.73 17.97
CA GLU C 352 -47.50 11.39 18.75
C GLU C 352 -48.55 10.68 17.90
N GLU C 353 -49.55 10.13 18.59
CA GLU C 353 -50.65 9.44 17.91
C GLU C 353 -51.61 10.42 17.24
N ALA C 354 -51.66 11.67 17.70
CA ALA C 354 -52.52 12.66 17.08
C ALA C 354 -51.94 13.16 15.75
N TYR C 355 -50.63 13.06 15.57
CA TYR C 355 -49.96 13.53 14.37
C TYR C 355 -49.70 12.42 13.36
N GLY C 356 -50.58 11.42 13.30
CA GLY C 356 -50.33 10.27 12.45
C GLY C 356 -50.58 10.52 10.98
N SER C 357 -51.52 11.40 10.66
CA SER C 357 -51.83 11.73 9.27
C SER C 357 -50.94 12.84 8.72
N VAL C 358 -50.12 13.47 9.56
CA VAL C 358 -49.30 14.60 9.18
C VAL C 358 -47.84 14.17 9.02
N LYS C 359 -47.52 12.93 9.43
CA LYS C 359 -46.17 12.47 9.85
C LYS C 359 -45.16 12.46 8.71
N LYS C 360 -45.61 12.19 7.48
CA LYS C 360 -44.73 12.20 6.31
C LYS C 360 -44.29 13.62 5.97
N LYS C 361 -45.24 14.57 5.96
CA LYS C 361 -44.95 15.97 5.70
C LYS C 361 -44.18 16.62 6.84
N LEU C 362 -44.47 16.19 8.07
CA LEU C 362 -43.79 16.64 9.28
C LEU C 362 -42.32 16.20 9.31
N ASN C 363 -42.05 14.96 8.93
CA ASN C 363 -40.68 14.45 8.89
C ASN C 363 -39.91 15.01 7.72
N LYS C 364 -40.55 15.17 6.56
CA LYS C 364 -39.91 15.77 5.40
C LYS C 364 -39.68 17.28 5.55
N ALA C 365 -40.41 17.95 6.44
CA ALA C 365 -40.09 19.34 6.75
C ALA C 365 -38.99 19.45 7.80
N LEU C 366 -39.05 18.62 8.86
CA LEU C 366 -38.16 18.77 10.00
C LEU C 366 -36.76 18.22 9.73
N SER C 367 -36.63 17.22 8.84
CA SER C 367 -35.36 16.53 8.63
C SER C 367 -34.34 17.37 7.87
N SER C 368 -34.77 18.39 7.14
CA SER C 368 -33.85 19.35 6.56
C SER C 368 -33.52 20.48 7.51
N ALA C 369 -34.43 20.78 8.45
CA ALA C 369 -34.22 21.83 9.44
C ALA C 369 -33.34 21.39 10.58
N LEU C 370 -33.12 20.08 10.73
CA LEU C 370 -32.19 19.56 11.74
C LEU C 370 -30.73 19.89 11.47
N PHE C 371 -30.36 20.17 10.22
CA PHE C 371 -28.98 20.43 9.82
C PHE C 371 -28.69 21.92 9.71
N ALA C 372 -29.26 22.75 10.59
CA ALA C 372 -29.09 24.19 10.55
C ALA C 372 -28.60 24.73 11.88
N GLU C 373 -28.60 26.06 12.03
CA GLU C 373 -28.23 26.69 13.30
C GLU C 373 -29.31 27.66 13.77
N ARG C 374 -30.00 28.29 12.83
CA ARG C 374 -31.08 29.22 13.13
C ARG C 374 -32.24 28.91 12.19
N VAL C 375 -33.40 28.58 12.75
CA VAL C 375 -34.54 28.17 11.95
C VAL C 375 -35.66 29.19 12.15
N LEU C 376 -36.13 29.78 11.06
CA LEU C 376 -37.29 30.65 11.08
C LEU C 376 -38.53 29.85 10.71
N LEU C 377 -39.54 29.89 11.55
CA LEU C 377 -40.77 29.14 11.37
C LEU C 377 -41.84 30.06 10.81
N ILE C 378 -42.31 29.78 9.60
CA ILE C 378 -43.33 30.58 8.93
C ILE C 378 -44.49 29.67 8.54
N GLU C 379 -45.58 30.30 8.08
CA GLU C 379 -46.84 29.59 7.87
C GLU C 379 -46.98 29.03 6.46
N GLY C 380 -46.94 29.89 5.45
CA GLY C 380 -47.24 29.47 4.10
C GLY C 380 -46.14 29.78 3.10
N PRO C 381 -46.40 29.53 1.81
CA PRO C 381 -45.36 29.74 0.80
C PRO C 381 -45.16 31.18 0.38
N SER C 382 -46.14 32.07 0.62
CA SER C 382 -45.98 33.48 0.24
C SER C 382 -45.02 34.19 1.18
N GLU C 383 -44.95 33.75 2.44
CA GLU C 383 -43.90 34.17 3.36
C GLU C 383 -42.52 33.74 2.89
N LYS C 384 -42.43 32.55 2.29
CA LYS C 384 -41.18 32.06 1.74
C LYS C 384 -40.76 32.83 0.48
N ILE C 385 -41.75 33.25 -0.33
CA ILE C 385 -41.49 34.07 -1.53
C ILE C 385 -40.97 35.45 -1.15
N LEU C 386 -41.64 36.12 -0.20
CA LEU C 386 -41.25 37.46 0.24
C LEU C 386 -39.94 37.46 1.02
N PHE C 387 -39.75 36.47 1.91
CA PHE C 387 -38.55 36.42 2.73
C PHE C 387 -37.34 35.93 1.93
N GLU C 388 -37.54 35.07 0.92
CA GLU C 388 -36.44 34.69 0.05
C GLU C 388 -36.06 35.79 -0.92
N LYS C 389 -37.00 36.66 -1.32
CA LYS C 389 -36.65 37.82 -2.13
C LYS C 389 -35.88 38.87 -1.33
N VAL C 390 -36.32 39.16 -0.09
CA VAL C 390 -35.66 40.16 0.76
C VAL C 390 -34.30 39.66 1.24
N LEU C 391 -34.20 38.37 1.58
CA LEU C 391 -32.92 37.78 1.92
C LEU C 391 -32.03 37.53 0.70
N ASP C 392 -32.59 37.50 -0.51
CA ASP C 392 -31.74 37.49 -1.69
C ASP C 392 -31.13 38.87 -1.93
N GLU C 393 -31.89 39.93 -1.66
CA GLU C 393 -31.39 41.27 -1.94
C GLU C 393 -30.60 41.91 -0.80
N VAL C 394 -30.61 41.33 0.41
CA VAL C 394 -29.92 41.91 1.56
C VAL C 394 -28.72 41.05 1.99
N GLU C 395 -28.98 39.80 2.40
CA GLU C 395 -27.94 38.92 2.95
C GLU C 395 -27.95 37.62 2.16
N PRO C 396 -27.26 37.56 1.01
CA PRO C 396 -27.47 36.44 0.07
C PRO C 396 -26.83 35.12 0.47
N GLU C 397 -25.95 35.11 1.47
CA GLU C 397 -25.44 33.86 2.03
C GLU C 397 -25.99 33.72 3.45
N TYR C 398 -27.15 33.08 3.54
CA TYR C 398 -27.76 32.81 4.84
C TYR C 398 -27.91 31.30 4.98
N GLU C 399 -28.08 30.61 3.85
CA GLU C 399 -28.06 29.14 3.86
C GLU C 399 -26.65 28.61 4.08
N LEU C 400 -25.64 29.38 3.66
CA LEU C 400 -24.24 29.02 3.87
C LEU C 400 -23.85 29.12 5.32
N ASN C 401 -24.44 30.05 6.07
CA ASN C 401 -24.06 30.33 7.44
C ASN C 401 -24.97 29.67 8.47
N GLY C 402 -25.99 28.95 8.05
CA GLY C 402 -26.81 28.17 8.97
C GLY C 402 -28.26 28.57 9.09
N GLY C 403 -28.76 29.53 8.32
CA GLY C 403 -30.16 29.89 8.38
C GLY C 403 -31.03 28.91 7.62
N PHE C 404 -32.31 28.87 7.99
CA PHE C 404 -33.28 27.99 7.36
C PHE C 404 -34.68 28.58 7.50
N LEU C 405 -35.51 28.37 6.50
CA LEU C 405 -36.91 28.75 6.52
C LEU C 405 -37.76 27.50 6.52
N LEU C 406 -38.63 27.35 7.52
CA LEU C 406 -39.40 26.15 7.74
C LEU C 406 -40.89 26.46 7.65
N GLU C 407 -41.62 25.65 6.88
CA GLU C 407 -43.06 25.80 6.74
C GLU C 407 -43.78 24.89 7.71
N VAL C 408 -44.76 25.45 8.44
CA VAL C 408 -45.48 24.68 9.44
C VAL C 408 -46.88 24.33 8.94
N GLY C 409 -47.67 25.34 8.58
CA GLY C 409 -48.98 25.06 8.02
C GLY C 409 -50.07 24.76 9.03
N GLY C 410 -49.86 25.09 10.29
CA GLY C 410 -50.91 24.96 11.28
C GLY C 410 -50.95 23.65 12.05
N THR C 411 -49.82 23.28 12.65
CA THR C 411 -49.73 22.11 13.53
C THR C 411 -49.22 22.52 14.90
N TYR C 412 -49.65 23.69 15.37
CA TYR C 412 -49.59 24.20 16.75
C TYR C 412 -48.19 24.43 17.31
N PHE C 413 -47.13 24.42 16.48
CA PHE C 413 -45.74 24.78 16.77
C PHE C 413 -44.99 23.98 17.85
N ASN C 414 -45.58 22.92 18.41
CA ASN C 414 -45.01 22.32 19.61
C ASN C 414 -43.88 21.34 19.29
N HIS C 415 -44.09 20.56 18.22
CA HIS C 415 -43.20 19.46 17.83
C HIS C 415 -41.85 19.98 17.37
N TYR C 416 -41.87 21.02 16.53
CA TYR C 416 -40.67 21.62 15.98
C TYR C 416 -39.86 22.38 17.04
N VAL C 417 -40.55 23.12 17.92
CA VAL C 417 -39.85 23.93 18.92
C VAL C 417 -39.27 23.06 20.03
N CYS C 418 -39.96 21.95 20.38
CA CYS C 418 -39.41 20.98 21.33
C CYS C 418 -38.21 20.22 20.77
N THR C 419 -38.27 19.84 19.47
CA THR C 419 -37.15 19.15 18.83
C THR C 419 -35.96 20.07 18.59
N LEU C 420 -36.18 21.32 18.20
CA LEU C 420 -35.07 22.25 17.98
C LEU C 420 -34.50 22.81 19.28
N ASN C 421 -35.33 22.97 20.31
CA ASN C 421 -34.86 23.49 21.59
C ASN C 421 -34.12 22.43 22.38
N ASP C 422 -34.47 21.15 22.21
CA ASP C 422 -33.72 20.10 22.88
C ASP C 422 -32.35 19.86 22.26
N LEU C 423 -32.14 20.24 21.00
CA LEU C 423 -30.88 20.03 20.31
C LEU C 423 -29.96 21.24 20.32
N GLY C 424 -30.44 22.40 20.76
CA GLY C 424 -29.61 23.59 20.78
C GLY C 424 -29.66 24.45 19.54
N ILE C 425 -30.67 24.27 18.70
CA ILE C 425 -30.83 25.05 17.48
C ILE C 425 -31.77 26.20 17.78
N THR C 426 -31.38 27.43 17.41
CA THR C 426 -32.16 28.62 17.73
C THR C 426 -33.40 28.70 16.86
N HIS C 427 -34.56 28.85 17.49
CA HIS C 427 -35.83 28.89 16.79
C HIS C 427 -36.42 30.29 16.90
N ILE C 428 -36.75 30.88 15.75
CA ILE C 428 -37.40 32.18 15.67
C ILE C 428 -38.76 31.92 15.01
N ILE C 429 -39.82 32.47 15.57
CA ILE C 429 -41.17 32.25 15.06
C ILE C 429 -41.72 33.60 14.59
N LYS C 430 -42.16 33.65 13.35
CA LYS C 430 -42.91 34.79 12.82
C LYS C 430 -44.32 34.32 12.49
N THR C 431 -45.32 34.97 13.06
CA THR C 431 -46.69 34.52 12.87
C THR C 431 -47.65 35.70 12.92
N ASP C 432 -48.92 35.41 12.61
CA ASP C 432 -49.96 36.43 12.54
C ASP C 432 -51.13 36.03 13.43
N ASN C 433 -51.85 37.05 13.91
CA ASN C 433 -52.99 36.84 14.79
C ASN C 433 -54.25 36.68 13.95
N ASP C 434 -54.88 35.51 14.04
CA ASP C 434 -56.06 35.22 13.25
C ASP C 434 -57.15 34.60 14.12
N LEU C 435 -58.39 34.93 13.80
CA LEU C 435 -59.56 34.38 14.49
C LEU C 435 -60.18 33.31 13.61
N LYS C 436 -60.51 32.17 14.22
CA LYS C 436 -61.07 31.03 13.50
C LYS C 436 -62.53 30.84 13.89
N SER C 437 -63.39 30.69 12.88
CA SER C 437 -64.81 30.45 13.14
C SER C 437 -65.02 29.03 13.64
N LYS C 438 -65.96 28.87 14.57
CA LYS C 438 -66.18 27.58 15.21
C LYS C 438 -67.01 26.66 14.32
N LYS C 439 -67.18 25.43 14.78
CA LYS C 439 -67.84 24.37 14.03
C LYS C 439 -69.30 24.28 14.47
N GLY C 440 -70.21 24.66 13.58
CA GLY C 440 -71.63 24.51 13.83
C GLY C 440 -72.26 25.58 14.70
N LYS C 441 -71.52 26.61 15.08
CA LYS C 441 -72.04 27.68 15.92
C LYS C 441 -71.77 29.02 15.24
N LYS C 442 -72.72 29.93 15.32
CA LYS C 442 -72.66 31.19 14.60
C LYS C 442 -72.15 32.30 15.52
N GLY C 443 -71.26 33.13 14.99
CA GLY C 443 -70.85 34.34 15.66
C GLY C 443 -69.82 34.19 16.75
N VAL C 444 -69.16 33.05 16.86
CA VAL C 444 -68.12 32.82 17.86
C VAL C 444 -66.80 32.55 17.15
N TYR C 445 -65.71 33.05 17.75
CA TYR C 445 -64.40 32.97 17.13
C TYR C 445 -63.37 32.55 18.16
N GLU C 446 -62.54 31.57 17.79
CA GLU C 446 -61.42 31.15 18.60
C GLU C 446 -60.20 31.98 18.27
N LEU C 447 -59.46 32.36 19.31
CA LEU C 447 -58.26 33.20 19.18
C LEU C 447 -57.08 32.28 18.89
N LEU C 448 -56.97 31.87 17.62
CA LEU C 448 -56.18 30.70 17.27
C LEU C 448 -54.68 31.00 17.21
N GLY C 449 -54.29 32.17 16.69
CA GLY C 449 -52.89 32.55 16.64
C GLY C 449 -52.32 32.89 18.00
N LEU C 450 -53.13 33.50 18.87
CA LEU C 450 -52.72 33.78 20.24
C LEU C 450 -52.65 32.50 21.08
N ASN C 451 -53.53 31.52 20.83
CA ASN C 451 -53.47 30.24 21.54
C ASN C 451 -52.28 29.40 21.06
N ARG C 452 -51.97 29.50 19.76
CA ARG C 452 -50.84 28.79 19.19
C ARG C 452 -49.51 29.39 19.63
N CYS C 453 -49.50 30.70 19.93
CA CYS C 453 -48.34 31.28 20.62
C CYS C 453 -48.31 30.90 22.09
N LEU C 454 -49.48 30.83 22.75
CA LEU C 454 -49.55 30.60 24.20
C LEU C 454 -49.24 29.17 24.60
N ASN C 455 -49.40 28.20 23.70
CA ASN C 455 -49.00 26.83 24.03
C ASN C 455 -47.50 26.59 24.01
N LEU C 456 -46.71 27.51 23.46
CA LEU C 456 -45.26 27.36 23.46
C LEU C 456 -44.65 27.68 24.81
N LEU C 457 -45.17 28.70 25.50
CA LEU C 457 -44.70 28.99 26.85
C LEU C 457 -45.22 27.97 27.85
N GLY C 458 -46.41 27.42 27.58
CA GLY C 458 -47.05 26.44 28.43
C GLY C 458 -48.07 27.17 29.26
N ARG C 459 -49.31 27.22 28.77
CA ARG C 459 -50.40 27.93 29.40
C ARG C 459 -51.67 27.14 29.15
N GLU C 460 -52.81 27.74 29.44
CA GLU C 460 -54.09 27.23 28.99
C GLU C 460 -54.52 28.00 27.75
N ASN C 461 -55.41 27.37 26.98
CA ASN C 461 -56.01 28.06 25.85
C ASN C 461 -57.01 29.09 26.34
N LEU C 462 -57.04 30.25 25.68
CA LEU C 462 -57.89 31.35 26.10
C LEU C 462 -59.34 31.08 25.74
N ASP C 463 -60.24 31.74 26.48
CA ASP C 463 -61.66 31.62 26.23
C ASP C 463 -62.04 32.36 24.96
N GLU C 464 -62.96 31.79 24.20
CA GLU C 464 -63.35 32.34 22.92
C GLU C 464 -64.23 33.58 23.08
N ILE C 465 -64.03 34.55 22.20
CA ILE C 465 -64.79 35.78 22.23
C ILE C 465 -65.89 35.69 21.19
N THR C 466 -66.89 36.56 21.33
CA THR C 466 -67.96 36.66 20.36
C THR C 466 -68.29 38.12 20.10
N ILE C 467 -68.69 38.40 18.86
CA ILE C 467 -69.15 39.72 18.45
C ILE C 467 -70.41 39.54 17.60
N ASP C 468 -71.28 40.55 17.65
CA ASP C 468 -72.55 40.52 16.96
C ASP C 468 -72.43 41.30 15.66
N ILE C 469 -72.67 40.61 14.54
CA ILE C 469 -72.61 41.20 13.21
C ILE C 469 -73.99 41.09 12.59
N PRO C 470 -74.61 42.20 12.12
CA PRO C 470 -75.92 42.08 11.45
C PRO C 470 -75.85 41.54 10.02
N GLU C 471 -76.99 41.57 9.32
CA GLU C 471 -77.09 40.92 8.03
C GLU C 471 -76.42 41.71 6.90
N ASP C 472 -76.33 43.04 7.06
CA ASP C 472 -75.83 44.15 6.23
C ASP C 472 -75.10 43.87 4.91
N ILE C 473 -73.87 44.36 4.76
CA ILE C 473 -72.97 43.94 3.68
C ILE C 473 -71.85 43.14 4.34
N LYS C 474 -71.32 42.15 3.61
CA LYS C 474 -70.27 41.30 4.14
C LYS C 474 -69.09 41.18 3.18
N GLY C 475 -69.03 42.04 2.17
CA GLY C 475 -67.93 42.01 1.24
C GLY C 475 -66.68 42.68 1.79
N LYS C 476 -66.84 43.88 2.32
CA LYS C 476 -65.71 44.65 2.84
C LYS C 476 -65.72 44.84 4.34
N LYS C 477 -66.82 45.39 4.91
CA LYS C 477 -66.83 45.98 6.25
C LYS C 477 -66.73 44.95 7.38
N LYS C 478 -67.01 43.68 7.09
CA LYS C 478 -66.78 42.58 8.02
C LYS C 478 -65.30 42.40 8.30
N LYS C 479 -64.45 42.62 7.30
CA LYS C 479 -63.01 42.52 7.48
C LYS C 479 -62.43 43.67 8.30
N GLU C 480 -62.93 44.91 8.15
CA GLU C 480 -62.47 45.97 9.05
C GLU C 480 -63.07 45.86 10.45
N ARG C 481 -64.25 45.25 10.61
CA ARG C 481 -64.76 44.99 11.96
C ARG C 481 -63.96 43.91 12.67
N LEU C 482 -63.55 42.86 11.93
CA LEU C 482 -62.66 41.85 12.48
C LEU C 482 -61.24 42.38 12.70
N ASN C 483 -60.81 43.35 11.89
CA ASN C 483 -59.50 43.97 12.08
C ASN C 483 -59.49 44.89 13.30
N GLU C 484 -60.61 45.57 13.56
CA GLU C 484 -60.73 46.37 14.78
C GLU C 484 -60.84 45.49 16.02
N ARG C 485 -61.47 44.32 15.90
CA ARG C 485 -61.50 43.36 17.01
C ARG C 485 -60.12 42.75 17.27
N LYS C 486 -59.35 42.50 16.20
CA LYS C 486 -57.97 42.02 16.34
C LYS C 486 -57.04 43.08 16.93
N LYS C 487 -57.28 44.36 16.60
CA LYS C 487 -56.55 45.46 17.22
C LYS C 487 -56.90 45.62 18.70
N GLU C 488 -58.15 45.37 19.08
CA GLU C 488 -58.54 45.41 20.49
C GLU C 488 -57.97 44.23 21.28
N ILE C 489 -57.87 43.05 20.65
CA ILE C 489 -57.20 41.89 21.27
C ILE C 489 -55.71 42.15 21.45
N PHE C 490 -55.05 42.72 20.43
CA PHE C 490 -53.62 43.03 20.53
C PHE C 490 -53.32 44.21 21.46
N LYS C 491 -54.29 45.09 21.69
CA LYS C 491 -54.12 46.12 22.70
C LYS C 491 -54.41 45.59 24.10
N GLN C 492 -55.25 44.54 24.21
CA GLN C 492 -55.62 44.01 25.52
C GLN C 492 -54.50 43.20 26.14
N TYR C 493 -53.80 42.39 25.36
CA TYR C 493 -52.92 41.34 25.85
C TYR C 493 -51.44 41.73 25.76
N LYS C 494 -51.09 42.97 26.14
CA LYS C 494 -49.77 43.54 25.86
C LYS C 494 -48.64 42.90 26.68
N ASN C 495 -48.93 42.41 27.89
CA ASN C 495 -47.90 41.78 28.70
C ASN C 495 -47.53 40.39 28.20
N GLU C 496 -48.49 39.63 27.66
CA GLU C 496 -48.16 38.36 27.01
C GLU C 496 -47.42 38.57 25.69
N VAL C 497 -47.71 39.67 24.98
CA VAL C 497 -46.99 40.02 23.76
C VAL C 497 -45.55 40.41 24.08
N GLY C 498 -45.34 41.14 25.19
CA GLY C 498 -43.98 41.41 25.64
C GLY C 498 -43.26 40.19 26.20
N GLU C 499 -44.01 39.21 26.70
CA GLU C 499 -43.42 37.92 27.05
C GLU C 499 -43.04 37.12 25.81
N PHE C 500 -43.78 37.29 24.70
CA PHE C 500 -43.38 36.64 23.44
C PHE C 500 -42.16 37.33 22.83
N LEU C 501 -42.05 38.65 23.00
CA LEU C 501 -40.83 39.38 22.65
C LEU C 501 -39.66 39.07 23.57
N GLY C 502 -39.91 38.59 24.79
CA GLY C 502 -38.85 38.00 25.60
C GLY C 502 -38.29 36.73 25.01
N GLU C 503 -39.12 35.96 24.32
CA GLU C 503 -38.67 34.85 23.48
C GLU C 503 -38.40 35.38 22.07
N ARG C 504 -38.26 34.48 21.10
CA ARG C 504 -38.11 34.87 19.71
C ARG C 504 -39.43 34.79 18.93
N ILE C 505 -40.56 34.83 19.61
CA ILE C 505 -41.86 34.76 18.95
C ILE C 505 -42.31 36.17 18.59
N TYR C 506 -42.67 36.37 17.32
CA TYR C 506 -43.03 37.67 16.78
C TYR C 506 -44.45 37.55 16.21
N LEU C 507 -45.43 38.04 16.97
CA LEU C 507 -46.82 38.00 16.59
C LEU C 507 -47.20 39.32 15.94
N SER C 508 -47.80 39.24 14.75
CA SER C 508 -48.24 40.43 14.05
C SER C 508 -49.54 40.95 14.67
N GLU C 509 -49.81 42.24 14.40
CA GLU C 509 -51.01 42.88 14.92
C GLU C 509 -52.26 42.41 14.18
N ILE C 510 -52.20 42.33 12.86
CA ILE C 510 -53.31 41.79 12.08
C ILE C 510 -52.79 40.64 11.23
N ASP C 511 -51.85 40.94 10.32
CA ASP C 511 -51.36 39.96 9.37
C ASP C 511 -49.94 40.33 8.96
N LEU C 512 -49.39 39.55 8.01
CA LEU C 512 -48.12 39.91 7.39
C LEU C 512 -48.30 41.09 6.44
N GLU C 513 -49.47 41.19 5.80
CA GLU C 513 -49.71 42.19 4.77
C GLU C 513 -49.88 43.59 5.33
N ASN C 514 -50.41 43.72 6.55
CA ASN C 514 -50.48 45.01 7.21
C ASN C 514 -49.12 45.47 7.72
N ASP C 515 -48.27 44.53 8.14
CA ASP C 515 -46.88 44.87 8.47
C ASP C 515 -46.07 45.23 7.23
N LEU C 516 -46.40 44.62 6.10
CA LEU C 516 -45.74 44.94 4.84
C LEU C 516 -46.21 46.29 4.32
N TYR C 517 -47.47 46.65 4.57
CA TYR C 517 -47.95 47.99 4.27
C TYR C 517 -47.36 49.03 5.23
N SER C 518 -47.08 48.64 6.47
CA SER C 518 -46.42 49.55 7.40
C SER C 518 -44.94 49.72 7.08
N ALA C 519 -44.32 48.72 6.45
CA ALA C 519 -42.91 48.85 6.06
C ALA C 519 -42.77 49.73 4.82
N ILE C 520 -43.35 49.31 3.70
CA ILE C 520 -43.40 50.11 2.49
C ILE C 520 -44.85 50.49 2.20
N GLY C 521 -45.11 51.78 2.05
CA GLY C 521 -46.46 52.24 1.85
C GLY C 521 -46.72 52.81 0.47
N GLU C 522 -45.74 53.56 -0.06
CA GLU C 522 -45.90 54.17 -1.37
C GLU C 522 -45.58 53.19 -2.49
N SER C 523 -44.74 52.19 -2.21
CA SER C 523 -44.32 51.24 -3.24
C SER C 523 -45.44 50.26 -3.58
N MET C 524 -46.24 49.86 -2.60
CA MET C 524 -47.38 48.99 -2.88
C MET C 524 -48.52 49.75 -3.54
N LYS C 525 -48.60 51.08 -3.33
CA LYS C 525 -49.55 51.88 -4.08
C LYS C 525 -49.09 52.13 -5.51
N ARG C 526 -47.78 52.23 -5.72
CA ARG C 526 -47.26 52.42 -7.08
C ARG C 526 -47.30 51.14 -7.90
N ILE C 527 -47.08 49.98 -7.28
CA ILE C 527 -47.04 48.73 -8.04
C ILE C 527 -48.44 48.24 -8.37
N PHE C 528 -49.32 48.18 -7.35
CA PHE C 528 -50.63 47.56 -7.56
C PHE C 528 -51.63 48.50 -8.20
N GLU C 529 -51.48 49.82 -7.97
CA GLU C 529 -52.32 50.92 -8.45
C GLU C 529 -53.78 50.74 -8.01
N ASN C 530 -53.96 50.81 -6.69
CA ASN C 530 -55.26 50.57 -6.07
C ASN C 530 -55.41 51.54 -4.92
N GLU C 531 -56.67 51.74 -4.49
CA GLU C 531 -56.94 52.56 -3.31
C GLU C 531 -56.47 51.87 -2.04
N ASP C 532 -56.57 50.54 -1.98
CA ASP C 532 -55.96 49.75 -0.92
C ASP C 532 -55.15 48.58 -1.47
N PRO C 533 -53.83 48.57 -1.28
CA PRO C 533 -53.03 47.44 -1.80
C PRO C 533 -53.04 46.22 -0.91
N VAL C 534 -53.56 46.33 0.32
CA VAL C 534 -53.64 45.19 1.22
C VAL C 534 -54.72 44.22 0.75
N HIS C 535 -55.88 44.75 0.35
CA HIS C 535 -57.03 43.95 -0.05
C HIS C 535 -56.84 43.28 -1.41
N TYR C 536 -56.10 43.90 -2.32
CA TYR C 536 -55.76 43.26 -3.58
C TYR C 536 -54.74 42.14 -3.39
N LEU C 537 -53.82 42.31 -2.43
CA LEU C 537 -52.86 41.26 -2.11
C LEU C 537 -53.50 40.12 -1.33
N GLN C 538 -54.63 40.35 -0.67
CA GLN C 538 -55.38 39.34 0.05
C GLN C 538 -56.31 38.53 -0.85
N LYS C 539 -56.46 38.88 -2.13
CA LYS C 539 -57.36 38.14 -3.01
C LYS C 539 -56.75 36.81 -3.45
N SER C 540 -55.63 36.88 -4.16
CA SER C 540 -54.86 35.69 -4.54
C SER C 540 -53.47 35.86 -3.96
N LYS C 541 -53.15 35.07 -2.94
CA LYS C 541 -51.92 35.25 -2.20
C LYS C 541 -50.70 34.72 -2.96
N LEU C 542 -50.87 33.65 -3.71
CA LEU C 542 -49.75 33.06 -4.42
C LEU C 542 -49.47 33.72 -5.76
N PHE C 543 -50.35 34.58 -6.24
CA PHE C 543 -50.16 35.26 -7.52
C PHE C 543 -49.74 36.71 -7.36
N ASN C 544 -50.32 37.42 -6.39
CA ASN C 544 -50.05 38.84 -6.24
C ASN C 544 -48.76 39.11 -5.45
N MET C 545 -48.30 38.14 -4.67
CA MET C 545 -47.00 38.27 -4.02
C MET C 545 -45.86 38.11 -5.02
N VAL C 546 -46.07 37.26 -6.05
CA VAL C 546 -45.13 37.10 -7.15
C VAL C 546 -45.09 38.39 -8.00
N GLU C 547 -46.25 39.02 -8.18
CA GLU C 547 -46.35 40.30 -8.89
C GLU C 547 -45.74 41.43 -8.07
N LEU C 548 -45.79 41.32 -6.74
CA LEU C 548 -45.15 42.32 -5.88
C LEU C 548 -43.63 42.19 -5.89
N VAL C 549 -43.11 40.96 -5.75
CA VAL C 549 -41.66 40.79 -5.71
C VAL C 549 -41.02 40.81 -7.09
N ASN C 550 -41.80 40.72 -8.17
CA ASN C 550 -41.25 40.93 -9.50
C ASN C 550 -40.99 42.42 -9.75
N ASN C 551 -41.84 43.28 -9.19
CA ASN C 551 -41.72 44.72 -9.33
C ASN C 551 -41.02 45.37 -8.16
N LEU C 552 -40.54 44.59 -7.19
CA LEU C 552 -39.88 45.13 -6.01
C LEU C 552 -38.43 45.44 -6.35
N SER C 553 -38.06 46.71 -6.32
CA SER C 553 -36.70 47.11 -6.62
C SER C 553 -35.81 46.98 -5.39
N THR C 554 -34.56 47.39 -5.54
CA THR C 554 -33.66 47.46 -4.39
C THR C 554 -34.00 48.70 -3.56
N LYS C 555 -33.61 48.61 -2.27
CA LYS C 555 -33.76 49.49 -1.08
C LYS C 555 -35.19 49.45 -0.50
N ASP C 556 -36.16 48.85 -1.22
CA ASP C 556 -37.42 48.47 -0.59
C ASP C 556 -37.24 47.22 0.25
N CYS C 557 -36.33 46.34 -0.16
CA CYS C 557 -35.98 45.17 0.65
C CYS C 557 -35.20 45.58 1.90
N PHE C 558 -34.41 46.65 1.82
CA PHE C 558 -33.78 47.22 3.01
C PHE C 558 -34.78 47.90 3.94
N ASP C 559 -35.85 48.50 3.39
CA ASP C 559 -36.91 49.05 4.22
C ASP C 559 -37.75 47.96 4.87
N VAL C 560 -37.89 46.81 4.22
CA VAL C 560 -38.52 45.65 4.86
C VAL C 560 -37.61 45.10 5.95
N PHE C 561 -36.30 44.99 5.68
CA PHE C 561 -35.35 44.31 6.55
C PHE C 561 -35.02 45.12 7.80
N GLU C 562 -34.96 46.44 7.69
CA GLU C 562 -34.59 47.29 8.82
C GLU C 562 -35.78 47.76 9.64
N HIS C 563 -36.98 47.27 9.33
CA HIS C 563 -38.18 47.69 10.04
C HIS C 563 -38.28 46.99 11.39
N GLU C 564 -39.05 47.59 12.30
CA GLU C 564 -39.27 47.01 13.62
C GLU C 564 -40.27 45.86 13.59
N LYS C 565 -41.11 45.78 12.56
CA LYS C 565 -42.05 44.67 12.42
C LYS C 565 -41.41 43.42 11.83
N PHE C 566 -40.18 43.50 11.35
CA PHE C 566 -39.46 42.39 10.74
C PHE C 566 -38.10 42.22 11.40
N ALA C 567 -38.10 42.12 12.74
CA ALA C 567 -36.89 41.81 13.47
C ALA C 567 -36.54 40.32 13.47
N CYS C 568 -37.45 39.48 12.99
CA CYS C 568 -37.18 38.05 12.84
C CYS C 568 -36.16 37.76 11.75
N LEU C 569 -36.09 38.62 10.72
CA LEU C 569 -35.06 38.49 9.69
C LEU C 569 -33.69 38.85 10.23
N LYS C 570 -33.63 39.84 11.13
CA LYS C 570 -32.37 40.19 11.80
C LYS C 570 -31.97 39.13 12.82
N GLU C 571 -32.95 38.41 13.39
CA GLU C 571 -32.61 37.27 14.24
C GLU C 571 -32.14 36.08 13.41
N LEU C 572 -32.69 35.89 12.22
CA LEU C 572 -32.32 34.76 11.36
C LEU C 572 -30.95 34.95 10.72
N VAL C 573 -30.60 36.19 10.35
CA VAL C 573 -29.24 36.48 9.89
C VAL C 573 -28.25 36.40 11.05
N GLY C 574 -28.60 37.00 12.19
CA GLY C 574 -27.76 36.90 13.36
C GLY C 574 -26.83 38.06 13.59
N SER C 575 -27.01 39.17 12.88
CA SER C 575 -26.19 40.36 13.10
C SER C 575 -26.62 41.04 14.39
N ASP C 576 -25.64 41.34 15.25
CA ASP C 576 -25.90 41.91 16.55
C ASP C 576 -25.61 43.41 16.52
N ARG C 577 -26.58 44.20 16.99
CA ARG C 577 -26.39 45.65 17.05
C ARG C 577 -25.46 46.03 18.21
N GLY C 578 -25.64 45.41 19.37
CA GLY C 578 -24.82 45.71 20.52
C GLY C 578 -24.22 44.46 21.15
N MET D 1 22.07 -17.35 32.40
CA MET D 1 20.82 -17.75 31.79
C MET D 1 21.09 -18.39 30.46
N LYS D 2 20.45 -19.52 30.17
CA LYS D 2 20.73 -20.24 28.94
C LYS D 2 19.47 -20.93 28.44
N PHE D 3 19.22 -20.87 27.14
CA PHE D 3 18.16 -21.69 26.55
C PHE D 3 18.60 -23.15 26.51
N SER D 4 17.70 -24.06 26.84
CA SER D 4 18.08 -25.46 26.94
C SER D 4 17.37 -26.36 25.95
N ASN D 5 16.07 -26.17 25.73
CA ASN D 5 15.26 -27.10 24.98
C ASN D 5 14.01 -26.37 24.49
N ILE D 6 13.49 -26.81 23.35
CA ILE D 6 12.14 -26.43 22.94
C ILE D 6 11.44 -27.70 22.45
N THR D 7 10.13 -27.79 22.68
CA THR D 7 9.33 -28.94 22.33
C THR D 7 8.06 -28.45 21.65
N ILE D 8 7.88 -28.79 20.38
CA ILE D 8 6.77 -28.30 19.58
C ILE D 8 5.86 -29.46 19.24
N LYS D 9 4.58 -29.33 19.59
CA LYS D 9 3.55 -30.32 19.31
C LYS D 9 2.44 -29.70 18.48
N ASN D 10 2.11 -30.34 17.36
CA ASN D 10 0.95 -30.11 16.48
C ASN D 10 0.90 -28.70 15.88
N PHE D 11 2.04 -28.04 15.69
CA PHE D 11 2.09 -26.72 15.08
C PHE D 11 2.67 -26.85 13.69
N ARG D 12 1.80 -26.68 12.68
CA ARG D 12 2.08 -26.66 11.23
C ARG D 12 2.69 -27.98 10.81
N ASN D 13 3.91 -28.04 10.28
CA ASN D 13 4.46 -29.31 9.81
C ASN D 13 5.15 -30.10 10.91
N PHE D 14 5.20 -29.59 12.13
CA PHE D 14 5.79 -30.29 13.26
C PHE D 14 4.70 -31.02 14.02
N GLU D 15 4.78 -32.34 14.06
CA GLU D 15 3.84 -33.13 14.85
C GLU D 15 4.32 -33.28 16.29
N LYS D 16 5.56 -33.73 16.48
CA LYS D 16 6.16 -33.84 17.80
C LYS D 16 7.67 -33.74 17.59
N VAL D 17 8.25 -32.58 17.90
CA VAL D 17 9.70 -32.41 17.76
C VAL D 17 10.28 -31.82 19.05
N ASN D 18 11.56 -32.11 19.27
CA ASN D 18 12.27 -31.78 20.50
C ASN D 18 13.68 -31.36 20.11
N ILE D 19 14.03 -30.10 20.36
CA ILE D 19 15.28 -29.53 19.85
C ILE D 19 16.02 -28.88 21.03
N ASN D 20 17.23 -29.36 21.30
CA ASN D 20 18.09 -28.71 22.28
C ASN D 20 18.70 -27.45 21.70
N LEU D 21 18.81 -26.41 22.53
CA LEU D 21 19.23 -25.10 22.04
C LEU D 21 20.41 -24.53 22.82
N ASP D 22 20.75 -23.28 22.53
CA ASP D 22 21.75 -22.51 23.23
C ASP D 22 21.38 -21.03 23.08
N ASN D 23 22.32 -20.14 23.39
CA ASN D 23 22.08 -18.71 23.17
C ASN D 23 22.18 -18.35 21.70
N LYS D 24 23.13 -18.96 20.98
CA LYS D 24 23.36 -18.69 19.56
C LYS D 24 23.00 -19.94 18.77
N ASN D 25 21.95 -19.84 17.95
CA ASN D 25 21.39 -20.98 17.23
C ASN D 25 21.31 -20.68 15.74
N VAL D 26 21.76 -21.62 14.92
CA VAL D 26 21.76 -21.48 13.45
C VAL D 26 20.94 -22.62 12.85
N ILE D 27 19.90 -22.28 12.11
CA ILE D 27 18.95 -23.25 11.56
C ILE D 27 19.16 -23.36 10.05
N PHE D 28 19.29 -24.57 9.54
CA PHE D 28 19.51 -24.76 8.11
C PHE D 28 18.84 -26.03 7.65
N GLY D 29 18.57 -26.12 6.36
CA GLY D 29 17.91 -27.28 5.79
C GLY D 29 17.51 -27.03 4.36
N MET D 30 16.60 -27.88 3.88
CA MET D 30 16.13 -27.85 2.50
C MET D 30 15.03 -26.78 2.31
N ASN D 31 14.42 -26.81 1.14
CA ASN D 31 13.25 -25.98 0.87
C ASN D 31 11.97 -26.74 1.20
N ASP D 32 10.97 -25.97 1.68
CA ASP D 32 9.66 -26.43 2.21
C ASP D 32 9.83 -27.46 3.33
N ILE D 33 10.78 -27.22 4.22
CA ILE D 33 11.08 -28.16 5.28
C ILE D 33 10.72 -27.62 6.66
N GLY D 34 10.47 -26.32 6.80
CA GLY D 34 10.00 -25.80 8.06
C GLY D 34 11.00 -24.99 8.86
N LYS D 35 11.85 -24.22 8.19
CA LYS D 35 12.73 -23.31 8.92
C LYS D 35 12.00 -22.04 9.31
N THR D 36 11.08 -21.58 8.46
CA THR D 36 10.27 -20.40 8.79
C THR D 36 9.18 -20.76 9.79
N ASN D 37 8.67 -21.99 9.74
CA ASN D 37 7.67 -22.44 10.69
C ASN D 37 8.28 -22.74 12.06
N PHE D 38 9.57 -23.02 12.11
CA PHE D 38 10.26 -23.17 13.40
C PHE D 38 10.42 -21.81 14.07
N LEU D 39 10.71 -20.77 13.29
CA LEU D 39 10.91 -19.44 13.85
C LEU D 39 9.60 -18.76 14.20
N TYR D 40 8.50 -19.16 13.58
CA TYR D 40 7.21 -18.59 13.93
C TYR D 40 6.59 -19.24 15.17
N ALA D 41 7.12 -20.39 15.60
CA ALA D 41 6.70 -20.94 16.88
C ALA D 41 7.33 -20.15 18.03
N LEU D 42 8.50 -19.56 17.80
CA LEU D 42 9.09 -18.66 18.77
C LEU D 42 8.42 -17.29 18.74
N ARG D 43 7.84 -16.92 17.59
CA ARG D 43 7.13 -15.65 17.48
C ARG D 43 5.78 -15.71 18.19
N PHE D 44 5.11 -16.86 18.13
CA PHE D 44 3.85 -17.00 18.83
C PHE D 44 4.04 -17.17 20.33
N LEU D 45 5.20 -17.66 20.76
CA LEU D 45 5.45 -17.86 22.18
C LEU D 45 5.86 -16.57 22.87
N LEU D 46 6.75 -15.79 22.25
CA LEU D 46 7.43 -14.71 22.95
C LEU D 46 7.15 -13.31 22.41
N ASP D 47 6.65 -13.17 21.19
CA ASP D 47 6.37 -11.86 20.61
C ASP D 47 4.88 -11.58 20.72
N LYS D 48 4.54 -10.41 21.26
CA LYS D 48 3.15 -10.02 21.52
C LYS D 48 2.46 -9.44 20.31
N GLU D 49 3.18 -9.12 19.24
CA GLU D 49 2.56 -8.57 18.04
C GLU D 49 1.93 -9.63 17.15
N ILE D 50 2.24 -10.91 17.36
CA ILE D 50 1.64 -11.99 16.62
C ILE D 50 0.64 -12.78 17.48
N ARG D 51 0.86 -12.83 18.80
CA ARG D 51 0.03 -13.58 19.74
C ARG D 51 -1.36 -13.00 19.92
N LYS D 52 -1.54 -11.71 19.66
CA LYS D 52 -2.85 -11.07 19.80
C LYS D 52 -3.80 -11.38 18.66
N PHE D 53 -3.33 -11.96 17.57
CA PHE D 53 -4.20 -12.32 16.45
C PHE D 53 -4.74 -13.74 16.57
N GLY D 54 -4.14 -14.59 17.40
CA GLY D 54 -4.62 -15.94 17.57
C GLY D 54 -4.19 -16.87 16.45
N PHE D 55 -4.71 -18.09 16.53
CA PHE D 55 -4.42 -19.12 15.54
C PHE D 55 -5.59 -19.29 14.59
N ASN D 56 -5.27 -19.51 13.31
CA ASN D 56 -6.27 -19.80 12.30
C ASN D 56 -6.44 -21.31 12.18
N LYS D 57 -7.16 -21.74 11.14
CA LYS D 57 -7.26 -23.16 10.84
C LYS D 57 -5.98 -23.70 10.24
N SER D 58 -5.22 -22.86 9.55
CA SER D 58 -4.04 -23.29 8.81
C SER D 58 -2.79 -23.44 9.68
N ASP D 59 -2.87 -23.10 10.96
CA ASP D 59 -1.75 -23.25 11.88
C ASP D 59 -1.75 -24.60 12.57
N TYR D 60 -2.69 -25.47 12.25
CA TYR D 60 -2.81 -26.79 12.86
C TYR D 60 -2.22 -27.83 11.93
N HIS D 61 -1.81 -28.96 12.51
CA HIS D 61 -1.09 -29.99 11.77
C HIS D 61 -2.06 -30.81 10.94
N LYS D 62 -1.89 -30.70 9.60
CA LYS D 62 -2.78 -31.25 8.56
C LYS D 62 -4.22 -30.75 8.70
N HIS D 63 -4.36 -29.48 9.11
CA HIS D 63 -5.56 -28.64 9.06
C HIS D 63 -6.74 -29.14 9.90
N ASP D 64 -6.56 -30.08 10.83
CA ASP D 64 -7.67 -30.50 11.66
C ASP D 64 -7.49 -29.98 13.08
N THR D 65 -8.60 -29.60 13.69
CA THR D 65 -8.59 -28.81 14.90
C THR D 65 -8.88 -29.62 16.16
N SER D 66 -8.84 -30.94 16.06
CA SER D 66 -9.12 -31.80 17.21
C SER D 66 -7.90 -32.02 18.09
N LYS D 67 -6.73 -31.52 17.70
CA LYS D 67 -5.51 -31.64 18.48
C LYS D 67 -5.07 -30.27 18.93
N LYS D 68 -4.55 -30.20 20.16
CA LYS D 68 -4.14 -28.93 20.75
C LYS D 68 -2.69 -28.62 20.40
N ILE D 69 -2.37 -27.32 20.39
CA ILE D 69 -1.01 -26.87 20.11
C ILE D 69 -0.32 -26.57 21.43
N GLU D 70 0.85 -27.16 21.64
CA GLU D 70 1.59 -26.99 22.89
C GLU D 70 3.06 -26.75 22.59
N ILE D 71 3.57 -25.58 22.96
CA ILE D 71 4.98 -25.20 22.75
C ILE D 71 5.59 -24.86 24.10
N ILE D 72 6.62 -25.60 24.51
CA ILE D 72 7.25 -25.45 25.82
C ILE D 72 8.71 -25.09 25.62
N LEU D 73 9.17 -24.01 26.28
CA LEU D 73 10.56 -23.57 26.24
C LEU D 73 11.18 -23.71 27.63
N THR D 74 12.39 -24.25 27.68
CA THR D 74 13.10 -24.52 28.93
C THR D 74 14.33 -23.61 29.04
N LEU D 75 14.44 -22.94 30.19
CA LEU D 75 15.57 -22.08 30.52
C LEU D 75 16.35 -22.66 31.69
N ASP D 76 17.65 -22.45 31.66
CA ASP D 76 18.57 -22.81 32.72
C ASP D 76 19.03 -21.56 33.44
N LEU D 77 18.91 -21.56 34.77
CA LEU D 77 19.21 -20.41 35.62
C LEU D 77 20.29 -20.74 36.64
N SER D 78 21.31 -21.49 36.23
CA SER D 78 22.33 -21.96 37.17
C SER D 78 23.42 -20.94 37.44
N ASN D 79 23.41 -19.79 36.76
CA ASN D 79 24.41 -18.76 36.95
C ASN D 79 23.77 -17.45 37.42
N TYR D 80 22.94 -17.55 38.47
CA TYR D 80 22.22 -16.40 39.03
C TYR D 80 23.17 -15.41 39.71
N GLU D 81 24.27 -15.90 40.28
CA GLU D 81 25.18 -15.06 41.07
C GLU D 81 26.09 -14.18 40.21
N LYS D 82 26.16 -14.42 38.91
CA LYS D 82 27.05 -13.68 38.03
C LYS D 82 26.33 -12.94 36.91
N ASP D 83 25.19 -13.43 36.44
CA ASP D 83 24.49 -12.85 35.30
C ASP D 83 23.33 -11.99 35.77
N GLU D 84 23.11 -10.87 35.09
CA GLU D 84 22.03 -9.95 35.42
C GLU D 84 20.73 -10.28 34.71
N ASP D 85 20.76 -11.12 33.67
CA ASP D 85 19.55 -11.49 32.96
C ASP D 85 18.70 -12.47 33.77
N THR D 86 19.36 -13.25 34.64
CA THR D 86 18.67 -14.20 35.50
C THR D 86 17.85 -13.46 36.56
N LYS D 87 18.40 -12.36 37.10
CA LYS D 87 17.67 -11.50 38.03
C LYS D 87 16.53 -10.74 37.33
N LYS D 88 16.71 -10.41 36.05
CA LYS D 88 15.64 -9.84 35.22
C LYS D 88 14.52 -10.83 34.99
N LEU D 89 14.82 -12.13 34.95
CA LEU D 89 13.73 -13.11 34.93
C LEU D 89 13.06 -13.24 36.29
N ILE D 90 13.84 -13.47 37.36
CA ILE D 90 13.35 -13.83 38.70
C ILE D 90 12.57 -12.70 39.38
N SER D 91 12.88 -11.43 39.05
CA SER D 91 12.17 -10.28 39.61
C SER D 91 10.74 -10.09 39.07
N VAL D 92 10.33 -10.83 38.03
CA VAL D 92 8.97 -10.77 37.51
C VAL D 92 8.20 -12.03 37.92
N VAL D 93 8.91 -13.17 37.96
CA VAL D 93 8.27 -14.48 38.31
C VAL D 93 8.51 -14.76 39.81
N LYS D 94 8.23 -13.79 40.68
CA LYS D 94 8.60 -13.95 42.12
C LYS D 94 7.68 -14.87 42.94
N GLY D 95 6.74 -15.61 42.34
CA GLY D 95 5.97 -16.50 43.19
C GLY D 95 5.91 -17.95 42.79
N ALA D 96 6.32 -18.30 41.57
CA ALA D 96 6.02 -19.62 41.02
C ALA D 96 7.18 -20.61 41.12
N ARG D 97 8.34 -20.20 41.61
CA ARG D 97 9.48 -21.10 41.73
C ARG D 97 9.37 -21.91 43.02
N THR D 98 9.59 -23.22 42.91
CA THR D 98 9.21 -24.15 43.98
C THR D 98 10.35 -24.43 44.95
N SER D 99 11.46 -25.00 44.49
CA SER D 99 12.51 -25.35 45.42
C SER D 99 13.41 -24.15 45.68
N ALA D 100 14.29 -24.30 46.67
CA ALA D 100 15.14 -23.18 47.09
C ALA D 100 16.30 -22.96 46.13
N ASN D 101 16.64 -23.96 45.32
CA ASN D 101 17.72 -23.89 44.34
C ASN D 101 17.23 -24.40 42.99
N ALA D 102 16.07 -23.89 42.54
CA ALA D 102 15.49 -24.31 41.27
C ALA D 102 16.24 -23.65 40.12
N ASP D 103 16.97 -24.47 39.36
CA ASP D 103 17.79 -23.98 38.26
C ASP D 103 17.10 -24.07 36.90
N VAL D 104 15.89 -24.60 36.84
CA VAL D 104 15.16 -24.72 35.58
C VAL D 104 13.94 -23.84 35.62
N PHE D 105 13.48 -23.47 34.42
CA PHE D 105 12.26 -22.67 34.28
C PHE D 105 11.58 -23.04 32.98
N TYR D 106 10.24 -22.99 32.98
CA TYR D 106 9.46 -23.47 31.85
C TYR D 106 8.42 -22.43 31.47
N ILE D 107 8.40 -22.06 30.19
CA ILE D 107 7.44 -21.13 29.62
C ILE D 107 6.68 -21.87 28.53
N ALA D 108 5.36 -21.99 28.70
CA ALA D 108 4.58 -22.87 27.84
C ALA D 108 3.41 -22.12 27.21
N LEU D 109 2.96 -22.67 26.09
CA LEU D 109 1.85 -22.16 25.30
C LEU D 109 0.92 -23.32 25.00
N GLU D 110 -0.38 -23.12 25.24
CA GLU D 110 -1.38 -24.11 24.87
C GLU D 110 -2.50 -23.44 24.09
N SER D 111 -3.06 -24.19 23.15
CA SER D 111 -4.07 -23.65 22.25
C SER D 111 -5.07 -24.72 21.86
N LYS D 112 -6.34 -24.40 22.08
CA LYS D 112 -7.45 -25.27 21.74
C LYS D 112 -8.45 -24.48 20.91
N TYR D 113 -8.99 -25.09 19.86
CA TYR D 113 -9.80 -24.39 18.89
C TYR D 113 -11.25 -24.24 19.34
N ASP D 114 -11.92 -23.22 18.82
CA ASP D 114 -13.33 -22.96 19.03
C ASP D 114 -14.01 -22.97 17.66
N ASP D 115 -14.88 -23.95 17.44
CA ASP D 115 -15.50 -24.13 16.13
C ASP D 115 -16.62 -23.14 15.86
N LYS D 116 -17.34 -22.70 16.90
CA LYS D 116 -18.40 -21.73 16.72
C LYS D 116 -17.84 -20.33 16.45
N GLU D 117 -16.80 -19.96 17.17
CA GLU D 117 -16.11 -18.69 16.93
C GLU D 117 -15.12 -18.80 15.77
N LEU D 118 -14.73 -20.03 15.41
CA LEU D 118 -13.63 -20.39 14.49
C LEU D 118 -12.33 -19.68 14.89
N TYR D 119 -11.97 -19.80 16.16
CA TYR D 119 -10.86 -19.04 16.72
C TYR D 119 -9.96 -19.93 17.55
N GLY D 120 -8.66 -19.69 17.46
CA GLY D 120 -7.72 -20.39 18.30
C GLY D 120 -7.12 -19.50 19.37
N ASN D 121 -7.58 -19.65 20.61
CA ASN D 121 -7.08 -18.85 21.72
C ASN D 121 -5.71 -19.37 22.15
N ILE D 122 -4.88 -18.46 22.65
CA ILE D 122 -3.53 -18.77 23.07
C ILE D 122 -3.44 -18.47 24.56
N ILE D 123 -3.13 -19.50 25.35
CA ILE D 123 -3.01 -19.38 26.80
C ILE D 123 -1.57 -19.70 27.16
N LEU D 124 -0.90 -18.77 27.85
CA LEU D 124 0.50 -18.90 28.22
C LEU D 124 0.65 -19.19 29.70
N LYS D 125 1.66 -20.00 30.03
CA LYS D 125 1.89 -20.38 31.45
C LYS D 125 3.40 -20.40 31.72
N TRP D 126 3.79 -20.27 32.99
CA TRP D 126 5.23 -20.33 33.35
C TRP D 126 5.38 -21.07 34.67
N GLY D 127 6.61 -21.40 35.07
CA GLY D 127 6.83 -22.04 36.37
C GLY D 127 8.14 -22.81 36.43
N SER D 128 8.36 -23.53 37.55
CA SER D 128 9.59 -24.28 37.74
C SER D 128 9.39 -25.78 37.63
N GLU D 129 8.15 -26.25 37.70
CA GLU D 129 7.83 -27.66 37.55
C GLU D 129 6.94 -27.84 36.34
N LEU D 130 7.11 -28.95 35.63
CA LEU D 130 6.38 -29.21 34.40
C LEU D 130 4.93 -29.60 34.64
N ASP D 131 4.61 -30.17 35.81
CA ASP D 131 3.25 -30.56 36.12
C ASP D 131 2.51 -29.53 36.96
N ASN D 132 3.13 -28.40 37.26
CA ASN D 132 2.53 -27.40 38.15
C ASN D 132 2.71 -26.01 37.56
N LEU D 133 2.37 -25.85 36.28
CA LEU D 133 2.41 -24.55 35.63
C LEU D 133 1.18 -23.75 36.01
N ILE D 134 1.38 -22.49 36.38
CA ILE D 134 0.28 -21.58 36.69
C ILE D 134 0.13 -20.59 35.54
N ASP D 135 -1.02 -19.91 35.51
CA ASP D 135 -1.27 -18.95 34.46
C ASP D 135 -0.50 -17.66 34.72
N ILE D 136 -0.09 -17.01 33.65
CA ILE D 136 0.61 -15.73 33.74
C ILE D 136 -0.40 -14.64 34.08
N PRO D 137 -0.17 -13.85 35.13
CA PRO D 137 -1.05 -12.71 35.40
C PRO D 137 -0.87 -11.58 34.39
N GLY D 138 -1.96 -10.89 34.13
CA GLY D 138 -1.94 -9.76 33.22
C GLY D 138 -3.18 -8.91 33.38
N ARG D 139 -3.06 -7.66 32.97
CA ARG D 139 -4.14 -6.68 33.09
C ARG D 139 -4.30 -5.96 31.76
N GLY D 140 -5.36 -6.28 31.04
CA GLY D 140 -5.62 -5.64 29.76
C GLY D 140 -4.92 -6.37 28.63
N ASN D 141 -4.13 -5.65 27.86
CA ASN D 141 -3.39 -6.21 26.73
C ASN D 141 -1.94 -6.56 27.08
N ILE D 142 -1.56 -6.45 28.36
CA ILE D 142 -0.18 -6.63 28.80
C ILE D 142 -0.17 -7.73 29.85
N ASN D 143 0.62 -8.78 29.61
CA ASN D 143 0.96 -9.76 30.63
C ASN D 143 2.39 -9.54 31.09
N ALA D 144 2.91 -10.46 31.89
CA ALA D 144 4.18 -10.22 32.57
C ALA D 144 5.39 -10.73 31.80
N LEU D 145 5.22 -11.46 30.69
CA LEU D 145 6.39 -11.77 29.85
C LEU D 145 6.85 -10.60 29.01
N ASP D 146 6.02 -9.58 28.82
CA ASP D 146 6.43 -8.42 28.05
C ASP D 146 7.31 -7.46 28.83
N ASN D 147 7.41 -7.62 30.15
CA ASN D 147 8.32 -6.84 30.97
C ASN D 147 9.72 -7.43 31.02
N VAL D 148 9.92 -8.64 30.47
CA VAL D 148 11.20 -9.32 30.52
C VAL D 148 11.79 -9.57 29.12
N PHE D 149 10.95 -9.87 28.14
CA PHE D 149 11.44 -10.28 26.82
C PHE D 149 11.06 -9.27 25.75
N LYS D 150 12.05 -8.82 25.00
CA LYS D 150 11.85 -8.04 23.79
C LYS D 150 12.33 -8.87 22.61
N VAL D 151 11.46 -9.07 21.63
CA VAL D 151 11.75 -9.92 20.48
C VAL D 151 11.86 -9.03 19.25
N ILE D 152 13.02 -9.05 18.60
CA ILE D 152 13.25 -8.31 17.36
C ILE D 152 13.28 -9.30 16.22
N TYR D 153 12.35 -9.15 15.28
CA TYR D 153 12.22 -10.05 14.14
C TYR D 153 12.63 -9.32 12.88
N ILE D 154 13.63 -9.86 12.18
CA ILE D 154 14.14 -9.26 10.95
C ILE D 154 13.82 -10.22 9.81
N ASN D 155 12.81 -9.86 9.01
CA ASN D 155 12.39 -10.56 7.80
C ASN D 155 13.35 -10.27 6.64
N PRO D 156 13.33 -11.08 5.56
CA PRO D 156 14.14 -10.74 4.37
C PRO D 156 13.68 -9.52 3.57
N LEU D 157 12.49 -8.99 3.82
CA LEU D 157 11.91 -7.94 2.98
C LEU D 157 11.73 -6.67 3.80
N VAL D 158 12.83 -6.23 4.44
CA VAL D 158 12.81 -4.98 5.22
C VAL D 158 12.57 -3.77 4.32
N ASP D 159 11.80 -2.83 4.84
CA ASP D 159 11.63 -1.52 4.24
C ASP D 159 12.13 -0.50 5.24
N LEU D 160 13.09 0.34 4.83
CA LEU D 160 13.70 1.30 5.79
C LEU D 160 12.67 2.33 6.25
N ASP D 161 11.92 2.91 5.31
CA ASP D 161 10.87 3.91 5.66
C ASP D 161 9.95 3.34 6.74
N LYS D 162 9.33 2.19 6.51
CA LYS D 162 8.33 1.64 7.47
C LYS D 162 8.95 1.50 8.87
N LEU D 163 10.09 0.81 8.98
CA LEU D 163 10.75 0.60 10.29
C LEU D 163 10.98 1.95 10.95
N PHE D 164 11.61 2.87 10.23
CA PHE D 164 11.97 4.17 10.84
C PHE D 164 10.70 4.81 11.38
N ALA D 165 9.62 4.86 10.57
CA ALA D 165 8.38 5.53 11.00
C ALA D 165 7.82 4.87 12.26
N GLN D 166 7.71 3.54 12.25
CA GLN D 166 7.11 2.81 13.40
C GLN D 166 7.96 3.04 14.67
N ASN D 167 9.28 3.22 14.55
CA ASN D 167 10.10 3.34 15.79
C ASN D 167 10.29 4.81 16.18
N LYS D 168 9.92 5.73 15.29
CA LYS D 168 10.11 7.19 15.55
C LYS D 168 9.33 7.64 16.78
N LYS D 169 8.59 6.75 17.46
CA LYS D 169 8.02 7.15 18.74
C LYS D 169 9.04 7.08 19.86
N TYR D 170 10.05 6.22 19.74
CA TYR D 170 11.07 6.08 20.78
C TYR D 170 12.08 7.21 20.71
N ILE D 171 12.78 7.34 19.59
CA ILE D 171 13.67 8.46 19.38
C ILE D 171 12.88 9.72 19.05
N PHE D 172 13.52 10.88 19.24
CA PHE D 172 13.07 12.24 18.91
C PHE D 172 11.80 12.66 19.64
N GLU D 173 11.46 12.05 20.78
CA GLU D 173 10.19 12.31 21.47
C GLU D 173 10.42 12.43 22.96
N GLU D 174 11.50 13.10 23.36
CA GLU D 174 11.83 13.28 24.76
C GLU D 174 11.96 14.76 25.08
N SER D 175 11.71 15.11 26.35
CA SER D 175 11.80 16.49 26.78
C SER D 175 13.23 16.91 27.05
N GLN D 176 13.90 16.19 27.98
CA GLN D 176 15.33 16.31 28.35
C GLN D 176 15.73 17.70 28.88
N GLY D 177 14.78 18.42 29.48
CA GLY D 177 15.08 19.73 30.03
C GLY D 177 15.25 20.82 29.00
N ASN D 178 16.50 21.25 28.80
CA ASN D 178 16.82 22.41 27.98
C ASN D 178 17.81 22.13 26.86
N GLU D 179 18.77 21.23 27.11
CA GLU D 179 19.88 20.79 26.23
C GLU D 179 20.83 21.92 25.82
N SER D 180 20.87 23.02 26.59
CA SER D 180 21.75 24.20 26.43
C SER D 180 21.63 24.90 25.08
N ASP D 181 20.47 24.82 24.42
CA ASP D 181 20.32 25.44 23.11
C ASP D 181 18.93 26.05 22.91
N GLU D 182 18.31 26.55 23.99
CA GLU D 182 16.93 27.03 23.95
C GLU D 182 16.79 28.35 23.21
N GLY D 183 17.81 29.20 23.23
CA GLY D 183 17.80 30.43 22.45
C GLY D 183 17.97 30.20 20.96
N ILE D 184 18.58 29.07 20.58
CA ILE D 184 18.56 28.63 19.19
C ILE D 184 17.15 28.21 18.79
N LEU D 185 16.44 27.52 19.70
CA LEU D 185 15.02 27.20 19.50
C LEU D 185 14.13 28.44 19.58
N ASN D 186 14.56 29.47 20.32
CA ASN D 186 13.88 30.76 20.25
C ASN D 186 14.14 31.46 18.93
N ASN D 187 15.30 31.23 18.32
CA ASN D 187 15.56 31.77 16.98
C ASN D 187 14.83 30.98 15.90
N ILE D 188 14.45 29.74 16.19
CA ILE D 188 13.51 29.01 15.33
C ILE D 188 12.13 29.66 15.39
N LYS D 189 11.72 30.06 16.60
CA LYS D 189 10.41 30.66 16.80
C LYS D 189 10.37 32.10 16.30
N SER D 190 11.49 32.83 16.39
CA SER D 190 11.51 34.23 15.97
C SER D 190 11.55 34.40 14.46
N LEU D 191 12.23 33.50 13.75
CA LEU D 191 12.28 33.57 12.29
C LEU D 191 11.04 33.00 11.62
N THR D 192 10.15 32.33 12.36
CA THR D 192 8.83 31.99 11.86
C THR D 192 7.83 33.13 12.04
N ASP D 193 8.21 34.19 12.75
CA ASP D 193 7.36 35.36 12.94
C ASP D 193 7.63 36.45 11.89
N GLN D 194 8.51 36.18 10.93
CA GLN D 194 8.74 37.09 9.80
C GLN D 194 8.41 36.44 8.47
N VAL D 195 7.66 35.34 8.48
CA VAL D 195 7.31 34.64 7.26
C VAL D 195 5.79 34.48 7.10
N ASN D 196 5.01 34.51 8.19
CA ASN D 196 3.58 34.28 8.12
C ASN D 196 2.75 35.53 7.84
N GLN D 197 3.36 36.71 7.84
CA GLN D 197 2.65 37.95 7.61
C GLN D 197 2.95 38.60 6.27
N GLN D 198 3.98 38.12 5.56
CA GLN D 198 4.45 38.76 4.33
C GLN D 198 4.57 37.78 3.17
N ILE D 199 3.86 36.66 3.22
CA ILE D 199 3.91 35.67 2.13
C ILE D 199 2.85 36.10 1.12
N GLY D 200 3.24 37.00 0.23
CA GLY D 200 2.35 37.41 -0.84
C GLY D 200 3.00 37.72 -2.16
N GLU D 201 4.35 37.65 -2.19
CA GLU D 201 5.25 38.19 -3.22
C GLU D 201 4.89 39.65 -3.55
N MET D 202 4.53 39.94 -4.79
CA MET D 202 3.92 41.23 -5.13
C MET D 202 2.40 41.11 -5.21
N THR D 203 1.82 40.71 -4.06
CA THR D 203 0.36 40.62 -3.78
C THR D 203 -0.39 39.73 -4.77
N ILE D 204 0.20 38.59 -5.14
CA ILE D 204 -0.48 37.65 -6.03
C ILE D 204 -1.09 36.46 -5.30
N ILE D 205 -0.53 36.04 -4.16
CA ILE D 205 -1.13 34.96 -3.38
C ILE D 205 -1.67 35.46 -2.04
N LYS D 206 -1.32 36.67 -1.62
CA LYS D 206 -2.04 37.34 -0.54
C LYS D 206 -3.42 37.77 -1.03
N GLY D 207 -3.50 38.22 -2.29
CA GLY D 207 -4.78 38.59 -2.86
C GLY D 207 -5.63 37.39 -3.23
N PHE D 208 -5.01 36.23 -3.44
CA PHE D 208 -5.76 34.99 -3.65
C PHE D 208 -6.39 34.50 -2.35
N GLN D 209 -5.73 34.73 -1.22
CA GLN D 209 -6.32 34.45 0.08
C GLN D 209 -7.22 35.57 0.56
N GLN D 210 -7.15 36.76 -0.05
CA GLN D 210 -8.05 37.85 0.27
C GLN D 210 -9.45 37.61 -0.28
N GLU D 211 -9.53 36.98 -1.46
CA GLU D 211 -10.80 36.76 -2.16
C GLU D 211 -11.68 35.71 -1.50
N ILE D 212 -11.11 34.81 -0.69
CA ILE D 212 -11.91 33.86 0.08
C ILE D 212 -12.32 34.41 1.43
N THR D 213 -11.82 35.57 1.83
CA THR D 213 -12.19 36.19 3.10
C THR D 213 -12.99 37.47 2.87
N LYS D 235 5.73 23.28 14.70
CA LYS D 235 6.35 23.22 16.02
C LYS D 235 6.97 21.84 16.24
N GLY D 236 6.13 20.83 16.40
CA GLY D 236 6.59 19.46 16.46
C GLY D 236 6.60 18.80 15.10
N PHE D 237 7.53 19.23 14.24
CA PHE D 237 7.55 18.82 12.84
C PHE D 237 8.54 17.69 12.57
N PHE D 238 8.67 16.75 13.50
CA PHE D 238 9.54 15.60 13.32
C PHE D 238 8.81 14.37 12.78
N SER D 239 7.68 14.57 12.13
CA SER D 239 6.85 13.44 11.72
C SER D 239 7.26 12.85 10.37
N ASP D 240 7.88 13.65 9.50
CA ASP D 240 8.20 13.22 8.15
C ASP D 240 9.70 13.22 7.87
N ILE D 241 10.50 12.89 8.87
CA ILE D 241 11.96 12.92 8.74
C ILE D 241 12.42 11.59 8.14
N ILE D 242 13.30 11.69 7.13
CA ILE D 242 13.69 10.55 6.30
C ILE D 242 15.19 10.34 6.45
N PRO D 243 15.66 9.17 6.87
CA PRO D 243 17.11 8.92 6.89
C PRO D 243 17.65 8.60 5.50
N TYR D 244 18.81 9.15 5.19
CA TYR D 244 19.48 8.94 3.92
C TYR D 244 20.89 8.41 4.17
N ILE D 245 21.51 7.88 3.12
CA ILE D 245 22.89 7.41 3.18
C ILE D 245 23.69 8.28 2.22
N LYS D 246 24.67 9.01 2.76
CA LYS D 246 25.49 9.91 1.99
C LYS D 246 26.89 9.34 1.82
N LYS D 247 27.28 9.10 0.58
CA LYS D 247 28.68 8.80 0.28
C LYS D 247 29.49 10.08 0.38
N ASP D 248 30.74 9.95 0.83
CA ASP D 248 31.59 11.12 1.00
C ASP D 248 32.11 11.61 -0.35
N GLY D 249 32.22 12.93 -0.47
CA GLY D 249 32.58 13.56 -1.72
C GLY D 249 31.41 13.99 -2.58
N ASP D 250 30.19 13.59 -2.22
CA ASP D 250 28.99 13.99 -2.93
C ASP D 250 28.01 14.63 -1.96
N SER D 251 27.28 15.64 -2.44
CA SER D 251 26.38 16.40 -1.60
C SER D 251 24.90 16.17 -1.93
N ASN D 252 24.60 15.42 -2.99
CA ASN D 252 23.22 15.22 -3.40
C ASN D 252 22.56 14.15 -2.54
N TYR D 253 21.22 14.19 -2.51
CA TYR D 253 20.41 13.30 -1.69
C TYR D 253 19.48 12.52 -2.63
N TYR D 254 19.96 11.38 -3.11
CA TYR D 254 19.16 10.54 -3.99
C TYR D 254 18.18 9.72 -3.16
N PRO D 255 16.89 9.70 -3.51
CA PRO D 255 15.95 8.83 -2.78
C PRO D 255 16.10 7.36 -3.13
N THR D 256 16.62 7.05 -4.32
CA THR D 256 16.78 5.67 -4.74
C THR D 256 18.11 5.14 -4.21
N SER D 257 18.04 4.08 -3.41
CA SER D 257 19.22 3.41 -2.88
C SER D 257 19.02 1.91 -3.00
N GLY D 258 20.14 1.17 -3.11
CA GLY D 258 20.07 -0.25 -3.27
C GLY D 258 19.82 -0.98 -1.98
N ASP D 259 19.61 -2.29 -2.10
CA ASP D 259 19.16 -3.11 -1.00
C ASP D 259 20.28 -3.67 -0.14
N GLY D 260 21.53 -3.32 -0.43
CA GLY D 260 22.64 -3.79 0.38
C GLY D 260 22.85 -2.92 1.60
N ARG D 261 22.85 -1.61 1.41
CA ARG D 261 23.02 -0.67 2.52
C ARG D 261 21.70 -0.38 3.22
N ARG D 262 20.58 -0.57 2.53
CA ARG D 262 19.27 -0.39 3.14
C ARG D 262 18.93 -1.50 4.12
N LYS D 263 19.51 -2.68 3.93
CA LYS D 263 19.40 -3.74 4.94
C LYS D 263 20.24 -3.39 6.16
N MET D 264 21.48 -2.97 5.95
CA MET D 264 22.43 -2.78 7.03
C MET D 264 22.16 -1.53 7.86
N LEU D 265 21.48 -0.54 7.29
CA LEU D 265 21.01 0.58 8.11
C LEU D 265 19.86 0.17 9.01
N SER D 266 19.01 -0.77 8.56
CA SER D 266 17.94 -1.30 9.42
C SER D 266 18.50 -2.18 10.53
N TYR D 267 19.58 -2.91 10.23
CA TYR D 267 20.29 -3.68 11.26
C TYR D 267 20.96 -2.76 12.28
N SER D 268 21.47 -1.62 11.82
CA SER D 268 22.07 -0.63 12.73
C SER D 268 21.02 0.07 13.58
N ILE D 269 19.82 0.29 13.03
CA ILE D 269 18.73 0.93 13.78
C ILE D 269 18.18 0.00 14.85
N TYR D 270 18.01 -1.30 14.53
CA TYR D 270 17.70 -2.34 15.51
C TYR D 270 18.78 -2.52 16.59
N ASN D 271 20.06 -2.40 16.22
CA ASN D 271 21.13 -2.49 17.23
C ASN D 271 21.17 -1.26 18.14
N TYR D 272 20.87 -0.08 17.60
CA TYR D 272 20.80 1.15 18.39
C TYR D 272 19.61 1.14 19.34
N LEU D 273 18.47 0.63 18.87
CA LEU D 273 17.28 0.55 19.71
C LEU D 273 17.41 -0.54 20.76
N ALA D 274 18.16 -1.61 20.48
CA ALA D 274 18.43 -2.60 21.51
C ALA D 274 19.43 -2.07 22.54
N LYS D 275 20.44 -1.32 22.10
CA LYS D 275 21.43 -0.82 23.05
C LYS D 275 20.99 0.43 23.81
N LYS D 276 19.89 1.08 23.41
CA LYS D 276 19.43 2.26 24.12
C LYS D 276 18.10 2.06 24.81
N LYS D 277 17.05 1.66 24.09
CA LYS D 277 15.71 1.67 24.68
C LYS D 277 15.42 0.42 25.51
N TYR D 278 16.08 -0.70 25.21
CA TYR D 278 15.73 -1.95 25.89
C TYR D 278 16.89 -2.50 26.68
N GLU D 279 17.55 -1.65 27.47
CA GLU D 279 18.61 -2.09 28.37
C GLU D 279 18.07 -2.84 29.58
N ASP D 280 16.80 -2.61 29.95
CA ASP D 280 16.20 -3.28 31.10
C ASP D 280 15.67 -4.68 30.79
N LYS D 281 15.69 -5.11 29.54
CA LYS D 281 15.03 -6.34 29.13
C LYS D 281 16.05 -7.33 28.57
N ILE D 282 15.53 -8.49 28.14
CA ILE D 282 16.31 -9.52 27.47
C ILE D 282 15.91 -9.50 26.01
N VAL D 283 16.87 -9.23 25.13
CA VAL D 283 16.62 -9.01 23.72
C VAL D 283 16.94 -10.28 22.95
N ILE D 284 15.96 -10.80 22.21
CA ILE D 284 16.09 -12.01 21.42
C ILE D 284 15.89 -11.63 19.96
N TYR D 285 16.88 -11.93 19.12
CA TYR D 285 16.81 -11.68 17.69
C TYR D 285 16.32 -12.92 16.96
N LEU D 286 15.41 -12.73 16.01
CA LEU D 286 14.94 -13.78 15.12
C LEU D 286 15.19 -13.29 13.71
N ILE D 287 16.26 -13.78 13.08
CA ILE D 287 16.74 -13.27 11.81
C ILE D 287 16.46 -14.31 10.74
N GLU D 288 15.62 -13.96 9.76
CA GLU D 288 15.36 -14.85 8.64
C GLU D 288 16.18 -14.37 7.45
N GLU D 289 17.13 -15.20 7.01
CA GLU D 289 17.96 -15.14 5.81
C GLU D 289 18.71 -13.82 5.62
N PRO D 290 19.76 -13.55 6.39
CA PRO D 290 20.43 -12.24 6.28
C PRO D 290 21.42 -12.11 5.13
N GLU D 291 21.59 -13.14 4.31
CA GLU D 291 22.47 -13.11 3.16
C GLU D 291 21.84 -12.51 1.91
N ILE D 292 20.57 -12.14 1.97
CA ILE D 292 19.82 -11.72 0.80
C ILE D 292 20.18 -10.28 0.48
N SER D 293 20.63 -10.06 -0.78
CA SER D 293 21.14 -8.80 -1.35
C SER D 293 22.34 -8.26 -0.57
N LEU D 294 23.21 -9.15 -0.12
CA LEU D 294 24.48 -8.76 0.48
C LEU D 294 25.62 -9.36 -0.32
N HIS D 295 26.75 -8.66 -0.29
CA HIS D 295 27.98 -9.15 -0.87
C HIS D 295 28.59 -10.23 0.02
N ARG D 296 29.57 -10.95 -0.54
CA ARG D 296 30.31 -12.01 0.15
C ARG D 296 31.09 -11.50 1.35
N SER D 297 31.77 -10.35 1.18
CA SER D 297 32.53 -9.74 2.27
C SER D 297 31.64 -9.14 3.35
N MET D 298 30.44 -8.70 2.98
CA MET D 298 29.45 -8.27 3.97
C MET D 298 28.89 -9.45 4.76
N GLN D 299 28.80 -10.63 4.13
CA GLN D 299 28.38 -11.83 4.84
C GLN D 299 29.45 -12.31 5.81
N ILE D 300 30.72 -12.17 5.44
CA ILE D 300 31.83 -12.52 6.34
C ILE D 300 31.93 -11.52 7.51
N ALA D 301 31.68 -10.24 7.25
CA ALA D 301 31.67 -9.22 8.31
C ALA D 301 30.48 -9.38 9.26
N LEU D 302 29.31 -9.75 8.72
CA LEU D 302 28.15 -10.07 9.54
C LEU D 302 28.35 -11.35 10.34
N SER D 303 29.09 -12.32 9.79
CA SER D 303 29.41 -13.56 10.51
C SER D 303 30.36 -13.32 11.68
N LYS D 304 31.35 -12.44 11.47
CA LYS D 304 32.27 -12.05 12.55
C LYS D 304 31.56 -11.26 13.64
N GLN D 305 30.65 -10.36 13.26
CA GLN D 305 29.88 -9.61 14.25
C GLN D 305 28.83 -10.46 14.97
N LEU D 306 28.32 -11.51 14.32
CA LEU D 306 27.38 -12.41 14.97
C LEU D 306 28.07 -13.32 15.97
N PHE D 307 29.22 -13.89 15.60
CA PHE D 307 29.83 -14.94 16.41
C PHE D 307 31.01 -14.48 17.25
N GLU D 308 31.39 -13.20 17.20
CA GLU D 308 32.48 -12.74 18.06
C GLU D 308 32.05 -11.68 19.05
N GLN D 309 31.40 -10.62 18.59
CA GLN D 309 31.07 -9.50 19.46
C GLN D 309 29.84 -9.81 20.30
N SER D 310 29.59 -8.94 21.28
CA SER D 310 28.51 -9.12 22.24
C SER D 310 27.27 -8.30 21.88
N THR D 311 27.10 -7.98 20.60
CA THR D 311 25.89 -7.29 20.16
C THR D 311 24.69 -8.24 20.14
N TYR D 312 24.88 -9.43 19.58
CA TYR D 312 23.82 -10.43 19.48
C TYR D 312 24.13 -11.51 20.51
N LYS D 313 23.64 -11.31 21.74
CA LYS D 313 23.85 -12.33 22.77
C LYS D 313 22.91 -13.52 22.60
N TYR D 314 21.65 -13.26 22.26
CA TYR D 314 20.67 -14.32 22.00
C TYR D 314 20.12 -14.10 20.59
N PHE D 315 20.42 -15.02 19.68
CA PHE D 315 19.78 -15.00 18.38
C PHE D 315 19.38 -16.40 17.95
N PHE D 316 18.38 -16.45 17.07
CA PHE D 316 18.00 -17.64 16.33
C PHE D 316 18.10 -17.30 14.85
N LEU D 317 19.00 -17.96 14.14
CA LEU D 317 19.38 -17.58 12.79
C LEU D 317 18.94 -18.65 11.81
N SER D 318 18.37 -18.24 10.68
CA SER D 318 18.11 -19.16 9.57
C SER D 318 18.84 -18.63 8.34
N THR D 319 19.45 -19.53 7.56
CA THR D 319 20.31 -19.11 6.48
C THR D 319 20.34 -20.14 5.37
N HIS D 320 20.84 -19.72 4.20
CA HIS D 320 21.07 -20.58 3.05
C HIS D 320 22.49 -20.43 2.50
N SER D 321 23.35 -19.70 3.19
CA SER D 321 24.65 -19.31 2.67
C SER D 321 25.77 -19.86 3.54
N PRO D 322 26.81 -20.47 2.94
CA PRO D 322 27.96 -20.92 3.75
C PRO D 322 28.88 -19.82 4.22
N GLU D 323 28.77 -18.60 3.67
CA GLU D 323 29.69 -17.53 4.04
C GLU D 323 29.34 -16.88 5.37
N LEU D 324 28.13 -17.10 5.88
CA LEU D 324 27.77 -16.66 7.22
C LEU D 324 28.22 -17.63 8.29
N LEU D 325 28.74 -18.80 7.92
CA LEU D 325 29.27 -19.77 8.86
C LEU D 325 30.79 -19.86 8.78
N TYR D 326 31.45 -18.81 8.28
CA TYR D 326 32.90 -18.79 8.19
C TYR D 326 33.58 -18.52 9.52
N GLU D 327 32.85 -17.95 10.49
CA GLU D 327 33.44 -17.54 11.76
C GLU D 327 32.77 -18.20 12.96
N MET D 328 32.13 -19.35 12.77
CA MET D 328 31.24 -19.89 13.80
C MET D 328 32.02 -20.57 14.92
N ASP D 329 31.63 -20.26 16.15
CA ASP D 329 32.13 -20.88 17.37
C ASP D 329 31.09 -20.66 18.45
N ASN D 330 30.97 -21.68 19.33
CA ASN D 330 30.07 -21.75 20.50
C ASN D 330 28.61 -21.60 20.04
N THR D 331 28.20 -22.50 19.15
CA THR D 331 26.97 -22.33 18.38
C THR D 331 26.19 -23.63 18.33
N ARG D 332 24.89 -23.57 18.59
CA ARG D 332 24.04 -24.74 18.36
C ARG D 332 23.56 -24.73 16.91
N LEU D 333 23.95 -25.77 16.15
CA LEU D 333 23.57 -25.93 14.77
C LEU D 333 22.39 -26.90 14.67
N ILE D 334 21.29 -26.44 14.09
CA ILE D 334 20.06 -27.21 13.96
C ILE D 334 19.82 -27.44 12.48
N ARG D 335 19.64 -28.71 12.09
CA ARG D 335 19.39 -29.08 10.70
C ARG D 335 18.01 -29.69 10.59
N VAL D 336 17.16 -29.10 9.76
CA VAL D 336 15.80 -29.58 9.53
C VAL D 336 15.82 -30.40 8.25
N HIS D 337 15.36 -31.65 8.34
CA HIS D 337 15.43 -32.55 7.20
C HIS D 337 14.26 -33.53 7.28
N SER D 338 14.20 -34.43 6.30
CA SER D 338 13.09 -35.36 6.17
C SER D 338 13.64 -36.75 5.87
N THR D 339 13.35 -37.70 6.76
CA THR D 339 13.61 -39.11 6.52
C THR D 339 12.31 -39.88 6.38
N GLU D 340 11.44 -39.80 7.39
CA GLU D 340 10.06 -40.24 7.29
C GLU D 340 9.08 -39.11 7.56
N LYS D 341 9.36 -38.29 8.57
CA LYS D 341 8.64 -37.05 8.84
C LYS D 341 9.66 -35.91 8.91
N VAL D 342 9.18 -34.72 9.24
CA VAL D 342 10.08 -33.58 9.43
C VAL D 342 10.75 -33.71 10.78
N VAL D 343 12.08 -33.82 10.77
CA VAL D 343 12.86 -34.05 11.98
C VAL D 343 14.04 -33.07 11.99
N CYS D 344 14.37 -32.55 13.16
CA CYS D 344 15.46 -31.60 13.32
C CYS D 344 16.54 -32.23 14.20
N SER D 345 17.77 -32.22 13.70
CA SER D 345 18.93 -32.77 14.40
C SER D 345 19.82 -31.61 14.84
N SER D 346 20.24 -31.63 16.09
CA SER D 346 21.00 -30.53 16.65
C SER D 346 22.40 -30.98 17.04
N HIS D 347 23.32 -30.02 17.06
CA HIS D 347 24.71 -30.29 17.42
C HIS D 347 25.31 -29.05 18.07
N MET D 348 26.02 -29.23 19.17
CA MET D 348 26.71 -28.14 19.83
C MET D 348 28.12 -28.02 19.27
N TYR D 349 28.46 -26.86 18.72
CA TYR D 349 29.68 -26.65 17.95
C TYR D 349 30.65 -25.79 18.75
N ASN D 350 31.82 -26.36 19.04
CA ASN D 350 32.95 -25.68 19.63
C ASN D 350 34.22 -26.10 18.90
N VAL D 351 35.10 -25.15 18.62
CA VAL D 351 36.44 -25.45 18.12
C VAL D 351 37.38 -25.54 19.32
N GLU D 352 38.17 -26.61 19.37
CA GLU D 352 38.99 -26.92 20.54
C GLU D 352 40.24 -26.06 20.60
N GLU D 353 41.01 -26.24 21.68
CA GLU D 353 42.25 -25.48 21.86
C GLU D 353 43.36 -25.98 20.95
N ALA D 354 43.34 -27.27 20.60
CA ALA D 354 44.32 -27.82 19.68
C ALA D 354 44.08 -27.42 18.23
N TYR D 355 42.84 -27.02 17.90
CA TYR D 355 42.50 -26.57 16.55
C TYR D 355 42.41 -25.06 16.47
N GLY D 356 42.98 -24.34 17.44
CA GLY D 356 42.83 -22.90 17.50
C GLY D 356 43.67 -22.15 16.50
N SER D 357 44.72 -22.77 15.97
CA SER D 357 45.55 -22.13 14.96
C SER D 357 45.05 -22.41 13.55
N VAL D 358 44.22 -23.44 13.37
CA VAL D 358 43.74 -23.84 12.05
C VAL D 358 42.23 -23.70 11.96
N LYS D 359 41.65 -22.80 12.76
CA LYS D 359 40.19 -22.70 12.97
C LYS D 359 39.46 -22.17 11.74
N LYS D 360 40.08 -21.21 11.03
CA LYS D 360 39.48 -20.59 9.86
C LYS D 360 39.44 -21.52 8.65
N LYS D 361 40.43 -22.41 8.51
CA LYS D 361 40.45 -23.34 7.39
C LYS D 361 39.42 -24.47 7.56
N LEU D 362 39.30 -25.01 8.78
CA LEU D 362 38.22 -25.95 9.10
C LEU D 362 36.84 -25.32 9.01
N ASN D 363 36.69 -24.04 9.34
CA ASN D 363 35.39 -23.38 9.21
C ASN D 363 35.01 -23.15 7.75
N LYS D 364 35.99 -22.73 6.91
CA LYS D 364 35.77 -22.54 5.48
C LYS D 364 35.57 -23.87 4.75
N ALA D 365 36.13 -24.96 5.27
CA ALA D 365 35.87 -26.26 4.67
C ALA D 365 34.50 -26.81 5.08
N LEU D 366 34.20 -26.77 6.38
CA LEU D 366 33.01 -27.43 6.92
C LEU D 366 31.71 -26.69 6.63
N SER D 367 31.77 -25.36 6.41
CA SER D 367 30.57 -24.55 6.23
C SER D 367 29.83 -24.83 4.92
N SER D 368 30.52 -25.35 3.90
CA SER D 368 29.85 -25.79 2.68
C SER D 368 29.37 -27.22 2.76
N ALA D 369 30.02 -28.05 3.58
CA ALA D 369 29.65 -29.45 3.74
C ALA D 369 28.49 -29.62 4.72
N LEU D 370 28.14 -28.58 5.47
CA LEU D 370 26.93 -28.63 6.30
C LEU D 370 25.63 -28.66 5.50
N PHE D 371 25.63 -28.19 4.25
CA PHE D 371 24.44 -28.07 3.42
C PHE D 371 24.26 -29.25 2.48
N ALA D 372 24.86 -30.40 2.77
CA ALA D 372 24.81 -31.55 1.89
C ALA D 372 24.03 -32.69 2.54
N GLU D 373 23.98 -33.83 1.85
CA GLU D 373 23.37 -35.05 2.36
C GLU D 373 24.40 -36.15 2.57
N ARG D 374 25.22 -36.42 1.56
CA ARG D 374 26.29 -37.40 1.64
C ARG D 374 27.60 -36.69 1.38
N VAL D 375 28.53 -36.79 2.32
CA VAL D 375 29.82 -36.10 2.25
C VAL D 375 30.92 -37.14 2.20
N LEU D 376 31.73 -37.11 1.15
CA LEU D 376 32.93 -37.95 1.08
C LEU D 376 34.13 -37.14 1.56
N LEU D 377 34.85 -37.68 2.54
CA LEU D 377 35.99 -37.02 3.14
C LEU D 377 37.25 -37.56 2.49
N ILE D 378 37.85 -36.76 1.61
CA ILE D 378 39.07 -37.13 0.93
C ILE D 378 40.24 -36.37 1.55
N GLU D 379 41.46 -36.73 1.14
CA GLU D 379 42.65 -36.33 1.85
C GLU D 379 43.55 -35.35 1.10
N GLY D 380 43.16 -34.90 -0.09
CA GLY D 380 43.97 -33.98 -0.85
C GLY D 380 43.35 -33.58 -2.17
N PRO D 381 44.07 -32.79 -2.98
CA PRO D 381 43.48 -32.30 -4.23
C PRO D 381 43.56 -33.25 -5.41
N SER D 382 44.50 -34.22 -5.40
CA SER D 382 44.63 -35.19 -6.49
C SER D 382 43.48 -36.17 -6.50
N GLU D 383 42.99 -36.52 -5.30
CA GLU D 383 41.77 -37.29 -5.14
C GLU D 383 40.54 -36.54 -5.64
N LYS D 384 40.53 -35.21 -5.46
CA LYS D 384 39.45 -34.37 -5.96
C LYS D 384 39.46 -34.27 -7.48
N ILE D 385 40.66 -34.25 -8.09
CA ILE D 385 40.82 -34.22 -9.55
C ILE D 385 40.34 -35.53 -10.17
N LEU D 386 40.77 -36.67 -9.59
CA LEU D 386 40.40 -38.00 -10.11
C LEU D 386 38.93 -38.33 -9.88
N PHE D 387 38.40 -38.00 -8.69
CA PHE D 387 37.01 -38.28 -8.38
C PHE D 387 36.07 -37.32 -9.09
N GLU D 388 36.49 -36.09 -9.36
CA GLU D 388 35.67 -35.18 -10.14
C GLU D 388 35.66 -35.55 -11.61
N LYS D 389 36.74 -36.16 -12.13
CA LYS D 389 36.72 -36.70 -13.49
C LYS D 389 35.79 -37.91 -13.61
N VAL D 390 35.85 -38.82 -12.64
CA VAL D 390 35.04 -40.05 -12.65
C VAL D 390 33.56 -39.73 -12.45
N LEU D 391 33.25 -38.83 -11.53
CA LEU D 391 31.87 -38.36 -11.38
C LEU D 391 31.47 -37.33 -12.44
N ASP D 392 32.40 -36.78 -13.21
CA ASP D 392 31.99 -36.01 -14.38
C ASP D 392 31.57 -36.93 -15.52
N GLU D 393 32.22 -38.09 -15.64
CA GLU D 393 31.90 -39.00 -16.72
C GLU D 393 30.80 -39.99 -16.40
N VAL D 394 30.49 -40.21 -15.12
CA VAL D 394 29.51 -41.24 -14.76
C VAL D 394 28.19 -40.63 -14.29
N GLU D 395 28.23 -39.86 -13.20
CA GLU D 395 27.02 -39.31 -12.57
C GLU D 395 27.21 -37.80 -12.44
N PRO D 396 26.96 -37.03 -13.51
CA PRO D 396 27.36 -35.62 -13.51
C PRO D 396 26.46 -34.69 -12.71
N GLU D 397 25.31 -35.16 -12.24
CA GLU D 397 24.43 -34.39 -11.37
C GLU D 397 24.51 -34.85 -9.93
N TYR D 398 25.71 -35.23 -9.46
CA TYR D 398 25.86 -35.76 -8.11
C TYR D 398 25.75 -34.71 -7.03
N GLU D 399 26.04 -33.45 -7.35
CA GLU D 399 26.01 -32.38 -6.36
C GLU D 399 24.67 -31.67 -6.36
N LEU D 400 23.87 -31.85 -7.43
CA LEU D 400 22.45 -31.52 -7.42
C LEU D 400 21.67 -32.41 -6.45
N ASN D 401 22.08 -33.67 -6.31
CA ASN D 401 21.38 -34.65 -5.50
C ASN D 401 21.92 -34.75 -4.08
N GLY D 402 22.81 -33.85 -3.67
CA GLY D 402 23.26 -33.79 -2.30
C GLY D 402 24.63 -34.34 -2.01
N GLY D 403 25.45 -34.62 -3.01
CA GLY D 403 26.79 -35.10 -2.79
C GLY D 403 27.78 -33.97 -2.59
N PHE D 404 28.86 -34.27 -1.86
CA PHE D 404 29.90 -33.30 -1.59
C PHE D 404 31.21 -34.03 -1.37
N LEU D 405 32.31 -33.41 -1.81
CA LEU D 405 33.66 -33.91 -1.58
C LEU D 405 34.39 -32.94 -0.65
N LEU D 406 34.87 -33.44 0.48
CA LEU D 406 35.45 -32.59 1.52
C LEU D 406 36.93 -32.90 1.67
N GLU D 407 37.77 -31.89 1.49
CA GLU D 407 39.20 -32.02 1.70
C GLU D 407 39.49 -31.84 3.18
N VAL D 408 39.96 -32.91 3.83
CA VAL D 408 40.23 -32.87 5.25
C VAL D 408 41.54 -32.13 5.52
N GLY D 409 42.59 -32.52 4.84
CA GLY D 409 43.92 -32.07 5.18
C GLY D 409 44.73 -33.12 5.90
N GLY D 410 44.20 -34.33 6.04
CA GLY D 410 44.94 -35.45 6.54
C GLY D 410 44.81 -35.72 8.03
N THR D 411 44.52 -34.70 8.84
CA THR D 411 44.66 -34.83 10.29
C THR D 411 43.36 -34.75 11.07
N TYR D 412 42.29 -34.19 10.50
CA TYR D 412 41.16 -33.68 11.26
C TYR D 412 39.94 -34.59 11.23
N PHE D 413 40.10 -35.91 11.37
CA PHE D 413 38.96 -36.82 11.18
C PHE D 413 37.94 -36.82 12.31
N ASN D 414 38.28 -36.30 13.50
CA ASN D 414 37.33 -36.41 14.61
C ASN D 414 36.27 -35.31 14.55
N HIS D 415 36.70 -34.09 14.20
CA HIS D 415 35.87 -32.89 14.27
C HIS D 415 34.76 -32.90 13.22
N TYR D 416 35.13 -33.28 11.98
CA TYR D 416 34.19 -33.35 10.86
C TYR D 416 33.18 -34.47 11.03
N VAL D 417 33.62 -35.63 11.53
CA VAL D 417 32.74 -36.79 11.65
C VAL D 417 31.76 -36.62 12.81
N CYS D 418 32.18 -36.00 13.92
CA CYS D 418 31.22 -35.75 15.01
C CYS D 418 30.23 -34.62 14.68
N THR D 419 30.70 -33.58 13.96
CA THR D 419 29.82 -32.51 13.51
C THR D 419 28.82 -32.98 12.45
N LEU D 420 29.24 -33.84 11.52
CA LEU D 420 28.32 -34.32 10.50
C LEU D 420 27.46 -35.47 10.98
N ASN D 421 27.91 -36.24 11.97
CA ASN D 421 27.14 -37.37 12.45
C ASN D 421 26.08 -36.96 13.45
N ASP D 422 26.30 -35.87 14.20
CA ASP D 422 25.24 -35.38 15.08
C ASP D 422 24.12 -34.67 14.34
N LEU D 423 24.35 -34.24 13.09
CA LEU D 423 23.35 -33.54 12.30
C LEU D 423 22.59 -34.46 11.35
N GLY D 424 22.89 -35.74 11.33
CA GLY D 424 22.19 -36.64 10.42
C GLY D 424 22.73 -36.69 9.01
N ILE D 425 23.92 -36.18 8.77
CA ILE D 425 24.54 -36.17 7.45
C ILE D 425 25.45 -37.39 7.34
N THR D 426 25.29 -38.17 6.26
CA THR D 426 26.07 -39.38 6.04
C THR D 426 27.51 -39.03 5.68
N HIS D 427 28.46 -39.51 6.49
CA HIS D 427 29.88 -39.26 6.28
C HIS D 427 30.54 -40.51 5.71
N ILE D 428 31.30 -40.32 4.63
CA ILE D 428 32.00 -41.40 3.93
C ILE D 428 33.48 -41.05 3.96
N ILE D 429 34.32 -42.01 4.34
CA ILE D 429 35.76 -41.78 4.47
C ILE D 429 36.49 -42.72 3.54
N LYS D 430 37.32 -42.17 2.66
CA LYS D 430 38.27 -42.93 1.85
C LYS D 430 39.66 -42.43 2.21
N THR D 431 40.54 -43.34 2.62
CA THR D 431 41.84 -42.92 3.11
C THR D 431 42.89 -43.99 2.83
N ASP D 432 44.13 -43.65 3.11
CA ASP D 432 45.29 -44.49 2.82
C ASP D 432 45.82 -45.14 4.08
N ASN D 433 46.86 -45.97 3.91
CA ASN D 433 47.55 -46.64 5.01
C ASN D 433 48.97 -46.09 5.03
N ASP D 434 49.23 -45.14 5.92
CA ASP D 434 50.47 -44.38 5.94
C ASP D 434 51.40 -44.87 7.05
N LEU D 435 52.69 -44.61 6.87
CA LEU D 435 53.71 -44.81 7.89
C LEU D 435 54.41 -43.48 8.11
N LYS D 436 54.44 -43.02 9.34
CA LYS D 436 55.02 -41.74 9.68
C LYS D 436 56.39 -41.94 10.31
N SER D 437 57.39 -41.22 9.80
CA SER D 437 58.71 -41.22 10.42
C SER D 437 58.70 -40.25 11.58
N LYS D 438 58.83 -40.77 12.81
CA LYS D 438 58.66 -39.92 13.98
C LYS D 438 59.95 -39.15 14.26
N LYS D 439 59.86 -38.23 15.22
CA LYS D 439 60.88 -37.22 15.44
C LYS D 439 62.00 -37.78 16.28
N GLY D 440 63.20 -37.87 15.70
CA GLY D 440 64.42 -38.12 16.45
C GLY D 440 64.94 -39.53 16.44
N LYS D 441 64.18 -40.51 15.96
CA LYS D 441 64.59 -41.91 15.99
C LYS D 441 64.57 -42.48 14.58
N LYS D 442 65.53 -43.35 14.29
CA LYS D 442 65.66 -43.98 12.98
C LYS D 442 65.29 -45.45 13.07
N GLY D 443 64.51 -45.91 12.10
CA GLY D 443 64.13 -47.31 12.02
C GLY D 443 62.85 -47.68 12.72
N VAL D 444 62.31 -46.81 13.56
CA VAL D 444 61.06 -47.05 14.28
C VAL D 444 60.03 -46.07 13.73
N TYR D 445 58.98 -46.61 13.10
CA TYR D 445 57.97 -45.79 12.44
C TYR D 445 56.64 -45.93 13.15
N GLU D 446 55.75 -44.98 12.87
CA GLU D 446 54.48 -44.83 13.56
C GLU D 446 53.35 -45.16 12.60
N LEU D 447 52.41 -45.98 13.06
CA LEU D 447 51.20 -46.26 12.29
C LEU D 447 50.30 -45.03 12.31
N LEU D 448 49.86 -44.59 11.13
CA LEU D 448 49.17 -43.31 11.01
C LEU D 448 47.73 -43.43 10.57
N GLY D 449 47.48 -44.10 9.43
CA GLY D 449 46.12 -44.21 8.91
C GLY D 449 45.26 -45.15 9.72
N LEU D 450 45.87 -46.23 10.24
CA LEU D 450 45.17 -47.13 11.16
C LEU D 450 44.91 -46.47 12.51
N ASN D 451 45.82 -45.60 12.97
CA ASN D 451 45.61 -44.87 14.22
C ASN D 451 44.53 -43.82 14.08
N ARG D 452 44.41 -43.19 12.91
CA ARG D 452 43.32 -42.23 12.66
C ARG D 452 41.97 -42.93 12.55
N CYS D 453 41.92 -44.06 11.85
CA CYS D 453 40.66 -44.78 11.72
C CYS D 453 40.26 -45.53 12.99
N LEU D 454 41.22 -45.87 13.85
CA LEU D 454 40.89 -46.41 15.16
C LEU D 454 40.55 -45.33 16.19
N ASN D 455 41.08 -44.12 16.03
CA ASN D 455 40.61 -42.99 16.84
C ASN D 455 39.25 -42.50 16.41
N LEU D 456 38.85 -42.77 15.17
CA LEU D 456 37.46 -42.56 14.75
C LEU D 456 36.49 -43.49 15.47
N LEU D 457 36.92 -44.71 15.79
CA LEU D 457 36.07 -45.65 16.52
C LEU D 457 36.15 -45.46 18.03
N GLY D 458 37.00 -44.56 18.52
CA GLY D 458 37.12 -44.32 19.94
C GLY D 458 38.09 -45.22 20.66
N ARG D 459 38.93 -45.96 19.95
CA ARG D 459 39.87 -46.88 20.58
C ARG D 459 41.23 -46.22 20.75
N GLU D 460 42.11 -46.94 21.45
CA GLU D 460 43.46 -46.48 21.70
C GLU D 460 44.31 -46.61 20.45
N ASN D 461 45.28 -45.70 20.30
CA ASN D 461 46.25 -45.78 19.22
C ASN D 461 47.19 -46.95 19.44
N LEU D 462 47.60 -47.58 18.34
CA LEU D 462 48.48 -48.74 18.41
C LEU D 462 49.91 -48.31 18.70
N ASP D 463 50.71 -49.28 19.15
CA ASP D 463 52.11 -49.02 19.43
C ASP D 463 52.91 -48.93 18.13
N GLU D 464 54.05 -48.25 18.22
CA GLU D 464 54.90 -48.04 17.05
C GLU D 464 55.65 -49.31 16.70
N ILE D 465 55.98 -49.45 15.42
CA ILE D 465 56.64 -50.64 14.90
C ILE D 465 58.07 -50.29 14.49
N THR D 466 58.92 -51.30 14.52
CA THR D 466 60.32 -51.17 14.16
C THR D 466 60.57 -51.88 12.83
N ILE D 467 61.08 -51.15 11.85
CA ILE D 467 61.35 -51.69 10.52
C ILE D 467 62.85 -51.62 10.29
N ASP D 468 63.47 -52.77 10.06
CA ASP D 468 64.92 -52.86 9.89
C ASP D 468 65.25 -52.59 8.42
N ILE D 469 65.68 -51.37 8.13
CA ILE D 469 66.13 -50.97 6.81
C ILE D 469 67.65 -50.78 6.86
N PRO D 470 68.43 -51.51 6.06
CA PRO D 470 69.88 -51.28 6.04
C PRO D 470 70.23 -49.99 5.30
N GLU D 471 71.45 -49.53 5.56
CA GLU D 471 71.90 -48.23 5.05
C GLU D 471 72.23 -48.26 3.56
N ASP D 472 72.68 -49.40 3.04
CA ASP D 472 72.96 -49.51 1.62
C ASP D 472 71.70 -49.63 0.77
N ILE D 473 70.59 -50.08 1.35
CA ILE D 473 69.32 -50.16 0.64
C ILE D 473 68.65 -48.79 0.73
N LYS D 474 68.50 -48.13 -0.42
CA LYS D 474 67.99 -46.77 -0.47
C LYS D 474 67.37 -46.53 -1.84
N GLY D 475 66.18 -45.93 -1.85
CA GLY D 475 65.53 -45.59 -3.11
C GLY D 475 64.21 -46.29 -3.31
N LYS D 476 64.08 -47.00 -4.44
CA LYS D 476 62.84 -47.71 -4.73
C LYS D 476 62.72 -48.99 -3.91
N LYS D 477 63.85 -49.58 -3.51
CA LYS D 477 63.82 -50.80 -2.71
C LYS D 477 63.43 -50.53 -1.26
N LYS D 478 63.76 -49.34 -0.74
CA LYS D 478 63.27 -48.90 0.56
C LYS D 478 61.77 -48.69 0.54
N LYS D 479 61.25 -48.11 -0.56
CA LYS D 479 59.82 -47.97 -0.78
C LYS D 479 59.14 -49.32 -1.00
N GLU D 480 59.85 -50.28 -1.59
CA GLU D 480 59.31 -51.63 -1.77
C GLU D 480 59.24 -52.39 -0.45
N ARG D 481 60.23 -52.20 0.43
CA ARG D 481 60.20 -52.81 1.76
C ARG D 481 59.14 -52.17 2.65
N LEU D 482 58.93 -50.86 2.51
CA LEU D 482 57.85 -50.19 3.24
C LEU D 482 56.47 -50.57 2.71
N ASN D 483 56.36 -50.85 1.40
CA ASN D 483 55.09 -51.32 0.85
C ASN D 483 54.79 -52.75 1.25
N GLU D 484 55.82 -53.59 1.37
CA GLU D 484 55.63 -54.96 1.87
C GLU D 484 55.30 -54.98 3.37
N ARG D 485 55.86 -54.03 4.13
CA ARG D 485 55.47 -53.89 5.54
C ARG D 485 54.06 -53.35 5.69
N LYS D 486 53.62 -52.46 4.77
CA LYS D 486 52.23 -52.00 4.75
C LYS D 486 51.27 -53.12 4.37
N LYS D 487 51.69 -54.02 3.47
CA LYS D 487 50.90 -55.21 3.13
C LYS D 487 50.80 -56.19 4.31
N GLU D 488 51.88 -56.32 5.08
CA GLU D 488 51.88 -57.21 6.25
C GLU D 488 51.01 -56.65 7.38
N ILE D 489 51.09 -55.34 7.62
CA ILE D 489 50.28 -54.67 8.64
C ILE D 489 48.79 -54.63 8.24
N PHE D 490 48.49 -54.47 6.94
CA PHE D 490 47.13 -54.58 6.45
C PHE D 490 46.61 -56.02 6.48
N LYS D 491 47.50 -57.01 6.36
CA LYS D 491 47.07 -58.40 6.52
C LYS D 491 46.84 -58.77 7.98
N GLN D 492 47.53 -58.10 8.91
CA GLN D 492 47.44 -58.43 10.32
C GLN D 492 46.13 -57.97 10.96
N TYR D 493 45.53 -56.90 10.45
CA TYR D 493 44.41 -56.25 11.11
C TYR D 493 43.12 -56.36 10.30
N LYS D 494 42.80 -57.58 9.85
CA LYS D 494 41.69 -57.83 8.92
C LYS D 494 40.32 -57.61 9.57
N ASN D 495 40.19 -57.96 10.86
CA ASN D 495 38.93 -57.75 11.57
C ASN D 495 38.67 -56.27 11.86
N GLU D 496 39.73 -55.50 12.10
CA GLU D 496 39.60 -54.05 12.23
C GLU D 496 39.25 -53.39 10.91
N VAL D 497 39.74 -53.93 9.78
CA VAL D 497 39.43 -53.41 8.45
C VAL D 497 37.97 -53.70 8.08
N GLY D 498 37.46 -54.88 8.46
CA GLY D 498 36.04 -55.17 8.33
C GLY D 498 35.15 -54.35 9.25
N GLU D 499 35.64 -54.02 10.46
CA GLU D 499 34.91 -53.11 11.34
C GLU D 499 34.93 -51.67 10.84
N PHE D 500 35.98 -51.29 10.09
CA PHE D 500 35.97 -49.98 9.44
C PHE D 500 34.99 -49.98 8.27
N LEU D 501 34.93 -51.08 7.53
CA LEU D 501 34.07 -51.20 6.36
C LEU D 501 32.60 -51.30 6.73
N GLY D 502 32.28 -51.72 7.96
CA GLY D 502 30.92 -51.63 8.44
C GLY D 502 30.44 -50.22 8.69
N GLU D 503 31.36 -49.29 8.99
CA GLU D 503 31.01 -47.91 9.32
C GLU D 503 31.47 -46.91 8.26
N ARG D 504 31.49 -47.36 6.98
CA ARG D 504 31.77 -46.59 5.75
C ARG D 504 33.16 -45.95 5.77
N ILE D 505 34.14 -46.65 6.32
CA ILE D 505 35.53 -46.22 6.28
C ILE D 505 36.27 -47.17 5.35
N TYR D 506 36.86 -46.64 4.29
CA TYR D 506 37.54 -47.41 3.27
C TYR D 506 39.02 -47.12 3.37
N LEU D 507 39.72 -48.01 4.07
CA LEU D 507 41.17 -47.92 4.19
C LEU D 507 41.80 -48.62 3.00
N SER D 508 42.69 -47.90 2.31
CA SER D 508 43.44 -48.50 1.23
C SER D 508 44.56 -49.38 1.78
N GLU D 509 45.07 -50.27 0.93
CA GLU D 509 46.13 -51.18 1.37
C GLU D 509 47.47 -50.47 1.46
N ILE D 510 47.87 -49.79 0.39
CA ILE D 510 49.10 -49.01 0.41
C ILE D 510 48.77 -47.54 0.15
N ASP D 511 48.27 -47.25 -1.05
CA ASP D 511 48.01 -45.89 -1.52
C ASP D 511 46.72 -45.87 -2.31
N LEU D 512 46.38 -44.69 -2.85
CA LEU D 512 45.29 -44.59 -3.81
C LEU D 512 45.71 -45.10 -5.18
N GLU D 513 46.99 -44.90 -5.53
CA GLU D 513 47.47 -45.18 -6.89
C GLU D 513 47.64 -46.67 -7.14
N ASN D 514 47.86 -47.46 -6.09
CA ASN D 514 47.89 -48.91 -6.24
C ASN D 514 46.50 -49.48 -6.47
N ASP D 515 45.49 -48.91 -5.81
CA ASP D 515 44.10 -49.27 -6.09
C ASP D 515 43.63 -48.78 -7.45
N LEU D 516 44.21 -47.67 -7.93
CA LEU D 516 43.94 -47.22 -9.29
C LEU D 516 44.65 -48.10 -10.32
N TYR D 517 45.81 -48.66 -9.96
CA TYR D 517 46.51 -49.58 -10.84
C TYR D 517 45.83 -50.94 -10.88
N SER D 518 45.10 -51.29 -9.82
CA SER D 518 44.33 -52.52 -9.81
C SER D 518 43.08 -52.46 -10.68
N ALA D 519 42.61 -51.27 -11.06
CA ALA D 519 41.40 -51.13 -11.87
C ALA D 519 41.72 -50.87 -13.34
N ILE D 520 42.50 -49.84 -13.63
CA ILE D 520 42.73 -49.40 -15.01
C ILE D 520 44.21 -49.42 -15.36
N GLY D 521 44.95 -50.41 -14.83
CA GLY D 521 46.39 -50.47 -14.97
C GLY D 521 46.90 -50.78 -16.37
N GLU D 522 46.07 -51.42 -17.21
CA GLU D 522 46.42 -51.60 -18.62
C GLU D 522 46.39 -50.28 -19.38
N SER D 523 45.37 -49.45 -19.11
CA SER D 523 45.32 -48.10 -19.68
C SER D 523 46.35 -47.18 -19.03
N MET D 524 46.73 -47.44 -17.77
CA MET D 524 47.79 -46.66 -17.13
C MET D 524 49.16 -47.01 -17.71
N LYS D 525 49.34 -48.26 -18.13
CA LYS D 525 50.58 -48.60 -18.85
C LYS D 525 50.54 -48.09 -20.28
N ARG D 526 49.36 -47.97 -20.88
CA ARG D 526 49.26 -47.49 -22.26
C ARG D 526 49.46 -45.98 -22.34
N ILE D 527 48.98 -45.23 -21.35
CA ILE D 527 49.05 -43.77 -21.41
C ILE D 527 50.45 -43.29 -21.04
N PHE D 528 50.98 -43.76 -19.91
CA PHE D 528 52.21 -43.21 -19.34
C PHE D 528 53.47 -43.68 -20.06
N GLU D 529 53.39 -44.80 -20.80
CA GLU D 529 54.46 -45.45 -21.57
C GLU D 529 55.66 -45.81 -20.67
N ASN D 530 55.38 -46.59 -19.65
CA ASN D 530 56.39 -46.92 -18.65
C ASN D 530 56.04 -48.29 -18.05
N GLU D 531 57.07 -48.94 -17.52
CA GLU D 531 56.89 -50.19 -16.80
C GLU D 531 56.46 -50.00 -15.35
N ASP D 532 56.60 -48.78 -14.82
CA ASP D 532 56.18 -48.46 -13.46
C ASP D 532 55.33 -47.19 -13.49
N PRO D 533 54.02 -47.31 -13.76
CA PRO D 533 53.17 -46.12 -13.75
C PRO D 533 52.71 -45.69 -12.37
N VAL D 534 52.90 -46.52 -11.34
CA VAL D 534 52.58 -46.13 -9.98
C VAL D 534 53.62 -45.14 -9.45
N HIS D 535 54.90 -45.39 -9.76
CA HIS D 535 55.98 -44.53 -9.30
C HIS D 535 56.03 -43.21 -10.06
N TYR D 536 55.63 -43.22 -11.34
CA TYR D 536 55.60 -41.98 -12.12
C TYR D 536 54.43 -41.09 -11.72
N LEU D 537 53.33 -41.68 -11.22
CA LEU D 537 52.24 -40.89 -10.66
C LEU D 537 52.64 -40.27 -9.32
N GLN D 538 53.48 -40.94 -8.55
CA GLN D 538 53.86 -40.46 -7.23
C GLN D 538 55.17 -39.69 -7.24
N LYS D 539 55.82 -39.53 -8.39
CA LYS D 539 56.97 -38.63 -8.47
C LYS D 539 56.52 -37.17 -8.42
N SER D 540 55.50 -36.81 -9.18
CA SER D 540 54.82 -35.53 -9.07
C SER D 540 53.34 -35.82 -8.94
N LYS D 541 52.76 -35.51 -7.78
CA LYS D 541 51.43 -35.98 -7.46
C LYS D 541 50.34 -35.19 -8.16
N LEU D 542 50.51 -33.88 -8.32
CA LEU D 542 49.44 -33.05 -8.83
C LEU D 542 49.45 -32.91 -10.34
N PHE D 543 50.64 -32.85 -10.95
CA PHE D 543 50.71 -32.53 -12.38
C PHE D 543 50.52 -33.79 -13.23
N ASN D 544 50.94 -34.95 -12.73
CA ASN D 544 50.75 -36.20 -13.45
C ASN D 544 49.33 -36.73 -13.34
N MET D 545 48.60 -36.33 -12.30
CA MET D 545 47.20 -36.70 -12.18
C MET D 545 46.35 -35.97 -13.21
N VAL D 546 46.70 -34.72 -13.52
CA VAL D 546 46.06 -33.94 -14.58
C VAL D 546 46.36 -34.54 -15.95
N GLU D 547 47.57 -35.10 -16.12
CA GLU D 547 47.94 -35.82 -17.34
C GLU D 547 47.20 -37.15 -17.47
N LEU D 548 46.90 -37.81 -16.35
CA LEU D 548 46.12 -39.05 -16.41
C LEU D 548 44.64 -38.78 -16.70
N VAL D 549 44.07 -37.76 -16.05
CA VAL D 549 42.72 -37.25 -16.30
C VAL D 549 42.52 -36.74 -17.72
N ASN D 550 43.54 -36.12 -18.32
CA ASN D 550 43.42 -35.60 -19.68
C ASN D 550 43.46 -36.67 -20.76
N ASN D 551 43.84 -37.91 -20.44
CA ASN D 551 43.86 -38.99 -21.42
C ASN D 551 42.95 -40.16 -21.06
N LEU D 552 42.10 -40.04 -20.04
CA LEU D 552 41.18 -41.11 -19.70
C LEU D 552 40.01 -41.15 -20.68
N SER D 553 39.30 -42.27 -20.66
CA SER D 553 38.17 -42.51 -21.56
C SER D 553 36.90 -42.74 -20.75
N THR D 554 35.81 -43.03 -21.46
CA THR D 554 34.53 -43.30 -20.83
C THR D 554 34.51 -44.68 -20.19
N LYS D 555 35.16 -45.66 -20.82
CA LYS D 555 35.19 -47.03 -20.32
C LYS D 555 36.09 -47.17 -19.09
N ASP D 556 37.12 -46.32 -18.99
CA ASP D 556 38.03 -46.38 -17.85
C ASP D 556 37.41 -45.78 -16.59
N CYS D 557 36.57 -44.75 -16.76
CA CYS D 557 35.86 -44.14 -15.65
C CYS D 557 34.79 -45.07 -15.09
N PHE D 558 34.13 -45.83 -15.96
CA PHE D 558 33.19 -46.86 -15.51
C PHE D 558 33.92 -48.05 -14.90
N ASP D 559 35.14 -48.32 -15.34
CA ASP D 559 35.95 -49.38 -14.73
C ASP D 559 36.48 -48.97 -13.36
N VAL D 560 36.69 -47.68 -13.13
CA VAL D 560 36.99 -47.19 -11.79
C VAL D 560 35.74 -47.26 -10.92
N PHE D 561 34.59 -46.82 -11.46
CA PHE D 561 33.36 -46.65 -10.68
C PHE D 561 32.70 -47.98 -10.31
N GLU D 562 32.80 -48.99 -11.17
CA GLU D 562 32.18 -50.28 -10.90
C GLU D 562 33.08 -51.23 -10.13
N HIS D 563 34.27 -50.78 -9.72
CA HIS D 563 35.24 -51.65 -9.05
C HIS D 563 34.87 -51.86 -7.58
N GLU D 564 35.51 -52.88 -7.00
CA GLU D 564 35.29 -53.19 -5.58
C GLU D 564 36.00 -52.17 -4.68
N LYS D 565 37.21 -51.76 -5.06
CA LYS D 565 38.03 -50.89 -4.23
C LYS D 565 37.62 -49.42 -4.26
N PHE D 566 36.68 -49.04 -5.12
CA PHE D 566 36.21 -47.66 -5.20
C PHE D 566 34.72 -47.59 -4.89
N ALA D 567 34.30 -48.21 -3.78
CA ALA D 567 32.90 -48.22 -3.38
C ALA D 567 32.44 -46.92 -2.72
N CYS D 568 33.38 -46.00 -2.41
CA CYS D 568 33.04 -44.71 -1.82
C CYS D 568 32.30 -43.80 -2.80
N LEU D 569 32.58 -43.93 -4.09
CA LEU D 569 31.85 -43.17 -5.10
C LEU D 569 30.43 -43.70 -5.27
N LYS D 570 30.25 -45.02 -5.16
CA LYS D 570 28.92 -45.61 -5.19
C LYS D 570 28.13 -45.30 -3.94
N GLU D 571 28.81 -45.13 -2.80
CA GLU D 571 28.13 -44.65 -1.60
C GLU D 571 27.81 -43.16 -1.70
N LEU D 572 28.62 -42.40 -2.45
CA LEU D 572 28.40 -40.97 -2.59
C LEU D 572 27.23 -40.65 -3.53
N VAL D 573 27.06 -41.45 -4.59
CA VAL D 573 25.95 -41.18 -5.51
C VAL D 573 24.60 -41.63 -4.99
N GLY D 574 24.55 -42.45 -3.94
CA GLY D 574 23.31 -42.78 -3.28
C GLY D 574 22.46 -43.84 -3.94
N SER D 575 22.94 -44.46 -5.02
CA SER D 575 22.18 -45.50 -5.69
C SER D 575 22.44 -46.85 -5.02
N ASP D 576 21.61 -47.83 -5.40
CA ASP D 576 21.71 -49.19 -4.87
C ASP D 576 22.26 -50.15 -5.91
N ARG D 577 23.19 -49.67 -6.75
CA ARG D 577 23.79 -50.51 -7.77
C ARG D 577 24.80 -51.50 -7.20
N GLY D 578 25.49 -51.13 -6.13
CA GLY D 578 26.47 -52.00 -5.51
C GLY D 578 26.01 -52.58 -4.20
PG ATP E . 22.65 -3.66 -4.20
O1G ATP E . 21.55 -4.40 -4.90
O2G ATP E . 23.88 -4.49 -4.00
O3G ATP E . 22.23 -3.02 -2.89
PB ATP E . 23.54 -2.14 -6.58
O1B ATP E . 24.97 -2.42 -6.78
O2B ATP E . 22.52 -2.85 -7.45
O3B ATP E . 23.13 -2.44 -5.10
PA ATP E . 22.10 0.40 -6.98
O1A ATP E . 20.82 -0.17 -6.54
O2A ATP E . 22.18 0.86 -8.42
O3A ATP E . 23.31 -0.58 -6.72
O5' ATP E . 22.48 1.63 -6.07
C5' ATP E . 22.30 2.98 -6.54
C4' ATP E . 23.61 3.70 -6.43
O4' ATP E . 23.71 4.68 -7.49
C3' ATP E . 23.78 4.50 -5.14
O3' ATP E . 25.16 4.67 -4.82
C2' ATP E . 23.14 5.83 -5.51
O2' ATP E . 23.65 6.89 -4.70
C1' ATP E . 23.61 5.99 -6.96
N9 ATP E . 22.70 6.77 -7.79
C8 ATP E . 21.39 6.49 -8.07
N7 ATP E . 20.81 7.38 -8.85
C5 ATP E . 21.82 8.31 -9.09
C6 ATP E . 21.86 9.50 -9.84
N6 ATP E . 20.82 9.99 -10.52
N1 ATP E . 23.03 10.19 -9.86
C2 ATP E . 24.08 9.71 -9.19
N3 ATP E . 24.14 8.60 -8.45
C4 ATP E . 22.99 7.94 -8.44
MG MG F . 20.74 -3.97 -6.81
PG ATP G . -23.15 4.43 -8.80
O1G ATP G . -23.37 3.24 -7.94
O2G ATP G . -21.78 5.10 -8.59
O3G ATP G . -24.24 5.48 -8.70
PB ATP G . -22.93 4.65 -11.76
O1B ATP G . -24.15 5.32 -12.23
O2B ATP G . -21.66 5.51 -11.67
O3B ATP G . -23.14 4.01 -10.34
PA ATP G . -21.25 2.62 -13.12
O1A ATP G . -20.19 2.66 -12.08
O2A ATP G . -20.84 3.19 -14.46
O3A ATP G . -22.56 3.38 -12.65
O5' ATP G . -21.76 1.15 -13.36
C5' ATP G . -21.01 0.21 -14.16
C4' ATP G . -21.98 -0.79 -14.76
O4' ATP G . -21.81 -0.82 -16.19
C3' ATP G . -21.77 -2.22 -14.31
O3' ATP G . -22.45 -2.48 -13.09
C2' ATP G . -22.36 -3.03 -15.48
O2' ATP G . -23.76 -3.17 -15.35
C1' ATP G . -22.02 -2.13 -16.68
N9 ATP G . -20.83 -2.55 -17.43
C8 ATP G . -19.53 -2.27 -17.13
N7 ATP G . -18.67 -2.77 -18.00
C5 ATP G . -19.47 -3.41 -18.92
C6 ATP G . -19.18 -4.14 -20.10
N6 ATP G . -17.94 -4.36 -20.55
N1 ATP G . -20.23 -4.65 -20.80
C2 ATP G . -21.47 -4.45 -20.36
N3 ATP G . -21.85 -3.77 -19.27
C4 ATP G . -20.81 -3.28 -18.59
MG MG H . -19.63 5.55 -9.77
PG ATP I . -16.43 15.05 8.53
O1G ATP I . -17.80 15.63 8.60
O2G ATP I . -15.48 15.86 7.64
O3G ATP I . -16.39 13.58 8.12
PB ATP I . -16.08 14.78 11.46
O1B ATP I . -17.15 15.67 11.97
O2B ATP I . -16.36 13.29 11.56
O3B ATP I . -15.74 15.09 9.95
PA ATP I . -13.47 14.19 12.75
O1A ATP I . -12.99 13.24 11.74
O2A ATP I . -13.87 13.61 14.09
O3A ATP I . -14.71 15.05 12.21
O5' ATP I . -12.37 15.28 13.05
C5' ATP I . -11.27 15.00 13.94
C4' ATP I . -10.65 16.30 14.37
O4' ATP I . -10.53 16.33 15.80
C3' ATP I . -9.24 16.54 13.84
O3' ATP I . -9.26 17.17 12.56
C2' ATP I . -8.63 17.45 14.91
O2' ATP I . -8.92 18.82 14.69
C1' ATP I . -9.33 16.96 16.19
N9 ATP I . -8.55 16.02 17.01
C8 ATP I . -8.32 14.68 16.76
N7 ATP I . -7.58 14.09 17.66
C5 ATP I . -7.33 15.09 18.59
C6 ATP I . -6.60 15.12 19.79
N6 ATP I . -5.97 14.06 20.30
N1 ATP I . -6.53 16.30 20.47
C2 ATP I . -7.15 17.37 19.97
N3 ATP I . -7.86 17.46 18.84
C4 ATP I . -7.91 16.29 18.19
MG MG J . -16.75 11.75 9.79
PG ATP K . 12.59 -21.89 2.28
O1G ATP K . 12.08 -20.49 2.25
O2G ATP K . 13.94 -22.03 2.97
O3G ATP K . 12.66 -22.57 0.93
PB ATP K . 11.37 -23.22 4.63
O1B ATP K . 12.31 -24.28 5.02
O2B ATP K . 11.43 -21.94 5.45
O3B ATP K . 11.61 -22.80 3.14
PA ATP K . 8.49 -23.21 5.24
O1A ATP K . 7.94 -22.04 4.52
O2A ATP K . 8.69 -23.01 6.73
O3A ATP K . 9.86 -23.71 4.62
O5' ATP K . 7.54 -24.47 5.04
C5' ATP K . 6.40 -24.41 4.16
C4' ATP K . 5.83 -25.81 4.03
O4' ATP K . 5.36 -26.26 5.32
C3' ATP K . 4.61 -25.92 3.12
O3' ATP K . 5.00 -26.05 1.77
C2' ATP K . 3.94 -27.20 3.65
O2' ATP K . 4.52 -28.37 3.07
C1' ATP K . 4.27 -27.14 5.15
N9 ATP K . 3.16 -26.68 5.97
C8 ATP K . 2.81 -25.38 6.25
N7 ATP K . 1.76 -25.26 7.03
C5 ATP K . 1.39 -26.57 7.29
C6 ATP K . 0.35 -27.14 8.05
N6 ATP K . -0.55 -26.43 8.73
N1 ATP K . 0.27 -28.50 8.09
C2 ATP K . 1.16 -29.23 7.41
N3 ATP K . 2.18 -28.80 6.67
C4 ATP K . 2.24 -27.46 6.64
MG MG L . 11.37 -19.85 4.48
#